data_2JFK
#
_entry.id   2JFK
#
_cell.length_a   82.917
_cell.length_b   91.410
_cell.length_c   261.609
_cell.angle_alpha   90.00
_cell.angle_beta   90.00
_cell.angle_gamma   90.00
#
_symmetry.space_group_name_H-M   'P 21 21 21'
#
loop_
_entity.id
_entity.type
_entity.pdbx_description
1 polymer 'FATTY ACID SYNTHASE'
2 non-polymer 'COENZYME A'
3 water water
#
_entity_poly.entity_id   1
_entity_poly.type   'polypeptide(L)'
_entity_poly.pdbx_seq_one_letter_code
;MHHHHHHSSGVDLGTENLYFQSMRLLRASGRTPEAVQKLLEQGLRHSQDLAFLSMLNDIAAVPATAMPFRGYAVLGGERG
GPEVQQVPAGERPLWFICSGMGTQWRGMGLSLMRLDRFRDSILRSDEAVKPFGLKVSQLLLSTDESTFDDIVHSFVSLTA
IQIGLIDLLSCMGLRPDGIVGHSLGEVACGYADGCLSQEEAVLAAYWRGQCIKEAHLPPGAMAAVGLSWEECKQRCPPGV
VPA(MCS)HNSKDTVTISGPQAPVFEFVEQLRKEGVFAKEVRTGGMAFHSYFMEAIAPPLLQELKKVIREPKPRSARWLS
TSIPEAQWHSSLARTSSAEYNVNNLVSPVLFQEALWHVPEHAVVLEIAPHALLQAVLKRGLKPSCTIIPLMKKDHRDNLE
FFLAGIGRLHLSGIDANPNALFPPVEFPAPRGTPLIS
;
_entity_poly.pdbx_strand_id   A,B,C,D
#
loop_
_chem_comp.id
_chem_comp.type
_chem_comp.name
_chem_comp.formula
COA non-polymer 'COENZYME A' 'C21 H36 N7 O16 P3 S'
#
# COMPACT_ATOMS: atom_id res chain seq x y z
N GLN A 21 24.38 73.06 -42.40
CA GLN A 21 25.01 72.54 -41.15
C GLN A 21 24.74 71.04 -41.03
N SER A 22 23.44 70.71 -40.97
CA SER A 22 22.90 69.38 -40.59
C SER A 22 23.28 68.11 -41.41
N MET A 23 24.01 68.28 -42.49
CA MET A 23 24.42 67.16 -43.34
C MET A 23 25.15 66.10 -42.51
N ARG A 24 24.71 64.84 -42.60
CA ARG A 24 25.36 63.73 -41.91
C ARG A 24 25.51 62.55 -42.85
N LEU A 25 26.46 61.66 -42.52
CA LEU A 25 26.63 60.39 -43.21
C LEU A 25 25.90 59.35 -42.42
N LEU A 26 25.06 58.57 -43.10
CA LEU A 26 24.37 57.45 -42.50
C LEU A 26 24.90 56.19 -43.13
N ARG A 27 25.41 55.29 -42.29
CA ARG A 27 25.90 53.99 -42.74
C ARG A 27 24.96 52.91 -42.22
N ALA A 28 24.77 51.87 -43.02
CA ALA A 28 23.80 50.81 -42.71
C ALA A 28 24.41 49.42 -42.95
N SER A 29 23.86 48.42 -42.25
CA SER A 29 24.35 47.05 -42.37
C SER A 29 23.16 46.09 -42.34
N GLY A 30 23.34 44.92 -42.95
CA GLY A 30 22.23 43.95 -43.06
C GLY A 30 22.55 42.66 -43.80
N ARG A 31 21.61 41.73 -43.74
CA ARG A 31 21.79 40.41 -44.37
C ARG A 31 21.47 40.42 -45.84
N THR A 32 20.78 41.46 -46.32
CA THR A 32 20.47 41.56 -47.73
C THR A 32 20.58 43.00 -48.16
N PRO A 33 20.76 43.21 -49.46
CA PRO A 33 20.74 44.53 -50.04
C PRO A 33 19.51 45.29 -49.67
N GLU A 34 18.36 44.61 -49.66
CA GLU A 34 17.09 45.24 -49.37
C GLU A 34 17.06 45.66 -47.90
N ALA A 35 17.58 44.80 -47.03
CA ALA A 35 17.70 45.13 -45.60
C ALA A 35 18.39 46.48 -45.43
N VAL A 36 19.43 46.71 -46.23
CA VAL A 36 20.21 47.94 -46.17
C VAL A 36 19.46 49.12 -46.81
N GLN A 37 18.86 48.92 -47.99
CA GLN A 37 18.10 50.00 -48.61
C GLN A 37 16.99 50.47 -47.66
N LYS A 38 16.22 49.55 -47.09
CA LYS A 38 15.18 49.96 -46.15
C LYS A 38 15.74 50.87 -45.04
N LEU A 39 16.96 50.60 -44.60
CA LEU A 39 17.55 51.35 -43.49
C LEU A 39 17.90 52.73 -43.93
N LEU A 40 18.56 52.79 -45.07
CA LEU A 40 18.94 54.05 -45.65
C LEU A 40 17.73 54.96 -45.86
N GLU A 41 16.61 54.39 -46.27
CA GLU A 41 15.36 55.16 -46.46
C GLU A 41 14.74 55.67 -45.16
N GLN A 42 14.73 54.87 -44.09
CA GLN A 42 14.20 55.32 -42.80
C GLN A 42 14.99 56.52 -42.31
N GLY A 43 16.31 56.46 -42.51
CA GLY A 43 17.18 57.55 -42.12
C GLY A 43 16.94 58.80 -42.96
N LEU A 44 16.74 58.61 -44.26
CA LEU A 44 16.40 59.70 -45.15
C LEU A 44 15.11 60.39 -44.67
N ARG A 45 14.12 59.62 -44.26
CA ARG A 45 12.85 60.18 -43.82
C ARG A 45 12.90 60.80 -42.42
N HIS A 46 14.02 60.62 -41.72
CA HIS A 46 14.24 61.24 -40.42
C HIS A 46 15.59 61.96 -40.44
N SER A 47 15.94 62.52 -41.61
CA SER A 47 17.22 63.23 -41.83
C SER A 47 17.56 64.24 -40.74
N GLN A 48 16.55 64.90 -40.20
CA GLN A 48 16.76 66.00 -39.27
C GLN A 48 16.78 65.54 -37.81
N ASP A 49 16.56 64.24 -37.56
CA ASP A 49 16.65 63.70 -36.21
C ASP A 49 18.05 63.14 -35.97
N LEU A 50 18.91 63.95 -35.36
CA LEU A 50 20.33 63.62 -35.23
C LEU A 50 20.54 62.48 -34.26
N ALA A 51 19.81 62.51 -33.14
CA ALA A 51 19.88 61.46 -32.14
C ALA A 51 19.51 60.11 -32.76
N PHE A 52 18.54 60.14 -33.66
CA PHE A 52 18.07 58.96 -34.41
C PHE A 52 19.18 58.45 -35.33
N LEU A 53 19.74 59.35 -36.14
CA LEU A 53 20.78 58.95 -37.10
C LEU A 53 22.05 58.51 -36.37
N SER A 54 22.35 59.13 -35.23
CA SER A 54 23.49 58.77 -34.39
C SER A 54 23.37 57.32 -33.95
N MET A 55 22.14 56.96 -33.59
CA MET A 55 21.80 55.63 -33.11
C MET A 55 21.91 54.60 -34.24
N LEU A 56 21.38 54.95 -35.41
CA LEU A 56 21.52 54.09 -36.60
C LEU A 56 22.98 53.86 -36.98
N ASN A 57 23.83 54.84 -36.72
CA ASN A 57 25.24 54.69 -37.05
C ASN A 57 25.92 53.73 -36.09
N ASP A 58 25.66 53.89 -34.78
CA ASP A 58 26.15 52.97 -33.74
C ASP A 58 25.80 51.49 -34.02
N ILE A 59 24.62 51.29 -34.59
CA ILE A 59 24.12 49.95 -34.97
C ILE A 59 24.92 49.27 -36.08
N ALA A 60 25.31 50.06 -37.08
CA ALA A 60 25.90 49.55 -38.30
C ALA A 60 27.20 48.78 -38.06
N ALA A 61 27.81 48.97 -36.90
CA ALA A 61 29.00 48.23 -36.52
C ALA A 61 28.65 46.77 -36.22
N VAL A 62 28.47 45.99 -37.29
CA VAL A 62 28.15 44.58 -37.21
C VAL A 62 29.02 43.88 -38.25
N PRO A 63 29.88 42.95 -37.82
CA PRO A 63 30.75 42.21 -38.75
C PRO A 63 30.01 41.61 -39.95
N ALA A 64 30.68 41.62 -41.12
CA ALA A 64 30.15 41.04 -42.37
C ALA A 64 29.71 39.60 -42.17
N THR A 65 30.50 38.87 -41.38
CA THR A 65 30.12 37.57 -40.88
C THR A 65 28.63 37.50 -40.58
N ALA A 66 28.17 38.40 -39.70
CA ALA A 66 26.80 38.42 -39.24
C ALA A 66 25.89 39.12 -40.25
N MET A 67 26.31 40.29 -40.76
CA MET A 67 25.53 41.05 -41.74
C MET A 67 26.36 41.44 -42.96
N PRO A 68 26.34 40.58 -43.98
CA PRO A 68 27.21 40.67 -45.16
C PRO A 68 26.92 41.80 -46.16
N PHE A 69 25.87 42.58 -45.96
CA PHE A 69 25.59 43.72 -46.83
C PHE A 69 25.66 45.04 -46.06
N ARG A 70 26.31 46.01 -46.67
CA ARG A 70 26.49 47.33 -46.09
C ARG A 70 26.15 48.42 -47.10
N GLY A 71 25.74 49.57 -46.59
CA GLY A 71 25.42 50.71 -47.46
C GLY A 71 25.68 52.03 -46.76
N TYR A 72 25.64 53.11 -47.53
CA TYR A 72 25.74 54.45 -46.97
C TYR A 72 24.98 55.47 -47.80
N ALA A 73 24.63 56.58 -47.16
CA ALA A 73 24.01 57.69 -47.83
C ALA A 73 24.49 58.97 -47.15
N VAL A 74 24.81 59.99 -47.92
CA VAL A 74 25.11 61.30 -47.34
C VAL A 74 23.81 62.10 -47.34
N LEU A 75 23.20 62.25 -46.14
CA LEU A 75 21.92 62.95 -46.02
C LEU A 75 22.20 64.45 -46.00
N GLY A 76 21.40 65.21 -46.75
CA GLY A 76 21.73 66.59 -47.14
C GLY A 76 22.57 66.58 -48.41
N GLY A 77 22.59 67.70 -49.13
CA GLY A 77 23.50 67.81 -50.28
C GLY A 77 23.13 67.08 -51.57
N GLU A 78 23.74 67.53 -52.67
CA GLU A 78 23.33 67.20 -54.03
C GLU A 78 23.56 65.73 -54.35
N ARG A 79 24.81 65.35 -54.59
CA ARG A 79 25.17 63.95 -54.87
C ARG A 79 24.89 63.03 -53.66
N GLY A 80 23.74 63.24 -53.02
CA GLY A 80 23.18 62.29 -52.10
C GLY A 80 22.39 61.22 -52.87
N GLY A 81 22.78 59.96 -52.64
CA GLY A 81 22.16 58.79 -53.24
C GLY A 81 22.85 57.59 -52.61
N PRO A 82 22.13 56.47 -52.46
CA PRO A 82 22.61 55.41 -51.62
C PRO A 82 23.59 54.56 -52.42
N GLU A 83 24.63 54.06 -51.76
CA GLU A 83 25.41 52.95 -52.28
C GLU A 83 25.24 51.76 -51.36
N VAL A 84 24.89 50.62 -51.94
CA VAL A 84 24.70 49.37 -51.21
C VAL A 84 25.63 48.35 -51.85
N GLN A 85 26.15 47.42 -51.05
CA GLN A 85 27.17 46.51 -51.54
C GLN A 85 27.51 45.37 -50.59
N GLN A 86 27.70 44.17 -51.16
CA GLN A 86 28.10 42.99 -50.37
C GLN A 86 29.51 43.20 -49.89
N VAL A 87 29.74 42.97 -48.60
CA VAL A 87 31.07 43.18 -48.02
C VAL A 87 31.81 41.86 -47.95
N PRO A 88 33.08 41.87 -48.40
CA PRO A 88 33.83 40.61 -48.45
C PRO A 88 34.20 40.15 -47.06
N ALA A 89 34.29 38.82 -46.89
CA ALA A 89 34.94 38.27 -45.72
C ALA A 89 36.43 38.53 -45.92
N GLY A 90 37.22 38.26 -44.89
CA GLY A 90 38.64 38.59 -44.90
C GLY A 90 38.83 39.93 -44.23
N GLU A 91 40.02 40.13 -43.69
CA GLU A 91 40.39 41.39 -43.05
C GLU A 91 41.09 42.22 -44.11
N ARG A 92 40.77 43.51 -44.16
CA ARG A 92 41.34 44.40 -45.16
C ARG A 92 42.19 45.48 -44.52
N PRO A 93 43.46 45.56 -44.90
CA PRO A 93 44.38 46.54 -44.30
C PRO A 93 44.18 47.97 -44.81
N LEU A 94 44.34 48.93 -43.90
CA LEU A 94 44.12 50.33 -44.20
C LEU A 94 45.44 51.04 -44.40
N TRP A 95 45.59 51.69 -45.54
CA TRP A 95 46.80 52.40 -45.88
C TRP A 95 46.51 53.88 -46.10
N PHE A 96 47.40 54.73 -45.60
CA PHE A 96 47.33 56.17 -45.81
C PHE A 96 48.39 56.56 -46.83
N ILE A 97 47.98 57.25 -47.90
CA ILE A 97 48.89 57.86 -48.84
C ILE A 97 48.81 59.37 -48.72
N CYS A 98 49.92 60.00 -48.37
CA CYS A 98 49.99 61.46 -48.28
C CYS A 98 50.61 62.03 -49.52
N SER A 99 49.84 62.82 -50.23
CA SER A 99 50.25 63.30 -51.53
C SER A 99 51.21 64.43 -51.34
N GLY A 100 51.88 64.81 -52.41
CA GLY A 100 52.87 65.85 -52.37
C GLY A 100 52.36 67.14 -52.98
N MET A 101 53.23 67.75 -53.76
CA MET A 101 53.05 69.09 -54.22
C MET A 101 52.07 69.10 -55.41
N GLY A 102 51.49 70.27 -55.66
CA GLY A 102 50.61 70.49 -56.80
C GLY A 102 49.15 70.37 -56.47
N THR A 103 48.86 70.00 -55.24
CA THR A 103 47.52 69.66 -54.83
C THR A 103 46.74 70.86 -54.28
N GLN A 104 47.38 72.03 -54.28
CA GLN A 104 46.77 73.26 -53.77
C GLN A 104 45.74 73.87 -54.73
N TRP A 105 44.74 74.54 -54.14
CA TRP A 105 43.73 75.27 -54.90
C TRP A 105 43.01 76.25 -53.98
N ARG A 106 42.49 77.31 -54.58
CA ARG A 106 41.85 78.39 -53.83
C ARG A 106 40.53 77.95 -53.22
N GLY A 107 40.44 78.03 -51.90
CA GLY A 107 39.24 77.61 -51.18
C GLY A 107 39.39 76.23 -50.58
N MET A 108 40.56 75.63 -50.76
CA MET A 108 41.00 74.42 -50.03
C MET A 108 40.45 74.37 -48.62
N GLY A 109 39.74 73.30 -48.28
CA GLY A 109 39.42 73.01 -46.90
C GLY A 109 38.38 73.89 -46.23
N LEU A 110 37.79 74.83 -46.96
CA LEU A 110 36.79 75.72 -46.37
C LEU A 110 35.51 74.98 -46.03
N SER A 111 35.16 73.98 -46.83
CA SER A 111 33.96 73.17 -46.58
C SER A 111 34.18 72.23 -45.40
N LEU A 112 35.38 71.65 -45.30
CA LEU A 112 35.71 70.79 -44.17
C LEU A 112 35.86 71.59 -42.86
N MET A 113 35.96 72.91 -42.95
CA MET A 113 36.10 73.74 -41.76
C MET A 113 34.87 73.63 -40.86
N ARG A 114 33.75 73.19 -41.44
CA ARG A 114 32.54 72.94 -40.68
C ARG A 114 32.69 71.84 -39.63
N LEU A 115 33.62 70.90 -39.82
CA LEU A 115 33.86 69.87 -38.80
C LEU A 115 34.83 70.46 -37.76
N ASP A 116 34.43 70.40 -36.50
CA ASP A 116 35.15 71.07 -35.42
C ASP A 116 36.58 70.56 -35.25
N ARG A 117 36.77 69.25 -35.37
CA ARG A 117 38.08 68.65 -35.21
C ARG A 117 39.03 69.13 -36.30
N PHE A 118 38.47 69.41 -37.48
CA PHE A 118 39.24 69.91 -38.59
C PHE A 118 39.66 71.34 -38.28
N ARG A 119 38.70 72.21 -37.99
CA ARG A 119 39.01 73.61 -37.78
C ARG A 119 39.86 73.77 -36.50
N ASP A 120 39.64 72.93 -35.50
CA ASP A 120 40.56 72.92 -34.36
C ASP A 120 41.98 72.62 -34.83
N SER A 121 42.14 71.60 -35.67
CA SER A 121 43.48 71.26 -36.16
C SER A 121 44.13 72.37 -36.99
N ILE A 122 43.34 73.05 -37.79
CA ILE A 122 43.83 74.16 -38.60
C ILE A 122 44.21 75.39 -37.74
N LEU A 123 43.41 75.70 -36.72
CA LEU A 123 43.76 76.78 -35.78
C LEU A 123 45.03 76.44 -35.01
N ARG A 124 45.16 75.18 -34.59
CA ARG A 124 46.37 74.74 -33.92
C ARG A 124 47.56 74.94 -34.83
N SER A 125 47.38 74.69 -36.14
CA SER A 125 48.46 74.89 -37.12
C SER A 125 48.77 76.39 -37.28
N ASP A 126 47.75 77.24 -37.37
CA ASP A 126 47.95 78.70 -37.36
C ASP A 126 48.89 79.11 -36.25
N GLU A 127 48.74 78.49 -35.09
CA GLU A 127 49.56 78.83 -33.91
C GLU A 127 51.02 78.50 -34.13
N ALA A 128 51.31 77.38 -34.78
CA ALA A 128 52.68 77.04 -35.15
C ALA A 128 53.31 78.13 -36.04
N VAL A 129 52.47 78.82 -36.81
CA VAL A 129 52.90 79.82 -37.78
C VAL A 129 52.48 81.25 -37.44
N LYS A 130 52.01 81.50 -36.20
CA LYS A 130 51.78 82.87 -35.71
C LYS A 130 53.03 83.72 -35.88
N PRO A 131 54.20 83.23 -35.42
CA PRO A 131 55.44 83.88 -35.80
C PRO A 131 55.67 83.52 -37.25
N PHE A 132 56.52 84.23 -37.96
CA PHE A 132 56.56 84.14 -39.42
C PHE A 132 55.37 84.89 -40.04
N GLY A 133 54.37 85.22 -39.23
CA GLY A 133 53.28 86.09 -39.64
C GLY A 133 52.36 85.48 -40.68
N LEU A 134 51.99 84.21 -40.48
CA LEU A 134 51.03 83.53 -41.34
C LEU A 134 49.92 82.92 -40.51
N LYS A 135 48.72 82.96 -41.07
CA LYS A 135 47.60 82.23 -40.50
C LYS A 135 47.06 81.34 -41.62
N VAL A 136 47.22 80.03 -41.48
CA VAL A 136 46.74 79.07 -42.49
C VAL A 136 45.30 79.34 -42.83
N SER A 137 44.46 79.39 -41.81
CA SER A 137 43.05 79.70 -41.99
C SER A 137 42.77 80.92 -42.87
N GLN A 138 43.61 81.95 -42.81
CA GLN A 138 43.40 83.16 -43.63
C GLN A 138 43.84 82.91 -45.07
N LEU A 139 44.85 82.06 -45.24
CA LEU A 139 45.28 81.63 -46.57
C LEU A 139 44.14 80.89 -47.25
N LEU A 140 43.52 79.97 -46.52
CA LEU A 140 42.37 79.23 -47.03
C LEU A 140 41.24 80.19 -47.41
N LEU A 141 40.99 81.17 -46.54
CA LEU A 141 39.91 82.13 -46.77
C LEU A 141 40.17 83.11 -47.93
N SER A 142 41.44 83.33 -48.26
CA SER A 142 41.82 84.27 -49.32
C SER A 142 41.03 84.05 -50.61
N THR A 143 40.45 85.13 -51.12
CA THR A 143 39.81 85.12 -52.43
C THR A 143 40.83 85.56 -53.52
N ASP A 144 42.10 85.68 -53.12
CA ASP A 144 43.18 86.00 -54.05
C ASP A 144 43.62 84.75 -54.81
N GLU A 145 43.40 84.76 -56.12
CA GLU A 145 43.73 83.64 -57.01
C GLU A 145 45.19 83.17 -56.93
N SER A 146 46.10 84.11 -56.65
CA SER A 146 47.54 83.86 -56.65
C SER A 146 48.12 83.57 -55.26
N THR A 147 47.25 83.42 -54.27
CA THR A 147 47.69 83.25 -52.88
C THR A 147 48.59 82.00 -52.69
N PHE A 148 48.24 80.90 -53.35
CA PHE A 148 49.05 79.67 -53.28
C PHE A 148 50.12 79.55 -54.38
N ASP A 149 50.35 80.63 -55.12
CA ASP A 149 51.51 80.68 -56.03
C ASP A 149 52.79 80.79 -55.20
N ASP A 150 52.64 81.30 -53.98
CA ASP A 150 53.72 81.40 -53.01
C ASP A 150 54.02 80.02 -52.43
N ILE A 151 55.27 79.59 -52.57
CA ILE A 151 55.67 78.24 -52.16
C ILE A 151 55.46 77.95 -50.69
N VAL A 152 55.65 78.95 -49.83
CA VAL A 152 55.46 78.77 -48.38
C VAL A 152 53.99 78.61 -48.09
N HIS A 153 53.17 79.52 -48.61
CA HIS A 153 51.71 79.42 -48.48
C HIS A 153 51.22 78.01 -48.85
N SER A 154 51.59 77.52 -50.04
CA SER A 154 51.22 76.17 -50.47
C SER A 154 51.71 75.13 -49.49
N PHE A 155 53.02 75.00 -49.36
CA PHE A 155 53.61 73.94 -48.53
C PHE A 155 52.96 73.81 -47.16
N VAL A 156 52.85 74.94 -46.48
CA VAL A 156 52.27 74.96 -45.15
C VAL A 156 50.80 74.53 -45.21
N SER A 157 50.06 75.05 -46.18
CA SER A 157 48.63 74.74 -46.23
C SER A 157 48.30 73.30 -46.68
N LEU A 158 49.09 72.74 -47.59
CA LEU A 158 48.96 71.32 -47.92
C LEU A 158 49.08 70.54 -46.63
N THR A 159 50.21 70.71 -45.96
CA THR A 159 50.50 69.88 -44.80
C THR A 159 49.48 70.12 -43.68
N ALA A 160 49.04 71.35 -43.49
CA ALA A 160 48.01 71.60 -42.49
C ALA A 160 46.70 70.89 -42.86
N ILE A 161 46.30 70.95 -44.13
CA ILE A 161 45.07 70.28 -44.54
C ILE A 161 45.20 68.77 -44.43
N GLN A 162 46.39 68.24 -44.73
CA GLN A 162 46.65 66.83 -44.51
C GLN A 162 46.53 66.42 -43.04
N ILE A 163 47.02 67.27 -42.15
CA ILE A 163 46.96 67.00 -40.70
C ILE A 163 45.52 66.99 -40.22
N GLY A 164 44.71 67.90 -40.78
CA GLY A 164 43.31 67.97 -40.47
C GLY A 164 42.64 66.68 -40.87
N LEU A 165 42.80 66.29 -42.12
CA LEU A 165 42.31 65.01 -42.60
C LEU A 165 42.73 63.91 -41.62
N ILE A 166 44.02 63.81 -41.30
CA ILE A 166 44.48 62.75 -40.40
C ILE A 166 43.80 62.82 -39.03
N ASP A 167 43.57 64.03 -38.55
CA ASP A 167 42.83 64.18 -37.31
C ASP A 167 41.40 63.69 -37.43
N LEU A 168 40.70 64.03 -38.50
CA LEU A 168 39.34 63.52 -38.68
C LEU A 168 39.32 61.99 -38.72
N LEU A 169 40.29 61.39 -39.42
CA LEU A 169 40.41 59.93 -39.43
C LEU A 169 40.66 59.37 -38.02
N SER A 170 41.61 59.96 -37.30
CA SER A 170 41.96 59.44 -35.97
C SER A 170 40.81 59.63 -35.00
N CYS A 171 40.01 60.67 -35.19
CA CYS A 171 38.86 60.93 -34.31
C CYS A 171 37.77 59.85 -34.46
N MET A 172 37.85 59.03 -35.51
CA MET A 172 37.01 57.84 -35.62
C MET A 172 37.79 56.57 -35.31
N GLY A 173 38.96 56.72 -34.71
CA GLY A 173 39.72 55.59 -34.20
C GLY A 173 40.39 54.76 -35.26
N LEU A 174 40.62 55.34 -36.43
CA LEU A 174 41.23 54.65 -37.55
C LEU A 174 42.76 54.71 -37.44
N ARG A 175 43.38 53.58 -37.15
CA ARG A 175 44.82 53.46 -37.13
C ARG A 175 45.27 52.84 -38.45
N PRO A 176 46.18 53.50 -39.18
CA PRO A 176 46.70 52.91 -40.41
C PRO A 176 47.60 51.69 -40.21
N ASP A 177 47.45 50.70 -41.08
CA ASP A 177 48.34 49.55 -41.12
C ASP A 177 49.60 49.86 -41.90
N GLY A 178 49.50 50.81 -42.84
CA GLY A 178 50.64 51.26 -43.64
C GLY A 178 50.54 52.73 -43.98
N ILE A 179 51.69 53.36 -44.21
CA ILE A 179 51.77 54.79 -44.49
C ILE A 179 52.79 55.02 -45.61
N VAL A 180 52.46 55.89 -46.56
CA VAL A 180 53.33 56.16 -47.70
C VAL A 180 53.19 57.61 -48.11
N GLY A 181 54.31 58.28 -48.35
CA GLY A 181 54.32 59.70 -48.72
C GLY A 181 54.85 59.95 -50.13
N HIS A 182 54.53 61.14 -50.64
CA HIS A 182 55.04 61.61 -51.90
C HIS A 182 55.66 62.99 -51.68
N SER A 183 56.98 63.10 -51.87
CA SER A 183 57.74 64.33 -51.61
C SER A 183 57.30 64.95 -50.27
N LEU A 184 56.75 66.16 -50.29
CA LEU A 184 56.33 66.84 -49.10
C LEU A 184 55.33 66.07 -48.27
N GLY A 185 54.51 65.24 -48.90
CA GLY A 185 53.63 64.30 -48.20
C GLY A 185 54.30 63.51 -47.08
N GLU A 186 55.60 63.24 -47.21
CA GLU A 186 56.34 62.52 -46.18
C GLU A 186 56.41 63.27 -44.83
N VAL A 187 56.16 64.58 -44.85
CA VAL A 187 56.01 65.37 -43.64
C VAL A 187 54.75 64.90 -42.90
N ALA A 188 53.59 65.05 -43.53
CA ALA A 188 52.31 64.50 -43.05
C ALA A 188 52.45 63.05 -42.58
N CYS A 189 53.20 62.23 -43.29
CA CYS A 189 53.42 60.84 -42.88
C CYS A 189 53.97 60.73 -41.48
N GLY A 190 54.91 61.61 -41.14
CA GLY A 190 55.51 61.61 -39.81
C GLY A 190 54.48 61.87 -38.74
N TYR A 191 53.61 62.83 -39.00
CA TYR A 191 52.49 63.11 -38.11
C TYR A 191 51.60 61.88 -37.95
N ALA A 192 51.21 61.27 -39.06
CA ALA A 192 50.36 60.08 -39.02
C ALA A 192 51.02 58.89 -38.33
N ASP A 193 52.35 58.82 -38.39
CA ASP A 193 53.09 57.71 -37.82
C ASP A 193 53.39 57.92 -36.32
N GLY A 194 53.22 59.14 -35.85
CA GLY A 194 53.56 59.50 -34.48
C GLY A 194 55.04 59.84 -34.27
N CYS A 195 55.74 60.14 -35.36
CA CYS A 195 57.13 60.57 -35.29
C CYS A 195 57.21 62.05 -35.01
N LEU A 196 56.44 62.83 -35.77
CA LEU A 196 56.48 64.28 -35.63
C LEU A 196 55.16 64.79 -35.10
N SER A 197 55.25 65.78 -34.21
CA SER A 197 54.09 66.45 -33.67
C SER A 197 53.54 67.35 -34.75
N GLN A 198 52.33 67.82 -34.53
CA GLN A 198 51.68 68.78 -35.42
C GLN A 198 52.57 70.00 -35.65
N GLU A 199 53.14 70.52 -34.57
CA GLU A 199 53.95 71.73 -34.61
C GLU A 199 55.25 71.48 -35.38
N GLU A 200 55.87 70.33 -35.17
CA GLU A 200 57.09 69.98 -35.91
C GLU A 200 56.76 69.79 -37.39
N ALA A 201 55.69 69.04 -37.64
CA ALA A 201 55.29 68.73 -38.99
C ALA A 201 55.03 70.00 -39.80
N VAL A 202 54.28 70.92 -39.21
CA VAL A 202 53.91 72.15 -39.90
C VAL A 202 55.15 72.98 -40.17
N LEU A 203 55.99 73.15 -39.15
CA LEU A 203 57.22 73.94 -39.27
C LEU A 203 58.18 73.38 -40.33
N ALA A 204 58.25 72.06 -40.42
CA ALA A 204 59.03 71.41 -41.46
C ALA A 204 58.53 71.83 -42.88
N ALA A 205 57.21 71.88 -43.04
CA ALA A 205 56.62 72.37 -44.27
C ALA A 205 56.97 73.84 -44.48
N TYR A 206 56.95 74.63 -43.41
CA TYR A 206 57.31 76.05 -43.51
C TYR A 206 58.75 76.28 -43.98
N TRP A 207 59.69 75.68 -43.27
CA TRP A 207 61.11 75.92 -43.52
C TRP A 207 61.52 75.40 -44.88
N ARG A 208 61.04 74.21 -45.23
CA ARG A 208 61.20 73.66 -46.60
C ARG A 208 60.86 74.73 -47.65
N GLY A 209 59.70 75.36 -47.50
CA GLY A 209 59.25 76.39 -48.42
C GLY A 209 60.06 77.67 -48.30
N GLN A 210 60.24 78.16 -47.07
CA GLN A 210 60.93 79.43 -46.84
C GLN A 210 62.38 79.37 -47.28
N CYS A 211 63.07 78.26 -47.01
CA CYS A 211 64.45 78.09 -47.46
C CYS A 211 64.59 78.20 -48.97
N ILE A 212 63.70 77.54 -49.71
CA ILE A 212 63.67 77.61 -51.18
C ILE A 212 63.40 79.04 -51.65
N LYS A 213 62.33 79.65 -51.14
CA LYS A 213 61.96 81.03 -51.50
C LYS A 213 63.17 81.99 -51.40
N GLU A 214 63.88 81.90 -50.28
CA GLU A 214 65.09 82.70 -50.05
C GLU A 214 66.22 82.41 -51.04
N ALA A 215 66.32 81.15 -51.48
CA ALA A 215 67.48 80.66 -52.24
C ALA A 215 67.71 81.31 -53.61
N HIS A 216 66.67 81.93 -54.18
CA HIS A 216 66.69 82.48 -55.55
C HIS A 216 67.63 81.70 -56.53
N LEU A 217 67.13 80.51 -56.88
CA LEU A 217 67.79 79.52 -57.76
C LEU A 217 67.57 79.80 -59.24
N PRO A 218 68.34 79.12 -60.13
CA PRO A 218 68.09 79.38 -61.57
C PRO A 218 66.76 78.80 -62.00
N PRO A 219 66.26 79.20 -63.17
CA PRO A 219 64.95 78.71 -63.60
C PRO A 219 64.98 77.24 -64.01
N GLY A 220 64.13 76.44 -63.37
CA GLY A 220 64.04 75.02 -63.64
C GLY A 220 62.64 74.58 -64.06
N ALA A 221 62.50 73.30 -64.35
CA ALA A 221 61.17 72.74 -64.67
C ALA A 221 61.15 71.25 -64.49
N MET A 222 59.95 70.74 -64.25
CA MET A 222 59.67 69.28 -64.18
C MET A 222 58.55 68.90 -65.17
N ALA A 223 58.56 67.66 -65.63
CA ALA A 223 57.60 67.23 -66.64
C ALA A 223 57.20 65.78 -66.42
N ALA A 224 55.90 65.49 -66.55
CA ALA A 224 55.41 64.10 -66.51
C ALA A 224 55.64 63.43 -67.86
N VAL A 225 56.21 62.23 -67.83
CA VAL A 225 56.78 61.63 -69.01
C VAL A 225 56.41 60.14 -69.03
N GLY A 226 56.09 59.63 -70.21
CA GLY A 226 55.52 58.29 -70.33
C GLY A 226 56.57 57.24 -70.59
N LEU A 227 57.74 57.39 -69.96
CA LEU A 227 58.83 56.42 -70.05
C LEU A 227 58.98 55.71 -68.72
N SER A 228 59.73 54.63 -68.71
CA SER A 228 60.09 53.96 -67.47
C SER A 228 61.31 54.65 -66.84
N TRP A 229 61.57 54.31 -65.59
CA TRP A 229 62.70 54.88 -64.86
C TRP A 229 64.05 54.65 -65.56
N GLU A 230 64.33 53.37 -65.86
CA GLU A 230 65.61 53.01 -66.49
C GLU A 230 65.71 53.65 -67.86
N GLU A 231 64.59 53.67 -68.57
CA GLU A 231 64.52 54.30 -69.90
C GLU A 231 64.75 55.80 -69.85
N CYS A 232 64.22 56.46 -68.81
CA CYS A 232 64.55 57.89 -68.57
C CYS A 232 66.03 58.01 -68.31
N LYS A 233 66.55 57.25 -67.34
CA LYS A 233 67.99 57.33 -67.02
C LYS A 233 68.75 57.35 -68.33
N GLN A 234 68.50 56.37 -69.20
CA GLN A 234 69.26 56.23 -70.46
C GLN A 234 69.04 57.42 -71.39
N ARG A 235 67.78 57.70 -71.62
CA ARG A 235 67.34 58.62 -72.66
C ARG A 235 67.46 60.10 -72.27
N CYS A 236 67.53 60.39 -70.97
CA CYS A 236 67.51 61.78 -70.47
C CYS A 236 68.77 62.55 -70.85
N PRO A 237 68.58 63.80 -71.33
CA PRO A 237 69.69 64.70 -71.68
C PRO A 237 70.46 65.11 -70.44
N PRO A 238 71.71 65.54 -70.61
CA PRO A 238 72.51 65.78 -69.42
C PRO A 238 71.93 66.92 -68.60
N GLY A 239 71.96 66.78 -67.29
CA GLY A 239 71.42 67.81 -66.41
C GLY A 239 69.96 67.65 -66.14
N VAL A 240 69.33 66.70 -66.81
CA VAL A 240 67.93 66.38 -66.56
C VAL A 240 67.92 64.98 -66.02
N VAL A 241 67.16 64.78 -64.98
CA VAL A 241 67.19 63.51 -64.24
C VAL A 241 65.77 63.06 -63.93
N PRO A 242 65.54 61.73 -63.86
CA PRO A 242 64.24 61.28 -63.42
C PRO A 242 64.11 61.54 -61.93
N ALA A 243 62.95 62.03 -61.50
CA ALA A 243 62.81 62.67 -60.18
C ALA A 243 61.77 61.99 -59.30
O MCS A 244 58.62 60.04 -61.23
C MCS A 244 59.01 59.98 -60.06
CA MCS A 244 59.30 61.26 -59.24
N MCS A 244 60.50 61.86 -59.72
CB MCS A 244 58.14 62.28 -59.15
SAI MCS A 244 58.69 63.73 -58.15
CAK MCS A 244 57.20 64.74 -57.79
OAC MCS A 244 56.76 64.76 -56.64
CAG MCS A 244 56.45 65.62 -58.86
CAJ MCS A 244 56.27 67.12 -58.42
OAE MCS A 244 55.31 67.79 -58.92
OAB MCS A 244 57.11 67.57 -57.59
N HIS A 245 59.26 58.83 -59.44
CA HIS A 245 58.86 57.51 -60.00
C HIS A 245 57.46 57.13 -59.53
N ASN A 246 56.46 57.40 -60.35
CA ASN A 246 55.11 57.18 -59.92
C ASN A 246 54.50 55.84 -60.37
N SER A 247 54.88 55.36 -61.55
CA SER A 247 54.46 54.02 -61.98
C SER A 247 55.47 53.48 -62.96
N LYS A 248 55.29 52.21 -63.36
CA LYS A 248 56.24 51.52 -64.24
C LYS A 248 56.51 52.30 -65.53
N ASP A 249 55.54 53.07 -66.01
CA ASP A 249 55.70 53.93 -67.19
C ASP A 249 55.22 55.37 -66.95
N THR A 250 55.36 55.87 -65.73
CA THR A 250 55.18 57.29 -65.44
C THR A 250 56.31 57.78 -64.51
N VAL A 251 57.25 58.51 -65.09
CA VAL A 251 58.27 59.19 -64.36
C VAL A 251 58.16 60.71 -64.57
N THR A 252 58.29 61.47 -63.48
CA THR A 252 58.45 62.90 -63.59
C THR A 252 59.96 63.17 -63.60
N ILE A 253 60.41 63.85 -64.64
CA ILE A 253 61.79 64.23 -64.76
C ILE A 253 61.91 65.65 -64.26
N SER A 254 63.14 66.04 -63.94
CA SER A 254 63.39 67.35 -63.36
C SER A 254 64.73 67.86 -63.89
N GLY A 255 64.84 69.18 -64.08
CA GLY A 255 66.11 69.79 -64.48
C GLY A 255 65.93 71.25 -64.80
N PRO A 256 66.93 71.85 -65.47
CA PRO A 256 66.85 73.23 -65.96
C PRO A 256 65.72 73.36 -67.01
N GLN A 257 64.98 74.47 -66.98
CA GLN A 257 63.77 74.65 -67.82
C GLN A 257 63.91 74.24 -69.29
N ALA A 258 64.87 74.84 -69.99
CA ALA A 258 64.98 74.66 -71.45
C ALA A 258 64.98 73.20 -71.87
N PRO A 259 65.96 72.41 -71.40
CA PRO A 259 66.01 70.98 -71.76
C PRO A 259 64.79 70.17 -71.40
N VAL A 260 64.11 70.56 -70.32
CA VAL A 260 62.91 69.86 -69.88
C VAL A 260 61.74 70.17 -70.85
N PHE A 261 61.63 71.42 -71.28
CA PHE A 261 60.63 71.77 -72.28
C PHE A 261 60.97 71.15 -73.64
N GLU A 262 62.26 71.06 -73.97
CA GLU A 262 62.71 70.49 -75.24
C GLU A 262 62.51 68.99 -75.28
N PHE A 263 62.70 68.34 -74.13
CA PHE A 263 62.64 66.89 -74.05
C PHE A 263 61.22 66.45 -74.19
N VAL A 264 60.31 67.20 -73.59
CA VAL A 264 58.90 66.92 -73.73
C VAL A 264 58.42 67.09 -75.17
N GLU A 265 58.94 68.09 -75.88
CA GLU A 265 58.60 68.26 -77.28
C GLU A 265 59.06 67.05 -78.06
N GLN A 266 60.31 66.64 -77.86
CA GLN A 266 60.84 65.47 -78.54
C GLN A 266 59.87 64.32 -78.35
N LEU A 267 59.45 64.11 -77.11
CA LEU A 267 58.65 62.95 -76.75
C LEU A 267 57.23 63.01 -77.32
N ARG A 268 56.61 64.18 -77.24
CA ARG A 268 55.25 64.35 -77.74
C ARG A 268 55.25 63.92 -79.20
N LYS A 269 56.27 64.40 -79.92
CA LYS A 269 56.42 64.19 -81.34
C LYS A 269 56.56 62.71 -81.70
N GLU A 270 57.12 61.92 -80.79
CA GLU A 270 57.28 60.51 -81.07
C GLU A 270 56.21 59.64 -80.45
N GLY A 271 55.11 60.27 -80.05
CA GLY A 271 53.95 59.52 -79.58
C GLY A 271 53.97 59.13 -78.11
N VAL A 272 54.87 59.70 -77.32
CA VAL A 272 54.94 59.41 -75.88
C VAL A 272 54.07 60.41 -75.12
N PHE A 273 53.30 59.92 -74.16
CA PHE A 273 52.54 60.83 -73.29
C PHE A 273 53.58 61.64 -72.49
N ALA A 274 53.54 62.97 -72.60
CA ALA A 274 54.47 63.83 -71.87
C ALA A 274 53.87 65.20 -71.52
N LYS A 275 53.03 65.22 -70.48
CA LYS A 275 52.50 66.47 -69.88
C LYS A 275 53.53 67.24 -69.02
N GLU A 276 53.63 68.56 -69.25
CA GLU A 276 54.38 69.49 -68.37
C GLU A 276 53.68 69.52 -66.99
N VAL A 277 54.39 69.86 -65.93
CA VAL A 277 53.72 70.11 -64.61
C VAL A 277 54.18 71.42 -63.97
N ARG A 278 53.21 72.22 -63.54
CA ARG A 278 53.50 73.50 -62.91
C ARG A 278 54.12 73.25 -61.53
N THR A 279 55.35 73.70 -61.35
CA THR A 279 56.05 73.61 -60.09
C THR A 279 56.67 74.96 -59.73
N GLY A 280 56.20 76.04 -60.34
CA GLY A 280 56.65 77.40 -60.04
C GLY A 280 58.11 77.69 -60.40
N GLY A 281 58.53 77.14 -61.54
CA GLY A 281 59.90 77.30 -62.02
C GLY A 281 60.96 76.48 -61.30
N MET A 282 60.52 75.55 -60.45
CA MET A 282 61.42 74.81 -59.59
C MET A 282 61.68 73.42 -60.14
N ALA A 283 62.91 72.94 -59.96
CA ALA A 283 63.32 71.62 -60.43
C ALA A 283 63.55 70.74 -59.23
N PHE A 284 62.44 70.30 -58.64
CA PHE A 284 62.43 69.59 -57.36
C PHE A 284 63.11 68.25 -57.46
N HIS A 285 63.49 67.70 -56.31
CA HIS A 285 64.01 66.34 -56.22
C HIS A 285 65.07 66.07 -57.24
N SER A 286 66.06 66.96 -57.22
CA SER A 286 67.19 66.93 -58.13
C SER A 286 68.33 67.70 -57.52
N TYR A 287 69.48 67.68 -58.18
CA TYR A 287 70.67 68.42 -57.74
C TYR A 287 70.46 69.92 -57.49
N PHE A 288 69.52 70.53 -58.21
CA PHE A 288 69.14 71.93 -57.99
C PHE A 288 68.82 72.26 -56.53
N MET A 289 68.46 71.25 -55.75
CA MET A 289 68.03 71.45 -54.35
C MET A 289 69.16 71.35 -53.31
N GLU A 290 70.33 70.87 -53.74
CA GLU A 290 71.44 70.69 -52.82
C GLU A 290 71.89 71.99 -52.16
N ALA A 291 71.73 73.12 -52.84
CA ALA A 291 72.02 74.45 -52.27
C ALA A 291 71.10 74.82 -51.08
N ILE A 292 70.03 74.06 -50.89
CA ILE A 292 68.99 74.37 -49.91
C ILE A 292 69.12 73.49 -48.67
N ALA A 293 69.98 72.46 -48.75
CA ALA A 293 70.17 71.49 -47.67
C ALA A 293 70.82 72.11 -46.39
N PRO A 294 72.00 72.73 -46.52
CA PRO A 294 72.62 73.36 -45.35
C PRO A 294 71.73 74.32 -44.54
N PRO A 295 71.03 75.27 -45.20
CA PRO A 295 70.12 76.14 -44.45
C PRO A 295 68.98 75.37 -43.80
N LEU A 296 68.34 74.51 -44.58
CA LEU A 296 67.18 73.76 -44.12
C LEU A 296 67.55 72.84 -42.96
N LEU A 297 68.68 72.15 -43.09
CA LEU A 297 69.19 71.23 -42.05
C LEU A 297 69.43 71.99 -40.74
N GLN A 298 69.90 73.22 -40.86
CA GLN A 298 70.14 74.08 -39.70
C GLN A 298 68.81 74.43 -39.02
N GLU A 299 67.81 74.80 -39.81
CA GLU A 299 66.50 75.22 -39.27
C GLU A 299 65.76 74.05 -38.64
N LEU A 300 65.73 72.93 -39.36
CA LEU A 300 64.98 71.74 -38.95
C LEU A 300 65.67 71.04 -37.77
N LYS A 301 66.98 71.23 -37.62
CA LYS A 301 67.71 70.77 -36.44
C LYS A 301 67.12 71.37 -35.15
N LYS A 302 66.70 72.63 -35.23
CA LYS A 302 66.11 73.34 -34.08
C LYS A 302 64.63 72.96 -33.90
N VAL A 303 63.96 72.63 -35.01
CA VAL A 303 62.55 72.22 -34.99
C VAL A 303 62.41 70.81 -34.45
N ILE A 304 63.05 69.85 -35.11
CA ILE A 304 62.92 68.45 -34.76
C ILE A 304 64.07 68.05 -33.87
N ARG A 305 63.97 68.42 -32.59
CA ARG A 305 64.92 67.98 -31.58
C ARG A 305 64.44 66.61 -31.07
N GLU A 306 65.39 65.76 -30.67
CA GLU A 306 65.11 64.37 -30.25
C GLU A 306 64.23 63.62 -31.28
N PRO A 307 64.78 63.36 -32.48
CA PRO A 307 64.03 62.67 -33.52
C PRO A 307 63.54 61.28 -33.10
N LYS A 308 62.24 61.05 -33.24
CA LYS A 308 61.62 59.77 -32.87
C LYS A 308 61.69 58.83 -34.08
N PRO A 309 61.70 57.51 -33.83
CA PRO A 309 61.93 56.56 -34.90
C PRO A 309 60.68 56.32 -35.75
N ARG A 310 60.89 56.09 -37.05
CA ARG A 310 59.80 55.74 -37.95
C ARG A 310 59.39 54.29 -37.68
N SER A 311 58.10 54.03 -37.65
CA SER A 311 57.59 52.67 -37.45
C SER A 311 57.73 51.86 -38.74
N ALA A 312 57.56 50.54 -38.62
CA ALA A 312 57.63 49.65 -39.77
C ALA A 312 56.42 49.80 -40.70
N ARG A 313 55.38 50.50 -40.27
CA ARG A 313 54.22 50.77 -41.13
C ARG A 313 54.57 51.77 -42.23
N TRP A 314 55.50 52.67 -41.93
CA TRP A 314 55.80 53.79 -42.78
C TRP A 314 56.91 53.42 -43.75
N LEU A 315 56.55 53.16 -45.00
CA LEU A 315 57.53 52.89 -46.07
C LEU A 315 58.05 54.20 -46.68
N SER A 316 59.38 54.35 -46.69
CA SER A 316 60.00 55.56 -47.19
C SER A 316 59.98 55.61 -48.69
N THR A 317 59.72 56.80 -49.22
CA THR A 317 59.81 57.06 -50.64
C THR A 317 61.07 57.89 -50.96
N SER A 318 61.77 58.34 -49.91
CA SER A 318 63.02 59.11 -50.06
C SER A 318 64.28 58.26 -49.94
N ILE A 319 64.15 57.04 -49.40
CA ILE A 319 65.31 56.17 -49.17
C ILE A 319 65.05 54.80 -49.79
N PRO A 320 65.96 54.31 -50.64
CA PRO A 320 65.72 52.98 -51.24
C PRO A 320 65.60 51.87 -50.22
N GLU A 321 64.80 50.87 -50.55
CA GLU A 321 64.51 49.75 -49.66
C GLU A 321 65.75 49.09 -49.09
N ALA A 322 66.68 48.75 -49.98
CA ALA A 322 67.88 48.01 -49.56
C ALA A 322 68.74 48.78 -48.53
N GLN A 323 68.37 50.04 -48.22
CA GLN A 323 69.00 50.81 -47.14
C GLN A 323 67.98 51.38 -46.15
N TRP A 324 66.95 50.59 -45.84
CA TRP A 324 65.93 51.01 -44.86
C TRP A 324 66.46 50.73 -43.47
N HIS A 325 67.21 49.64 -43.36
CA HIS A 325 68.12 49.40 -42.23
C HIS A 325 69.26 50.45 -42.24
N SER A 326 68.95 51.66 -41.77
CA SER A 326 69.83 52.80 -41.98
C SER A 326 69.62 53.80 -40.86
N SER A 327 70.66 54.56 -40.50
CA SER A 327 70.52 55.57 -39.46
C SER A 327 69.63 56.70 -39.97
N LEU A 328 69.85 57.12 -41.21
CA LEU A 328 69.03 58.15 -41.82
C LEU A 328 67.57 57.70 -41.83
N ALA A 329 67.34 56.48 -42.30
CA ALA A 329 66.00 55.86 -42.34
C ALA A 329 65.38 55.56 -40.99
N ARG A 330 66.20 55.41 -39.95
CA ARG A 330 65.69 54.99 -38.64
C ARG A 330 64.66 55.95 -38.06
N THR A 331 64.87 57.25 -38.27
CA THR A 331 63.98 58.27 -37.69
C THR A 331 63.62 59.37 -38.69
N SER A 332 62.57 60.12 -38.36
CA SER A 332 62.11 61.26 -39.11
C SER A 332 62.91 62.49 -38.68
N SER A 333 64.21 62.43 -38.92
CA SER A 333 65.13 63.48 -38.51
C SER A 333 65.03 64.71 -39.41
N ALA A 334 65.69 65.80 -38.99
CA ALA A 334 65.93 66.96 -39.86
C ALA A 334 66.72 66.51 -41.08
N GLU A 335 67.59 65.53 -40.85
CA GLU A 335 68.37 64.88 -41.89
C GLU A 335 67.48 64.12 -42.88
N TYR A 336 66.57 63.30 -42.38
CA TYR A 336 65.63 62.53 -43.24
C TYR A 336 64.83 63.45 -44.15
N ASN A 337 64.36 64.55 -43.56
CA ASN A 337 63.58 65.55 -44.27
C ASN A 337 64.35 66.28 -45.36
N VAL A 338 65.62 66.58 -45.10
CA VAL A 338 66.48 67.23 -46.10
C VAL A 338 66.79 66.25 -47.24
N ASN A 339 66.98 64.99 -46.89
CA ASN A 339 67.19 63.95 -47.88
C ASN A 339 66.00 63.81 -48.84
N ASN A 340 64.79 63.90 -48.29
CA ASN A 340 63.57 63.86 -49.09
C ASN A 340 63.59 64.94 -50.16
N LEU A 341 63.98 66.16 -49.76
CA LEU A 341 63.89 67.33 -50.65
C LEU A 341 64.80 67.17 -51.87
N VAL A 342 65.95 66.56 -51.61
CA VAL A 342 67.03 66.45 -52.58
C VAL A 342 67.02 65.15 -53.37
N SER A 343 66.47 64.09 -52.79
CA SER A 343 66.44 62.78 -53.42
C SER A 343 65.17 62.57 -54.26
N PRO A 344 65.23 61.61 -55.20
CA PRO A 344 64.05 61.27 -55.98
C PRO A 344 62.95 60.67 -55.14
N VAL A 345 61.72 60.72 -55.67
CA VAL A 345 60.54 60.19 -55.00
C VAL A 345 60.31 58.76 -55.50
N LEU A 346 60.71 57.79 -54.70
CA LEU A 346 60.59 56.38 -55.05
C LEU A 346 59.21 55.84 -54.64
N PHE A 347 58.18 56.33 -55.33
CA PHE A 347 56.80 56.07 -54.93
C PHE A 347 56.35 54.70 -55.41
N GLN A 348 56.52 54.42 -56.70
CA GLN A 348 56.16 53.12 -57.26
C GLN A 348 56.71 51.96 -56.43
N GLU A 349 57.97 52.07 -56.05
CA GLU A 349 58.63 51.00 -55.31
C GLU A 349 58.01 50.77 -53.94
N ALA A 350 57.48 51.83 -53.34
CA ALA A 350 56.78 51.71 -52.07
C ALA A 350 55.42 51.04 -52.27
N LEU A 351 54.71 51.45 -53.33
CA LEU A 351 53.41 50.84 -53.65
C LEU A 351 53.51 49.35 -53.92
N TRP A 352 54.61 48.91 -54.48
CA TRP A 352 54.83 47.49 -54.73
C TRP A 352 54.54 46.66 -53.46
N HIS A 353 54.82 47.23 -52.29
CA HIS A 353 54.61 46.53 -50.99
C HIS A 353 53.19 46.51 -50.48
N VAL A 354 52.33 47.36 -51.02
CA VAL A 354 50.95 47.40 -50.58
C VAL A 354 50.28 46.06 -50.90
N PRO A 355 49.68 45.42 -49.88
CA PRO A 355 49.14 44.06 -50.02
C PRO A 355 47.87 43.99 -50.87
N GLU A 356 47.39 42.76 -51.09
CA GLU A 356 46.41 42.50 -52.14
C GLU A 356 45.06 43.14 -51.95
N HIS A 357 44.53 43.17 -50.73
CA HIS A 357 43.18 43.69 -50.57
C HIS A 357 43.10 45.00 -49.82
N ALA A 358 44.13 45.82 -50.00
CA ALA A 358 44.26 47.05 -49.21
C ALA A 358 43.14 48.04 -49.49
N VAL A 359 42.76 48.77 -48.45
CA VAL A 359 41.92 49.95 -48.59
C VAL A 359 42.84 51.14 -48.44
N VAL A 360 42.89 51.97 -49.46
CA VAL A 360 43.90 53.02 -49.57
C VAL A 360 43.22 54.36 -49.60
N LEU A 361 43.61 55.25 -48.67
CA LEU A 361 43.03 56.59 -48.58
C LEU A 361 44.03 57.61 -49.05
N GLU A 362 43.67 58.42 -50.04
CA GLU A 362 44.55 59.48 -50.44
C GLU A 362 44.34 60.69 -49.56
N ILE A 363 45.40 61.06 -48.85
CA ILE A 363 45.34 62.14 -47.90
C ILE A 363 45.99 63.35 -48.53
N ALA A 364 45.14 64.28 -48.98
CA ALA A 364 45.54 65.41 -49.77
C ALA A 364 44.36 66.35 -49.86
N PRO A 365 44.63 67.65 -50.01
CA PRO A 365 43.57 68.60 -50.31
C PRO A 365 42.97 68.41 -51.74
N HIS A 366 43.66 67.70 -52.63
CA HIS A 366 43.07 67.22 -53.91
C HIS A 366 43.71 65.88 -54.26
N ALA A 367 42.88 64.87 -54.53
CA ALA A 367 43.34 63.50 -54.72
C ALA A 367 44.00 63.31 -56.09
N LEU A 368 45.21 63.82 -56.22
CA LEU A 368 45.93 63.93 -57.45
C LEU A 368 46.52 62.60 -57.89
N LEU A 369 46.85 61.75 -56.91
CA LEU A 369 47.44 60.43 -57.20
C LEU A 369 46.47 59.29 -57.56
N GLN A 370 45.18 59.57 -57.52
CA GLN A 370 44.19 58.55 -57.77
C GLN A 370 44.57 57.71 -59.00
N ALA A 371 44.84 58.37 -60.12
CA ALA A 371 45.10 57.69 -61.37
C ALA A 371 46.37 56.87 -61.25
N VAL A 372 47.42 57.49 -60.79
CA VAL A 372 48.68 56.78 -60.53
C VAL A 372 48.47 55.55 -59.65
N LEU A 373 47.69 55.72 -58.58
CA LEU A 373 47.41 54.66 -57.64
C LEU A 373 46.65 53.50 -58.27
N LYS A 374 45.65 53.81 -59.09
CA LYS A 374 44.90 52.77 -59.80
C LYS A 374 45.86 51.90 -60.58
N ARG A 375 46.75 52.54 -61.33
CA ARG A 375 47.74 51.86 -62.16
C ARG A 375 48.74 51.06 -61.32
N GLY A 376 49.18 51.66 -60.22
CA GLY A 376 50.29 51.11 -59.40
C GLY A 376 49.85 50.04 -58.41
N LEU A 377 48.53 49.78 -58.42
CA LEU A 377 47.85 48.79 -57.57
C LEU A 377 46.64 48.21 -58.37
N LYS A 378 45.91 47.26 -57.78
CA LYS A 378 45.21 46.22 -58.56
C LYS A 378 43.67 46.32 -58.37
N PRO A 379 42.88 45.53 -59.14
CA PRO A 379 41.40 45.54 -59.00
C PRO A 379 40.88 44.93 -57.68
N SER A 380 41.80 44.42 -56.86
CA SER A 380 41.56 44.05 -55.48
C SER A 380 41.58 45.27 -54.56
N CYS A 381 42.56 46.18 -54.73
CA CYS A 381 42.66 47.37 -53.88
C CYS A 381 41.47 48.30 -54.08
N THR A 382 41.00 48.88 -52.98
CA THR A 382 40.01 49.95 -53.05
C THR A 382 40.74 51.27 -52.77
N ILE A 383 40.57 52.24 -53.66
CA ILE A 383 41.27 53.51 -53.55
C ILE A 383 40.22 54.58 -53.31
N ILE A 384 40.37 55.30 -52.21
CA ILE A 384 39.40 56.30 -51.76
C ILE A 384 40.06 57.65 -51.67
N PRO A 385 39.52 58.65 -52.38
CA PRO A 385 39.97 60.00 -52.21
C PRO A 385 39.14 60.69 -51.14
N LEU A 386 39.71 61.74 -50.55
CA LEU A 386 39.05 62.45 -49.47
C LEU A 386 38.63 63.90 -49.81
N MET A 387 39.35 64.57 -50.70
CA MET A 387 38.94 65.91 -51.19
C MET A 387 39.21 66.03 -52.69
N LYS A 388 38.46 66.92 -53.35
CA LYS A 388 38.56 67.13 -54.81
C LYS A 388 38.71 68.61 -55.04
N LYS A 389 39.62 68.98 -55.95
CA LYS A 389 39.82 70.39 -56.33
C LYS A 389 38.51 71.00 -56.81
N ASP A 390 38.16 72.13 -56.24
CA ASP A 390 37.02 72.93 -56.64
C ASP A 390 35.66 72.22 -56.54
N HIS A 391 35.57 71.18 -55.72
CA HIS A 391 34.31 70.47 -55.46
C HIS A 391 33.30 71.44 -54.87
N ARG A 392 32.04 71.33 -55.28
CA ARG A 392 30.97 72.18 -54.72
C ARG A 392 30.94 72.11 -53.20
N ASP A 393 31.22 70.93 -52.66
CA ASP A 393 31.09 70.66 -51.24
C ASP A 393 31.95 69.45 -50.83
N ASN A 394 33.16 69.72 -50.35
CA ASN A 394 34.10 68.67 -49.98
C ASN A 394 33.74 67.93 -48.68
N LEU A 395 32.82 68.48 -47.90
CA LEU A 395 32.30 67.75 -46.74
C LEU A 395 31.44 66.61 -47.22
N GLU A 396 30.63 66.87 -48.25
CA GLU A 396 29.86 65.79 -48.89
C GLU A 396 30.81 64.75 -49.46
N PHE A 397 31.84 65.21 -50.13
CA PHE A 397 32.78 64.32 -50.81
C PHE A 397 33.57 63.51 -49.82
N PHE A 398 34.02 64.17 -48.75
CA PHE A 398 34.75 63.50 -47.68
C PHE A 398 33.90 62.42 -47.03
N LEU A 399 32.66 62.77 -46.68
CA LEU A 399 31.75 61.83 -46.07
C LEU A 399 31.41 60.65 -46.97
N ALA A 400 31.20 60.90 -48.27
CA ALA A 400 31.01 59.81 -49.22
C ALA A 400 32.19 58.86 -49.16
N GLY A 401 33.39 59.38 -49.01
CA GLY A 401 34.59 58.57 -48.90
C GLY A 401 34.61 57.75 -47.63
N ILE A 402 34.24 58.36 -46.52
CA ILE A 402 34.10 57.65 -45.26
C ILE A 402 33.03 56.58 -45.39
N GLY A 403 31.94 56.90 -46.10
CA GLY A 403 30.90 55.91 -46.42
C GLY A 403 31.47 54.69 -47.10
N ARG A 404 32.43 54.88 -48.01
CA ARG A 404 33.03 53.78 -48.76
C ARG A 404 33.93 52.93 -47.91
N LEU A 405 34.43 53.49 -46.81
CA LEU A 405 35.14 52.69 -45.81
C LEU A 405 34.23 51.62 -45.20
N HIS A 406 33.00 52.02 -44.88
CA HIS A 406 31.99 51.08 -44.41
C HIS A 406 31.81 49.97 -45.45
N LEU A 407 31.51 50.36 -46.68
CA LEU A 407 31.28 49.42 -47.77
C LEU A 407 32.42 48.43 -47.98
N SER A 408 33.63 48.84 -47.66
CA SER A 408 34.78 47.98 -47.88
C SER A 408 35.19 47.22 -46.63
N GLY A 409 34.37 47.29 -45.58
CA GLY A 409 34.60 46.52 -44.37
C GLY A 409 35.29 47.20 -43.20
N ILE A 410 35.60 48.49 -43.32
CA ILE A 410 36.28 49.21 -42.23
C ILE A 410 35.26 49.87 -41.33
N ASP A 411 35.51 49.80 -40.02
CA ASP A 411 34.59 50.36 -39.05
C ASP A 411 35.03 51.81 -38.80
N ALA A 412 34.25 52.75 -39.33
CA ALA A 412 34.50 54.17 -39.16
C ALA A 412 33.18 54.88 -38.90
N ASN A 413 32.91 55.16 -37.63
CA ASN A 413 31.63 55.76 -37.22
C ASN A 413 31.69 57.28 -37.29
N PRO A 414 30.90 57.89 -38.18
CA PRO A 414 30.96 59.33 -38.42
C PRO A 414 30.42 60.16 -37.26
N ASN A 415 29.75 59.52 -36.32
CA ASN A 415 29.20 60.23 -35.17
C ASN A 415 30.28 61.05 -34.48
N ALA A 416 31.51 60.53 -34.47
CA ALA A 416 32.65 61.21 -33.88
C ALA A 416 32.94 62.57 -34.53
N LEU A 417 32.73 62.69 -35.83
CA LEU A 417 33.04 63.93 -36.54
C LEU A 417 32.14 65.09 -36.14
N PHE A 418 31.00 64.78 -35.55
CA PHE A 418 29.95 65.77 -35.32
C PHE A 418 29.66 65.99 -33.84
N PRO A 419 29.02 67.13 -33.52
CA PRO A 419 28.69 67.38 -32.12
C PRO A 419 27.79 66.29 -31.57
N PRO A 420 27.96 65.95 -30.29
CA PRO A 420 27.23 64.85 -29.66
C PRO A 420 25.71 65.13 -29.50
N VAL A 421 24.91 64.07 -29.34
CA VAL A 421 23.46 64.22 -29.05
C VAL A 421 22.98 63.29 -27.92
N GLN B 21 -4.47 51.34 -31.49
CA GLN B 21 -3.01 51.13 -31.32
C GLN B 21 -2.72 49.68 -30.95
N SER B 22 -1.80 49.02 -31.67
CA SER B 22 -1.58 47.54 -31.50
C SER B 22 -0.14 47.00 -31.30
N MET B 23 -0.13 45.80 -30.71
CA MET B 23 0.99 45.29 -29.91
C MET B 23 2.03 44.48 -30.63
N ARG B 24 3.30 44.82 -30.38
CA ARG B 24 4.42 44.09 -30.95
C ARG B 24 5.51 43.92 -29.90
N LEU B 25 6.35 42.91 -30.08
CA LEU B 25 7.55 42.74 -29.28
C LEU B 25 8.71 43.36 -30.04
N LEU B 26 9.49 44.20 -29.35
CA LEU B 26 10.72 44.71 -29.93
C LEU B 26 11.89 44.14 -29.15
N ARG B 27 12.80 43.50 -29.88
CA ARG B 27 14.03 42.99 -29.32
C ARG B 27 15.20 43.86 -29.80
N ALA B 28 16.19 44.06 -28.94
CA ALA B 28 17.33 44.93 -29.28
C ALA B 28 18.64 44.27 -28.87
N SER B 29 19.73 44.72 -29.47
CA SER B 29 21.06 44.20 -29.18
C SER B 29 22.08 45.34 -29.23
N GLY B 30 23.19 45.20 -28.48
CA GLY B 30 24.22 46.26 -28.43
C GLY B 30 25.50 45.88 -27.69
N ARG B 31 26.49 46.77 -27.73
CA ARG B 31 27.79 46.60 -27.04
C ARG B 31 27.90 47.36 -25.72
N THR B 32 26.85 48.11 -25.41
CA THR B 32 26.69 48.73 -24.11
C THR B 32 25.19 48.72 -23.82
N PRO B 33 24.78 48.54 -22.54
CA PRO B 33 23.36 48.42 -22.25
C PRO B 33 22.58 49.71 -22.49
N GLU B 34 23.25 50.86 -22.36
CA GLU B 34 22.67 52.15 -22.75
C GLU B 34 22.34 52.18 -24.24
N ALA B 35 23.17 51.49 -25.04
CA ALA B 35 22.94 51.33 -26.46
C ALA B 35 21.57 50.69 -26.67
N VAL B 36 21.36 49.53 -26.05
CA VAL B 36 20.07 48.82 -26.16
C VAL B 36 18.94 49.70 -25.64
N GLN B 37 19.13 50.32 -24.49
CA GLN B 37 18.12 51.20 -23.90
C GLN B 37 17.68 52.32 -24.86
N LYS B 38 18.64 52.98 -25.52
CA LYS B 38 18.31 54.05 -26.48
C LYS B 38 17.55 53.46 -27.67
N LEU B 39 18.00 52.30 -28.14
CA LEU B 39 17.39 51.63 -29.27
C LEU B 39 15.94 51.25 -28.94
N LEU B 40 15.71 50.71 -27.74
CA LEU B 40 14.36 50.38 -27.29
C LEU B 40 13.47 51.62 -27.09
N GLU B 41 14.07 52.71 -26.61
CA GLU B 41 13.38 53.98 -26.46
C GLU B 41 12.91 54.52 -27.83
N GLN B 42 13.74 54.38 -28.85
CA GLN B 42 13.35 54.82 -30.20
C GLN B 42 12.17 54.02 -30.71
N GLY B 43 12.15 52.73 -30.39
CA GLY B 43 11.03 51.88 -30.77
C GLY B 43 9.74 52.26 -30.07
N LEU B 44 9.86 52.58 -28.79
CA LEU B 44 8.72 53.05 -28.03
C LEU B 44 8.14 54.31 -28.66
N ARG B 45 9.02 55.19 -29.08
CA ARG B 45 8.62 56.46 -29.69
C ARG B 45 8.05 56.29 -31.10
N HIS B 46 8.25 55.13 -31.70
CA HIS B 46 7.69 54.85 -33.02
C HIS B 46 6.86 53.57 -32.96
N SER B 47 6.23 53.33 -31.80
CA SER B 47 5.44 52.12 -31.54
C SER B 47 4.50 51.73 -32.67
N GLN B 48 3.94 52.71 -33.34
CA GLN B 48 2.90 52.46 -34.32
C GLN B 48 3.46 52.32 -35.74
N ASP B 49 4.78 52.45 -35.90
CA ASP B 49 5.42 52.26 -37.21
C ASP B 49 5.91 50.82 -37.30
N LEU B 50 5.09 49.97 -37.91
CA LEU B 50 5.32 48.54 -37.90
C LEU B 50 6.51 48.15 -38.78
N ALA B 51 6.63 48.81 -39.94
CA ALA B 51 7.76 48.61 -40.86
C ALA B 51 9.09 48.95 -40.18
N PHE B 52 9.06 49.98 -39.34
CA PHE B 52 10.23 50.38 -38.57
C PHE B 52 10.57 49.32 -37.54
N LEU B 53 9.57 48.92 -36.74
CA LEU B 53 9.79 47.94 -35.69
C LEU B 53 10.27 46.61 -36.28
N SER B 54 9.66 46.24 -37.41
CA SER B 54 10.02 45.04 -38.12
C SER B 54 11.50 45.04 -38.47
N MET B 55 11.96 46.20 -38.88
CA MET B 55 13.34 46.40 -39.28
C MET B 55 14.29 46.36 -38.11
N LEU B 56 13.91 46.98 -37.00
CA LEU B 56 14.69 46.88 -35.76
C LEU B 56 14.82 45.45 -35.26
N ASN B 57 13.79 44.64 -35.49
CA ASN B 57 13.79 43.24 -35.06
C ASN B 57 14.77 42.43 -35.88
N ASP B 58 14.73 42.58 -37.19
CA ASP B 58 15.70 41.93 -38.10
C ASP B 58 17.16 42.27 -37.74
N ILE B 59 17.40 43.48 -37.23
CA ILE B 59 18.75 43.91 -36.83
C ILE B 59 19.28 43.21 -35.57
N ALA B 60 18.39 42.94 -34.62
CA ALA B 60 18.77 42.41 -33.31
C ALA B 60 19.51 41.09 -33.40
N ALA B 61 19.36 40.40 -34.53
CA ALA B 61 20.06 39.14 -34.78
C ALA B 61 21.56 39.34 -34.94
N VAL B 62 22.26 39.59 -33.82
CA VAL B 62 23.70 39.80 -33.84
C VAL B 62 24.27 39.00 -32.66
N PRO B 63 25.20 38.07 -32.94
CA PRO B 63 25.75 37.24 -31.87
C PRO B 63 26.31 38.02 -30.68
N ALA B 64 26.17 37.44 -29.48
CA ALA B 64 26.70 38.03 -28.24
C ALA B 64 28.16 38.40 -28.37
N THR B 65 28.92 37.54 -29.05
CA THR B 65 30.31 37.83 -29.44
C THR B 65 30.46 39.29 -29.85
N ALA B 66 29.67 39.70 -30.84
CA ALA B 66 29.76 41.05 -31.40
C ALA B 66 29.02 42.07 -30.52
N MET B 67 27.82 41.72 -30.07
CA MET B 67 27.03 42.63 -29.23
C MET B 67 26.49 41.91 -27.99
N PRO B 68 27.28 41.95 -26.88
CA PRO B 68 27.01 41.23 -25.64
C PRO B 68 25.82 41.67 -24.77
N PHE B 69 25.13 42.75 -25.14
CA PHE B 69 23.94 43.18 -24.42
C PHE B 69 22.69 43.05 -25.27
N ARG B 70 21.62 42.53 -24.68
CA ARG B 70 20.34 42.40 -25.35
C ARG B 70 19.20 42.88 -24.47
N GLY B 71 18.11 43.26 -25.09
CA GLY B 71 16.95 43.73 -24.35
C GLY B 71 15.68 43.50 -25.13
N TYR B 72 14.54 43.64 -24.47
CA TYR B 72 13.24 43.59 -25.14
C TYR B 72 12.24 44.51 -24.47
N ALA B 73 11.19 44.83 -25.21
CA ALA B 73 10.05 45.58 -24.69
C ALA B 73 8.80 45.13 -25.44
N VAL B 74 7.72 44.87 -24.72
CA VAL B 74 6.45 44.61 -25.39
C VAL B 74 5.71 45.93 -25.52
N LEU B 75 5.69 46.44 -26.76
CA LEU B 75 5.08 47.75 -27.04
C LEU B 75 3.56 47.58 -27.17
N GLY B 76 2.80 48.46 -26.51
CA GLY B 76 1.39 48.22 -26.20
C GLY B 76 1.26 47.48 -24.87
N GLY B 77 0.09 47.53 -24.26
CA GLY B 77 -0.18 46.71 -23.06
C GLY B 77 0.45 47.16 -21.74
N GLU B 78 -0.13 46.68 -20.64
CA GLU B 78 0.13 47.21 -19.30
C GLU B 78 1.56 46.94 -18.82
N ARG B 79 1.84 45.68 -18.48
CA ARG B 79 3.19 45.27 -18.02
C ARG B 79 4.22 45.38 -19.17
N GLY B 80 4.14 46.48 -19.91
CA GLY B 80 5.18 46.91 -20.81
C GLY B 80 6.23 47.69 -20.03
N GLY B 81 7.47 47.25 -20.14
CA GLY B 81 8.64 47.90 -19.55
C GLY B 81 9.85 47.13 -20.05
N PRO B 82 10.98 47.82 -20.27
CA PRO B 82 12.12 47.16 -20.92
C PRO B 82 12.97 46.32 -19.97
N GLU B 83 13.37 45.15 -20.44
CA GLU B 83 14.33 44.31 -19.75
C GLU B 83 15.61 44.32 -20.56
N VAL B 84 16.72 44.65 -19.91
CA VAL B 84 18.02 44.67 -20.57
C VAL B 84 18.95 43.79 -19.76
N GLN B 85 19.89 43.14 -20.42
CA GLN B 85 20.75 42.16 -19.76
C GLN B 85 21.95 41.73 -20.62
N GLN B 86 23.08 41.48 -19.97
CA GLN B 86 24.25 40.92 -20.65
C GLN B 86 23.95 39.47 -21.03
N VAL B 87 24.28 39.10 -22.26
CA VAL B 87 24.06 37.73 -22.72
C VAL B 87 25.34 36.93 -22.63
N PRO B 88 25.25 35.71 -22.07
CA PRO B 88 26.48 34.89 -21.93
C PRO B 88 27.01 34.39 -23.29
N ALA B 89 28.28 33.99 -23.35
CA ALA B 89 28.87 33.32 -24.54
C ALA B 89 28.13 32.02 -24.84
N GLY B 90 27.48 31.97 -26.01
CA GLY B 90 26.24 31.20 -26.16
C GLY B 90 26.14 29.99 -27.06
N GLU B 91 26.42 28.82 -26.51
CA GLU B 91 25.74 27.61 -26.94
C GLU B 91 24.80 27.25 -25.80
N ARG B 92 23.53 27.69 -25.90
CA ARG B 92 22.51 27.31 -24.92
C ARG B 92 21.40 26.49 -25.59
N PRO B 93 21.22 25.23 -25.17
CA PRO B 93 20.20 24.36 -25.77
C PRO B 93 18.75 24.65 -25.38
N LEU B 94 17.84 24.49 -26.34
CA LEU B 94 16.44 24.84 -26.16
C LEU B 94 15.64 23.57 -25.93
N TRP B 95 14.87 23.56 -24.85
CA TRP B 95 14.05 22.42 -24.49
C TRP B 95 12.58 22.79 -24.43
N PHE B 96 11.73 21.89 -24.91
CA PHE B 96 10.29 22.09 -24.78
C PHE B 96 9.78 21.13 -23.73
N ILE B 97 9.03 21.64 -22.77
CA ILE B 97 8.32 20.83 -21.82
C ILE B 97 6.81 20.98 -22.04
N CYS B 98 6.14 19.86 -22.41
CA CYS B 98 4.68 19.90 -22.58
C CYS B 98 4.00 19.37 -21.35
N SER B 99 3.23 20.24 -20.72
CA SER B 99 2.67 19.93 -19.45
C SER B 99 1.45 19.05 -19.67
N GLY B 100 0.93 18.51 -18.58
CA GLY B 100 -0.14 17.56 -18.64
C GLY B 100 -1.42 18.16 -18.19
N MET B 101 -2.16 17.40 -17.41
CA MET B 101 -3.52 17.69 -17.08
C MET B 101 -3.59 18.75 -15.98
N GLY B 102 -4.74 19.39 -15.87
CA GLY B 102 -5.01 20.36 -14.82
C GLY B 102 -4.74 21.79 -15.20
N THR B 103 -4.22 21.99 -16.41
CA THR B 103 -3.77 23.31 -16.87
C THR B 103 -4.91 24.07 -17.54
N GLN B 104 -6.11 23.50 -17.64
CA GLN B 104 -7.24 24.18 -18.29
C GLN B 104 -7.84 25.32 -17.47
N TRP B 105 -8.42 26.29 -18.17
CA TRP B 105 -9.17 27.38 -17.57
C TRP B 105 -10.01 28.10 -18.60
N ARG B 106 -11.09 28.68 -18.15
CA ARG B 106 -12.08 29.28 -19.04
C ARG B 106 -11.55 30.52 -19.70
N GLY B 107 -11.50 30.50 -21.03
CA GLY B 107 -10.98 31.62 -21.81
C GLY B 107 -9.60 31.33 -22.36
N MET B 108 -9.05 30.17 -21.99
CA MET B 108 -7.81 29.68 -22.53
C MET B 108 -7.62 30.08 -23.98
N GLY B 109 -6.50 30.73 -24.28
CA GLY B 109 -6.06 30.92 -25.67
C GLY B 109 -6.80 31.96 -26.48
N LEU B 110 -7.76 32.65 -25.86
CA LEU B 110 -8.53 33.61 -26.63
C LEU B 110 -7.69 34.82 -26.99
N SER B 111 -6.72 35.14 -26.15
CA SER B 111 -5.83 36.26 -26.43
C SER B 111 -4.87 35.90 -27.53
N LEU B 112 -4.35 34.69 -27.47
CA LEU B 112 -3.41 34.24 -28.50
C LEU B 112 -4.11 34.07 -29.86
N MET B 113 -5.44 34.07 -29.86
CA MET B 113 -6.18 33.89 -31.09
C MET B 113 -5.89 35.01 -32.07
N ARG B 114 -5.44 36.14 -31.53
CA ARG B 114 -5.06 37.29 -32.38
C ARG B 114 -3.87 36.99 -33.30
N LEU B 115 -3.05 36.00 -32.98
CA LEU B 115 -1.98 35.62 -33.86
C LEU B 115 -2.53 34.62 -34.86
N ASP B 116 -2.31 34.91 -36.13
CA ASP B 116 -2.92 34.15 -37.20
C ASP B 116 -2.48 32.70 -37.18
N ARG B 117 -1.20 32.46 -36.98
CA ARG B 117 -0.69 31.09 -37.00
C ARG B 117 -1.33 30.26 -35.87
N PHE B 118 -1.68 30.94 -34.77
CA PHE B 118 -2.31 30.26 -33.65
C PHE B 118 -3.74 29.92 -34.02
N ARG B 119 -4.52 30.90 -34.48
CA ARG B 119 -5.92 30.62 -34.82
C ARG B 119 -6.03 29.66 -36.02
N ASP B 120 -5.13 29.78 -36.96
CA ASP B 120 -5.09 28.80 -38.03
C ASP B 120 -4.89 27.41 -37.46
N SER B 121 -3.93 27.28 -36.55
CA SER B 121 -3.72 26.00 -35.85
C SER B 121 -4.96 25.46 -35.15
N ILE B 122 -5.63 26.33 -34.42
CA ILE B 122 -6.81 25.89 -33.69
C ILE B 122 -7.95 25.49 -34.62
N LEU B 123 -8.14 26.24 -35.71
CA LEU B 123 -9.20 25.90 -36.69
C LEU B 123 -8.87 24.59 -37.37
N ARG B 124 -7.59 24.35 -37.60
CA ARG B 124 -7.15 23.08 -38.16
C ARG B 124 -7.53 21.97 -37.19
N SER B 125 -7.36 22.24 -35.88
CA SER B 125 -7.73 21.24 -34.85
C SER B 125 -9.23 21.03 -34.79
N ASP B 126 -10.01 22.10 -34.87
CA ASP B 126 -11.48 21.94 -34.99
C ASP B 126 -11.84 20.93 -36.07
N GLU B 127 -11.12 20.97 -37.20
CA GLU B 127 -11.42 20.09 -38.33
C GLU B 127 -11.23 18.64 -37.97
N ALA B 128 -10.15 18.33 -37.24
CA ALA B 128 -9.92 16.98 -36.70
C ALA B 128 -11.10 16.48 -35.84
N VAL B 129 -11.79 17.40 -35.18
CA VAL B 129 -12.91 17.08 -34.30
C VAL B 129 -14.30 17.55 -34.83
N LYS B 130 -14.40 17.98 -36.09
CA LYS B 130 -15.72 18.28 -36.68
C LYS B 130 -16.66 17.07 -36.52
N PRO B 131 -16.17 15.85 -36.84
CA PRO B 131 -16.96 14.65 -36.43
C PRO B 131 -16.73 14.53 -34.94
N PHE B 132 -17.55 13.78 -34.25
CA PHE B 132 -17.54 13.85 -32.78
C PHE B 132 -18.25 15.12 -32.30
N GLY B 133 -18.46 16.07 -33.22
CA GLY B 133 -19.31 17.23 -32.94
C GLY B 133 -18.73 18.19 -31.93
N LEU B 134 -17.44 18.46 -32.06
CA LEU B 134 -16.79 19.47 -31.24
C LEU B 134 -16.05 20.47 -32.11
N LYS B 135 -16.02 21.71 -31.64
CA LYS B 135 -15.16 22.73 -32.19
C LYS B 135 -14.36 23.24 -31.00
N VAL B 136 -13.03 23.05 -31.03
CA VAL B 136 -12.15 23.54 -29.95
C VAL B 136 -12.36 25.04 -29.77
N SER B 137 -12.28 25.78 -30.86
CA SER B 137 -12.55 27.21 -30.85
C SER B 137 -13.78 27.59 -30.03
N GLN B 138 -14.87 26.83 -30.13
CA GLN B 138 -16.12 27.18 -29.44
C GLN B 138 -16.01 26.86 -27.96
N LEU B 139 -15.24 25.83 -27.64
CA LEU B 139 -14.92 25.49 -26.25
C LEU B 139 -14.19 26.65 -25.59
N LEU B 140 -13.16 27.12 -26.29
CA LEU B 140 -12.42 28.29 -25.85
C LEU B 140 -13.33 29.48 -25.64
N LEU B 141 -14.23 29.72 -26.59
CA LEU B 141 -15.13 30.88 -26.50
C LEU B 141 -16.21 30.76 -25.41
N SER B 142 -16.51 29.53 -25.01
CA SER B 142 -17.56 29.30 -24.01
C SER B 142 -17.40 30.18 -22.77
N THR B 143 -18.49 30.85 -22.39
CA THR B 143 -18.54 31.57 -21.11
C THR B 143 -19.11 30.68 -20.01
N ASP B 144 -19.26 29.40 -20.33
CA ASP B 144 -19.72 28.40 -19.35
C ASP B 144 -18.55 27.94 -18.48
N GLU B 145 -18.64 28.26 -17.20
CA GLU B 145 -17.65 27.94 -16.19
C GLU B 145 -17.26 26.45 -16.12
N SER B 146 -18.22 25.58 -16.40
CA SER B 146 -18.02 24.13 -16.28
C SER B 146 -17.64 23.44 -17.59
N THR B 147 -17.37 24.21 -18.62
CA THR B 147 -17.15 23.64 -19.94
C THR B 147 -15.98 22.67 -19.90
N PHE B 148 -14.89 23.04 -19.23
CA PHE B 148 -13.71 22.16 -19.15
C PHE B 148 -13.74 21.19 -17.98
N ASP B 149 -14.89 21.06 -17.31
CA ASP B 149 -15.08 19.98 -16.33
C ASP B 149 -15.23 18.64 -17.06
N ASP B 150 -15.62 18.69 -18.35
CA ASP B 150 -15.68 17.52 -19.23
C ASP B 150 -14.30 17.11 -19.71
N ILE B 151 -13.94 15.86 -19.46
CA ILE B 151 -12.58 15.37 -19.69
C ILE B 151 -12.16 15.46 -21.16
N VAL B 152 -13.11 15.28 -22.07
CA VAL B 152 -12.81 15.35 -23.49
C VAL B 152 -12.52 16.80 -23.89
N HIS B 153 -13.43 17.70 -23.52
CA HIS B 153 -13.24 19.14 -23.71
C HIS B 153 -11.84 19.54 -23.25
N SER B 154 -11.47 19.24 -22.01
CA SER B 154 -10.13 19.58 -21.51
C SER B 154 -9.07 18.97 -22.37
N PHE B 155 -9.01 17.65 -22.41
CA PHE B 155 -7.88 16.98 -23.08
C PHE B 155 -7.64 17.51 -24.48
N VAL B 156 -8.72 17.61 -25.25
CA VAL B 156 -8.65 18.10 -26.62
C VAL B 156 -8.15 19.54 -26.65
N SER B 157 -8.68 20.38 -25.75
CA SER B 157 -8.30 21.80 -25.74
C SER B 157 -6.87 22.06 -25.23
N LEU B 158 -6.41 21.34 -24.20
CA LEU B 158 -4.99 21.46 -23.78
C LEU B 158 -4.13 21.12 -24.99
N THR B 159 -4.35 19.96 -25.59
CA THR B 159 -3.50 19.51 -26.69
C THR B 159 -3.52 20.48 -27.86
N ALA B 160 -4.70 20.98 -28.21
CA ALA B 160 -4.83 21.94 -29.28
C ALA B 160 -4.04 23.19 -28.99
N ILE B 161 -4.15 23.68 -27.76
CA ILE B 161 -3.44 24.89 -27.36
C ILE B 161 -1.95 24.64 -27.36
N GLN B 162 -1.51 23.49 -26.88
CA GLN B 162 -0.07 23.16 -26.94
C GLN B 162 0.42 23.09 -28.41
N ILE B 163 -0.43 22.64 -29.32
CA ILE B 163 -0.06 22.55 -30.76
C ILE B 163 0.07 23.95 -31.37
N GLY B 164 -0.83 24.85 -30.99
CA GLY B 164 -0.76 26.27 -31.39
C GLY B 164 0.55 26.88 -30.91
N LEU B 165 0.82 26.80 -29.59
CA LEU B 165 2.12 27.26 -29.06
C LEU B 165 3.28 26.68 -29.87
N ILE B 166 3.26 25.38 -30.12
CA ILE B 166 4.35 24.77 -30.91
C ILE B 166 4.44 25.37 -32.31
N ASP B 167 3.29 25.64 -32.92
CA ASP B 167 3.24 26.26 -34.23
C ASP B 167 3.83 27.65 -34.20
N LEU B 168 3.47 28.47 -33.20
CA LEU B 168 4.03 29.79 -33.04
C LEU B 168 5.55 29.71 -32.91
N LEU B 169 6.05 28.81 -32.08
CA LEU B 169 7.52 28.69 -31.95
C LEU B 169 8.15 28.25 -33.27
N SER B 170 7.52 27.33 -33.99
CA SER B 170 8.12 26.82 -35.25
C SER B 170 8.12 27.92 -36.29
N CYS B 171 7.09 28.75 -36.23
CA CYS B 171 6.99 29.85 -37.19
C CYS B 171 8.12 30.89 -37.03
N MET B 172 8.89 30.83 -35.94
CA MET B 172 10.11 31.63 -35.83
C MET B 172 11.32 30.77 -35.96
N GLY B 173 11.14 29.56 -36.46
CA GLY B 173 12.25 28.69 -36.84
C GLY B 173 12.98 28.08 -35.68
N LEU B 174 12.29 27.94 -34.56
CA LEU B 174 12.83 27.35 -33.34
C LEU B 174 12.69 25.83 -33.35
N ARG B 175 13.79 25.12 -33.52
CA ARG B 175 13.81 23.66 -33.39
C ARG B 175 14.32 23.31 -32.00
N PRO B 176 13.55 22.50 -31.24
CA PRO B 176 14.05 22.08 -29.94
C PRO B 176 15.21 21.14 -30.01
N ASP B 177 16.16 21.31 -29.08
CA ASP B 177 17.22 20.35 -28.89
C ASP B 177 16.77 19.16 -28.05
N GLY B 178 15.76 19.38 -27.21
CA GLY B 178 15.17 18.31 -26.42
C GLY B 178 13.69 18.53 -26.19
N ILE B 179 12.96 17.45 -25.89
CA ILE B 179 11.51 17.49 -25.69
C ILE B 179 11.15 16.54 -24.55
N VAL B 180 10.24 16.99 -23.68
CA VAL B 180 9.84 16.20 -22.50
C VAL B 180 8.38 16.48 -22.14
N GLY B 181 7.59 15.43 -21.94
CA GLY B 181 6.15 15.58 -21.66
C GLY B 181 5.76 15.15 -20.26
N HIS B 182 4.55 15.55 -19.87
CA HIS B 182 3.96 15.16 -18.60
C HIS B 182 2.55 14.61 -18.86
N SER B 183 2.34 13.34 -18.56
CA SER B 183 1.08 12.65 -18.90
C SER B 183 0.62 13.02 -20.32
N LEU B 184 -0.54 13.64 -20.44
CA LEU B 184 -1.12 13.96 -21.73
C LEU B 184 -0.17 14.80 -22.59
N GLY B 185 0.66 15.62 -21.94
CA GLY B 185 1.70 16.38 -22.63
C GLY B 185 2.54 15.57 -23.61
N GLU B 186 2.66 14.29 -23.36
CA GLU B 186 3.43 13.44 -24.26
C GLU B 186 2.78 13.34 -25.66
N VAL B 187 1.47 13.65 -25.77
CA VAL B 187 0.84 13.74 -27.08
C VAL B 187 1.44 14.93 -27.88
N ALA B 188 1.31 16.15 -27.35
CA ALA B 188 1.98 17.33 -27.92
C ALA B 188 3.44 17.06 -28.26
N CYS B 189 4.16 16.36 -27.39
CA CYS B 189 5.56 16.04 -27.65
C CYS B 189 5.76 15.34 -29.00
N GLY B 190 4.84 14.44 -29.34
CA GLY B 190 4.92 13.73 -30.60
C GLY B 190 4.81 14.69 -31.77
N TYR B 191 3.89 15.65 -31.64
CA TYR B 191 3.74 16.68 -32.63
C TYR B 191 5.02 17.49 -32.76
N ALA B 192 5.55 17.95 -31.62
CA ALA B 192 6.79 18.75 -31.65
C ALA B 192 7.98 17.96 -32.16
N ASP B 193 7.96 16.64 -31.99
CA ASP B 193 9.07 15.81 -32.41
C ASP B 193 8.95 15.36 -33.87
N GLY B 194 7.79 15.58 -34.46
CA GLY B 194 7.54 15.14 -35.83
C GLY B 194 7.14 13.68 -35.95
N CYS B 195 6.72 13.06 -34.85
CA CYS B 195 6.21 11.67 -34.88
C CYS B 195 4.74 11.66 -35.28
N LEU B 196 3.98 12.56 -34.68
CA LEU B 196 2.56 12.62 -34.91
C LEU B 196 2.19 13.91 -35.62
N SER B 197 1.27 13.79 -36.57
CA SER B 197 0.68 14.96 -37.23
C SER B 197 -0.23 15.64 -36.25
N GLN B 198 -0.68 16.82 -36.61
CA GLN B 198 -1.65 17.56 -35.81
C GLN B 198 -2.91 16.73 -35.63
N GLU B 199 -3.40 16.14 -36.72
CA GLU B 199 -4.68 15.42 -36.66
C GLU B 199 -4.53 14.18 -35.77
N GLU B 200 -3.40 13.50 -35.92
CA GLU B 200 -3.11 12.32 -35.11
C GLU B 200 -3.07 12.72 -33.64
N ALA B 201 -2.35 13.80 -33.36
CA ALA B 201 -2.12 14.28 -31.98
C ALA B 201 -3.42 14.67 -31.31
N VAL B 202 -4.25 15.42 -32.02
CA VAL B 202 -5.50 15.89 -31.43
C VAL B 202 -6.45 14.72 -31.19
N LEU B 203 -6.54 13.81 -32.16
CA LEU B 203 -7.44 12.66 -32.03
C LEU B 203 -6.99 11.72 -30.91
N ALA B 204 -5.69 11.59 -30.70
CA ALA B 204 -5.17 10.86 -29.55
C ALA B 204 -5.71 11.48 -28.25
N ALA B 205 -5.69 12.81 -28.16
CA ALA B 205 -6.26 13.51 -27.00
C ALA B 205 -7.74 13.24 -26.89
N TYR B 206 -8.43 13.22 -28.04
CA TYR B 206 -9.88 12.98 -28.03
C TYR B 206 -10.23 11.61 -27.49
N TRP B 207 -9.61 10.59 -28.08
CA TRP B 207 -9.98 9.21 -27.72
C TRP B 207 -9.60 8.87 -26.29
N ARG B 208 -8.41 9.30 -25.89
CA ARG B 208 -7.98 9.21 -24.51
C ARG B 208 -9.08 9.72 -23.53
N GLY B 209 -9.64 10.89 -23.81
CA GLY B 209 -10.70 11.42 -22.99
C GLY B 209 -12.01 10.70 -23.17
N GLN B 210 -12.39 10.44 -24.41
CA GLN B 210 -13.68 9.80 -24.69
C GLN B 210 -13.75 8.38 -24.15
N CYS B 211 -12.68 7.62 -24.29
CA CYS B 211 -12.64 6.26 -23.72
C CYS B 211 -12.89 6.26 -22.20
N ILE B 212 -12.23 7.16 -21.49
CA ILE B 212 -12.43 7.30 -20.06
C ILE B 212 -13.88 7.66 -19.74
N LYS B 213 -14.35 8.73 -20.36
CA LYS B 213 -15.71 9.21 -20.16
C LYS B 213 -16.71 8.06 -20.21
N GLU B 214 -16.60 7.25 -21.26
CA GLU B 214 -17.47 6.08 -21.48
C GLU B 214 -17.30 4.98 -20.42
N ALA B 215 -16.08 4.86 -19.88
CA ALA B 215 -15.73 3.76 -18.99
C ALA B 215 -16.52 3.67 -17.68
N HIS B 216 -17.12 4.78 -17.22
CA HIS B 216 -17.80 4.85 -15.89
C HIS B 216 -17.14 3.97 -14.78
N LEU B 217 -15.94 4.41 -14.37
CA LEU B 217 -15.09 3.70 -13.40
C LEU B 217 -15.48 4.05 -11.97
N PRO B 218 -14.96 3.30 -10.97
CA PRO B 218 -15.19 3.70 -9.58
C PRO B 218 -14.56 5.05 -9.19
N PRO B 219 -15.05 5.68 -8.10
CA PRO B 219 -14.54 6.99 -7.69
C PRO B 219 -13.08 6.89 -7.21
N GLY B 220 -12.21 7.68 -7.85
CA GLY B 220 -10.78 7.72 -7.53
C GLY B 220 -10.35 9.09 -7.07
N ALA B 221 -9.07 9.20 -6.73
CA ALA B 221 -8.50 10.44 -6.28
C ALA B 221 -6.97 10.43 -6.39
N MET B 222 -6.39 11.60 -6.61
CA MET B 222 -4.95 11.75 -6.56
C MET B 222 -4.63 12.83 -5.54
N ALA B 223 -3.39 12.86 -5.04
CA ALA B 223 -2.97 13.89 -4.10
C ALA B 223 -1.48 14.22 -4.22
N ALA B 224 -1.15 15.51 -4.22
CA ALA B 224 0.23 15.95 -4.17
C ALA B 224 0.75 15.65 -2.79
N VAL B 225 1.95 15.09 -2.69
CA VAL B 225 2.48 14.65 -1.40
C VAL B 225 3.98 14.95 -1.28
N GLY B 226 4.39 15.34 -0.07
CA GLY B 226 5.74 15.82 0.19
C GLY B 226 6.70 14.72 0.58
N LEU B 227 6.58 13.57 -0.08
CA LEU B 227 7.47 12.44 0.12
C LEU B 227 8.28 12.17 -1.14
N SER B 228 9.30 11.35 -0.97
CA SER B 228 10.05 10.83 -2.10
C SER B 228 9.31 9.65 -2.72
N TRP B 229 9.74 9.29 -3.91
CA TRP B 229 9.21 8.18 -4.67
C TRP B 229 9.32 6.86 -3.89
N GLU B 230 10.53 6.51 -3.44
CA GLU B 230 10.77 5.27 -2.71
C GLU B 230 10.04 5.31 -1.36
N GLU B 231 10.03 6.49 -0.73
CA GLU B 231 9.34 6.73 0.54
C GLU B 231 7.84 6.53 0.38
N CYS B 232 7.29 6.99 -0.74
CA CYS B 232 5.89 6.72 -1.09
C CYS B 232 5.66 5.23 -1.23
N LYS B 233 6.47 4.60 -2.08
CA LYS B 233 6.34 3.16 -2.31
C LYS B 233 6.20 2.41 -0.99
N GLN B 234 7.09 2.70 -0.04
CA GLN B 234 7.06 2.05 1.27
C GLN B 234 5.84 2.45 2.11
N ARG B 235 5.59 3.76 2.22
CA ARG B 235 4.58 4.31 3.13
C ARG B 235 3.15 4.17 2.62
N CYS B 236 2.99 3.97 1.32
CA CYS B 236 1.67 3.95 0.68
C CYS B 236 0.77 2.84 1.18
N PRO B 237 -0.50 3.16 1.56
CA PRO B 237 -1.44 2.12 1.92
C PRO B 237 -1.83 1.31 0.69
N PRO B 238 -2.36 0.09 0.88
CA PRO B 238 -2.57 -0.77 -0.29
C PRO B 238 -3.63 -0.21 -1.22
N GLY B 239 -3.41 -0.34 -2.53
CA GLY B 239 -4.31 0.19 -3.54
C GLY B 239 -4.04 1.64 -3.90
N VAL B 240 -3.10 2.25 -3.20
CA VAL B 240 -2.68 3.60 -3.46
C VAL B 240 -1.24 3.52 -3.90
N VAL B 241 -0.94 4.21 -4.99
CA VAL B 241 0.34 4.06 -5.68
C VAL B 241 0.91 5.41 -6.01
N PRO B 242 2.25 5.52 -6.01
CA PRO B 242 2.90 6.72 -6.48
C PRO B 242 2.73 6.82 -8.01
N ALA B 243 2.34 8.00 -8.51
CA ALA B 243 1.78 8.12 -9.86
C ALA B 243 2.59 9.03 -10.80
O MCS B 244 4.57 12.19 -8.93
C MCS B 244 4.68 11.74 -10.05
CA MCS B 244 3.41 11.50 -10.92
N MCS B 244 2.78 10.30 -10.42
CB MCS B 244 2.32 12.65 -10.95
SAI MCS B 244 0.96 12.28 -12.15
CAK MCS B 244 -0.38 13.49 -12.51
OAC MCS B 244 -0.76 13.27 -13.64
CAG MCS B 244 -1.11 14.65 -11.66
CAJ MCS B 244 -2.62 15.09 -12.10
OAE MCS B 244 -3.15 14.55 -13.06
OAB MCS B 244 -3.25 16.00 -11.47
N HIS B 245 5.85 11.39 -10.58
CA HIS B 245 7.14 11.75 -9.97
C HIS B 245 7.65 13.09 -10.51
N ASN B 246 7.38 14.15 -9.77
CA ASN B 246 7.67 15.48 -10.23
C ASN B 246 9.03 16.05 -9.75
N SER B 247 9.42 15.72 -8.52
CA SER B 247 10.74 16.11 -8.00
C SER B 247 11.17 15.17 -6.88
N LYS B 248 12.41 15.30 -6.41
CA LYS B 248 12.98 14.40 -5.40
C LYS B 248 12.05 14.23 -4.19
N ASP B 249 11.33 15.30 -3.83
CA ASP B 249 10.34 15.24 -2.74
C ASP B 249 8.96 15.83 -3.12
N THR B 250 8.55 15.64 -4.37
CA THR B 250 7.14 15.84 -4.76
C THR B 250 6.64 14.71 -5.65
N VAL B 251 5.82 13.85 -5.05
CA VAL B 251 5.16 12.78 -5.73
C VAL B 251 3.66 13.01 -5.68
N THR B 252 2.96 12.81 -6.80
CA THR B 252 1.49 12.65 -6.73
C THR B 252 1.16 11.18 -6.65
N ILE B 253 0.40 10.82 -5.62
CA ILE B 253 -0.08 9.45 -5.47
C ILE B 253 -1.46 9.36 -6.10
N SER B 254 -1.87 8.14 -6.39
CA SER B 254 -3.13 7.90 -7.06
C SER B 254 -3.77 6.62 -6.52
N GLY B 255 -5.09 6.62 -6.45
CA GLY B 255 -5.84 5.44 -6.03
C GLY B 255 -7.32 5.69 -5.82
N PRO B 256 -8.01 4.76 -5.14
CA PRO B 256 -9.44 4.94 -4.84
C PRO B 256 -9.72 6.04 -3.83
N GLN B 257 -10.92 6.60 -3.97
CA GLN B 257 -11.34 7.79 -3.23
C GLN B 257 -11.14 7.67 -1.72
N ALA B 258 -11.59 6.54 -1.16
CA ALA B 258 -11.55 6.27 0.28
C ALA B 258 -10.13 6.05 0.82
N PRO B 259 -9.43 4.99 0.37
CA PRO B 259 -8.04 4.77 0.82
C PRO B 259 -7.11 5.98 0.67
N VAL B 260 -7.28 6.73 -0.41
CA VAL B 260 -6.49 7.93 -0.68
C VAL B 260 -6.83 9.04 0.31
N PHE B 261 -8.12 9.29 0.50
CA PHE B 261 -8.57 10.28 1.47
C PHE B 261 -8.06 9.89 2.86
N GLU B 262 -8.30 8.65 3.25
CA GLU B 262 -7.82 8.14 4.53
C GLU B 262 -6.32 8.32 4.66
N PHE B 263 -5.61 8.16 3.56
CA PHE B 263 -4.18 8.29 3.58
C PHE B 263 -3.72 9.74 3.68
N VAL B 264 -4.43 10.64 3.01
CA VAL B 264 -4.18 12.07 3.16
C VAL B 264 -4.34 12.40 4.65
N GLU B 265 -5.52 12.12 5.20
CA GLU B 265 -5.84 12.42 6.59
C GLU B 265 -4.78 11.88 7.56
N GLN B 266 -4.20 10.73 7.26
CA GLN B 266 -3.19 10.11 8.14
C GLN B 266 -1.84 10.85 8.09
N LEU B 267 -1.36 11.11 6.88
CA LEU B 267 -0.09 11.82 6.66
C LEU B 267 -0.12 13.25 7.24
N ARG B 268 -1.28 13.90 7.07
CA ARG B 268 -1.52 15.22 7.63
C ARG B 268 -1.23 15.24 9.12
N LYS B 269 -1.79 14.26 9.82
CA LYS B 269 -1.52 14.07 11.24
C LYS B 269 -0.01 14.09 11.58
N GLU B 270 0.81 13.60 10.66
CA GLU B 270 2.26 13.44 10.89
C GLU B 270 3.11 14.64 10.51
N GLY B 271 2.46 15.71 10.02
CA GLY B 271 3.15 16.91 9.54
C GLY B 271 3.34 16.92 8.03
N VAL B 272 3.33 15.73 7.43
CA VAL B 272 3.69 15.54 6.02
C VAL B 272 2.64 16.14 5.06
N PHE B 273 3.05 17.18 4.35
CA PHE B 273 2.20 17.82 3.33
C PHE B 273 1.51 16.77 2.45
N ALA B 274 0.19 16.83 2.42
CA ALA B 274 -0.63 16.00 1.55
C ALA B 274 -1.87 16.79 1.18
N LYS B 275 -2.10 16.99 -0.11
CA LYS B 275 -3.25 17.78 -0.59
C LYS B 275 -3.93 17.02 -1.72
N GLU B 276 -5.24 16.85 -1.61
CA GLU B 276 -6.01 16.20 -2.66
C GLU B 276 -6.05 17.11 -3.87
N VAL B 277 -5.72 16.58 -5.03
CA VAL B 277 -5.83 17.34 -6.26
C VAL B 277 -7.11 16.93 -6.95
N ARG B 278 -7.74 17.91 -7.60
CA ARG B 278 -8.96 17.72 -8.36
C ARG B 278 -8.64 17.02 -9.69
N THR B 279 -9.09 15.77 -9.84
CA THR B 279 -8.84 14.93 -11.02
C THR B 279 -10.15 14.57 -11.70
N GLY B 280 -11.20 15.30 -11.33
CA GLY B 280 -12.54 14.94 -11.75
C GLY B 280 -12.91 13.54 -11.28
N GLY B 281 -12.45 13.18 -10.09
CA GLY B 281 -12.74 11.86 -9.51
C GLY B 281 -11.95 10.73 -10.11
N MET B 282 -10.91 11.03 -10.89
CA MET B 282 -10.19 9.98 -11.60
C MET B 282 -8.84 9.70 -10.91
N ALA B 283 -8.41 8.45 -10.98
CA ALA B 283 -7.16 8.02 -10.38
C ALA B 283 -6.22 7.65 -11.51
N PHE B 284 -5.66 8.69 -12.12
CA PHE B 284 -4.88 8.54 -13.34
C PHE B 284 -3.55 7.87 -13.07
N HIS B 285 -2.94 7.37 -14.13
CA HIS B 285 -1.60 6.79 -14.06
C HIS B 285 -1.49 5.79 -12.93
N SER B 286 -2.42 4.84 -12.97
CA SER B 286 -2.51 3.76 -12.01
C SER B 286 -3.26 2.60 -12.67
N TYR B 287 -3.38 1.51 -11.92
CA TYR B 287 -4.11 0.33 -12.33
C TYR B 287 -5.58 0.62 -12.72
N PHE B 288 -6.18 1.64 -12.10
CA PHE B 288 -7.56 2.06 -12.42
C PHE B 288 -7.77 2.27 -13.91
N MET B 289 -6.68 2.53 -14.63
CA MET B 289 -6.73 2.90 -16.04
C MET B 289 -6.60 1.72 -16.98
N GLU B 290 -6.28 0.53 -16.45
CA GLU B 290 -6.10 -0.66 -17.30
C GLU B 290 -7.38 -1.07 -18.03
N ALA B 291 -8.53 -0.76 -17.44
CA ALA B 291 -9.83 -1.00 -18.08
C ALA B 291 -10.02 -0.22 -19.38
N ILE B 292 -9.21 0.81 -19.58
CA ILE B 292 -9.38 1.76 -20.67
C ILE B 292 -8.41 1.47 -21.82
N ALA B 293 -7.45 0.57 -21.58
CA ALA B 293 -6.42 0.24 -22.55
C ALA B 293 -6.98 -0.45 -23.81
N PRO B 294 -7.70 -1.57 -23.65
CA PRO B 294 -8.24 -2.27 -24.83
C PRO B 294 -9.06 -1.39 -25.79
N PRO B 295 -10.05 -0.62 -25.27
CA PRO B 295 -10.78 0.27 -26.19
C PRO B 295 -9.90 1.36 -26.82
N LEU B 296 -9.07 2.01 -26.02
CA LEU B 296 -8.22 3.09 -26.50
C LEU B 296 -7.24 2.57 -27.54
N LEU B 297 -6.63 1.43 -27.26
CA LEU B 297 -5.67 0.81 -28.16
C LEU B 297 -6.32 0.49 -29.52
N GLN B 298 -7.59 0.10 -29.47
CA GLN B 298 -8.34 -0.18 -30.69
C GLN B 298 -8.53 1.10 -31.49
N GLU B 299 -8.94 2.18 -30.83
CA GLU B 299 -9.25 3.44 -31.53
C GLU B 299 -7.99 4.11 -32.07
N LEU B 300 -6.94 4.12 -31.25
CA LEU B 300 -5.67 4.73 -31.62
C LEU B 300 -4.94 3.93 -32.69
N LYS B 301 -5.19 2.63 -32.75
CA LYS B 301 -4.62 1.81 -33.82
C LYS B 301 -5.10 2.31 -35.19
N LYS B 302 -6.34 2.83 -35.23
CA LYS B 302 -6.93 3.37 -36.45
C LYS B 302 -6.43 4.79 -36.72
N VAL B 303 -6.17 5.52 -35.64
CA VAL B 303 -5.71 6.90 -35.73
C VAL B 303 -4.22 6.97 -36.15
N ILE B 304 -3.34 6.32 -35.39
CA ILE B 304 -1.91 6.35 -35.67
C ILE B 304 -1.49 5.11 -36.45
N ARG B 305 -1.80 5.12 -37.75
CA ARG B 305 -1.36 4.07 -38.66
C ARG B 305 0.08 4.41 -39.03
N GLU B 306 0.90 3.38 -39.27
CA GLU B 306 2.32 3.57 -39.61
C GLU B 306 3.07 4.47 -38.61
N PRO B 307 3.23 3.99 -37.36
CA PRO B 307 3.87 4.80 -36.32
C PRO B 307 5.30 5.18 -36.65
N LYS B 308 5.59 6.48 -36.58
CA LYS B 308 6.92 7.03 -36.87
C LYS B 308 7.75 7.00 -35.59
N PRO B 309 9.09 6.97 -35.75
CA PRO B 309 9.93 6.74 -34.60
C PRO B 309 10.13 8.03 -33.82
N ARG B 310 10.27 7.91 -32.51
CA ARG B 310 10.63 9.03 -31.66
C ARG B 310 12.09 9.32 -31.86
N SER B 311 12.44 10.60 -31.92
CA SER B 311 13.84 11.00 -32.03
C SER B 311 14.54 10.90 -30.69
N ALA B 312 15.87 11.00 -30.72
CA ALA B 312 16.66 10.96 -29.50
C ALA B 312 16.52 12.24 -28.66
N ARG B 313 15.89 13.28 -29.23
CA ARG B 313 15.62 14.53 -28.50
C ARG B 313 14.51 14.35 -27.45
N TRP B 314 13.59 13.44 -27.73
CA TRP B 314 12.41 13.28 -26.93
C TRP B 314 12.70 12.24 -25.88
N LEU B 315 12.86 12.68 -24.64
CA LEU B 315 12.99 11.74 -23.51
C LEU B 315 11.60 11.36 -22.98
N SER B 316 11.36 10.05 -22.87
CA SER B 316 10.08 9.53 -22.44
C SER B 316 9.91 9.66 -20.93
N THR B 317 8.71 10.02 -20.52
CA THR B 317 8.35 10.02 -19.11
C THR B 317 7.39 8.87 -18.80
N SER B 318 6.98 8.10 -19.81
CA SER B 318 6.12 6.93 -19.61
C SER B 318 6.91 5.61 -19.57
N ILE B 319 8.15 5.61 -20.05
CA ILE B 319 8.97 4.40 -20.16
C ILE B 319 10.31 4.63 -19.46
N PRO B 320 10.65 3.83 -18.42
CA PRO B 320 11.96 4.02 -17.79
C PRO B 320 13.15 3.99 -18.73
N GLU B 321 14.18 4.76 -18.37
CA GLU B 321 15.41 4.91 -19.14
C GLU B 321 16.02 3.56 -19.57
N ALA B 322 16.17 2.66 -18.62
CA ALA B 322 16.66 1.29 -18.87
C ALA B 322 15.98 0.68 -20.09
N GLN B 323 14.70 1.04 -20.28
CA GLN B 323 13.88 0.52 -21.37
C GLN B 323 13.65 1.50 -22.53
N TRP B 324 14.49 2.54 -22.63
CA TRP B 324 14.37 3.51 -23.73
C TRP B 324 14.75 2.89 -25.08
N HIS B 325 15.53 1.80 -25.05
CA HIS B 325 15.86 1.06 -26.25
C HIS B 325 15.01 -0.21 -26.34
N SER B 326 13.69 -0.03 -26.43
CA SER B 326 12.73 -1.12 -26.63
C SER B 326 11.74 -0.75 -27.72
N SER B 327 11.00 -1.74 -28.21
CA SER B 327 10.10 -1.56 -29.35
C SER B 327 8.98 -0.58 -29.01
N LEU B 328 8.45 -0.68 -27.79
CA LEU B 328 7.41 0.23 -27.31
C LEU B 328 7.91 1.68 -27.39
N ALA B 329 9.10 1.89 -26.82
CA ALA B 329 9.77 3.18 -26.80
C ALA B 329 10.25 3.65 -28.17
N ARG B 330 10.42 2.75 -29.14
CA ARG B 330 10.97 3.11 -30.44
C ARG B 330 10.13 4.17 -31.18
N THR B 331 8.81 4.07 -31.07
CA THR B 331 7.89 4.94 -31.82
C THR B 331 6.75 5.46 -30.94
N SER B 332 6.09 6.52 -31.39
CA SER B 332 4.92 7.03 -30.67
C SER B 332 3.66 6.31 -31.17
N SER B 333 3.63 5.00 -30.91
CA SER B 333 2.56 4.14 -31.39
C SER B 333 1.28 4.36 -30.58
N ALA B 334 0.20 3.75 -31.03
CA ALA B 334 -1.03 3.68 -30.24
C ALA B 334 -0.74 2.92 -28.93
N GLU B 335 0.23 2.00 -29.00
CA GLU B 335 0.74 1.28 -27.81
C GLU B 335 1.46 2.20 -26.83
N TYR B 336 2.36 3.04 -27.34
CA TYR B 336 3.13 4.00 -26.53
C TYR B 336 2.21 4.90 -25.74
N ASN B 337 1.19 5.39 -26.44
CA ASN B 337 0.19 6.26 -25.88
C ASN B 337 -0.65 5.60 -24.80
N VAL B 338 -1.02 4.33 -25.01
CA VAL B 338 -1.80 3.61 -24.00
C VAL B 338 -0.95 3.32 -22.77
N ASN B 339 0.31 3.01 -23.01
CA ASN B 339 1.25 2.78 -21.92
C ASN B 339 1.39 4.04 -21.07
N ASN B 340 1.44 5.20 -21.71
CA ASN B 340 1.49 6.47 -20.98
C ASN B 340 0.33 6.59 -20.00
N LEU B 341 -0.89 6.28 -20.44
CA LEU B 341 -2.10 6.52 -19.67
C LEU B 341 -2.10 5.68 -18.39
N VAL B 342 -1.55 4.49 -18.52
CA VAL B 342 -1.57 3.47 -17.48
C VAL B 342 -0.35 3.52 -16.56
N SER B 343 0.78 3.94 -17.10
CA SER B 343 2.03 3.98 -16.38
C SER B 343 2.23 5.30 -15.61
N PRO B 344 3.12 5.29 -14.60
CA PRO B 344 3.41 6.53 -13.90
C PRO B 344 4.18 7.51 -14.75
N VAL B 345 4.17 8.77 -14.30
CA VAL B 345 4.82 9.87 -15.00
C VAL B 345 6.19 10.00 -14.39
N LEU B 346 7.19 9.50 -15.12
CA LEU B 346 8.58 9.55 -14.70
C LEU B 346 9.20 10.88 -15.15
N PHE B 347 8.76 11.96 -14.53
CA PHE B 347 9.12 13.30 -14.97
C PHE B 347 10.47 13.74 -14.44
N GLN B 348 10.64 13.70 -13.12
CA GLN B 348 11.93 14.07 -12.51
C GLN B 348 13.12 13.38 -13.18
N GLU B 349 12.96 12.09 -13.46
CA GLU B 349 14.06 11.30 -14.03
C GLU B 349 14.40 11.74 -15.44
N ALA B 350 13.42 12.26 -16.17
CA ALA B 350 13.68 12.85 -17.47
C ALA B 350 14.42 14.19 -17.32
N LEU B 351 13.99 15.00 -16.37
CA LEU B 351 14.62 16.30 -16.12
C LEU B 351 16.08 16.14 -15.73
N TRP B 352 16.43 15.05 -15.05
CA TRP B 352 17.84 14.80 -14.67
C TRP B 352 18.76 14.98 -15.89
N HIS B 353 18.25 14.65 -17.08
CA HIS B 353 19.05 14.68 -18.30
C HIS B 353 19.22 16.06 -18.93
N VAL B 354 18.37 17.02 -18.56
CA VAL B 354 18.47 18.35 -19.18
C VAL B 354 19.81 18.99 -18.76
N PRO B 355 20.63 19.42 -19.75
CA PRO B 355 22.00 19.90 -19.50
C PRO B 355 22.09 21.27 -18.83
N GLU B 356 23.31 21.67 -18.52
CA GLU B 356 23.61 22.72 -17.56
C GLU B 356 23.05 24.10 -17.86
N HIS B 357 23.10 24.53 -19.13
CA HIS B 357 22.68 25.88 -19.43
C HIS B 357 21.44 25.93 -20.28
N ALA B 358 20.52 24.98 -20.09
CA ALA B 358 19.35 24.88 -20.95
C ALA B 358 18.41 26.07 -20.84
N VAL B 359 17.75 26.39 -21.95
CA VAL B 359 16.63 27.34 -21.95
C VAL B 359 15.40 26.51 -22.17
N VAL B 360 14.48 26.55 -21.20
CA VAL B 360 13.40 25.58 -21.10
C VAL B 360 12.06 26.33 -21.18
N LEU B 361 11.22 25.94 -22.14
CA LEU B 361 9.96 26.60 -22.41
C LEU B 361 8.82 25.71 -21.99
N GLU B 362 7.98 26.19 -21.09
CA GLU B 362 6.86 25.40 -20.69
C GLU B 362 5.71 25.58 -21.68
N ILE B 363 5.30 24.48 -22.30
CA ILE B 363 4.30 24.52 -23.34
C ILE B 363 3.03 24.03 -22.74
N ALA B 364 2.15 24.97 -22.41
CA ALA B 364 0.95 24.67 -21.67
C ALA B 364 0.09 25.91 -21.69
N PRO B 365 -1.24 25.74 -21.64
CA PRO B 365 -2.12 26.85 -21.48
C PRO B 365 -2.01 27.55 -20.11
N HIS B 366 -1.40 26.89 -19.14
CA HIS B 366 -0.99 27.54 -17.89
C HIS B 366 0.25 26.84 -17.40
N ALA B 367 1.28 27.62 -17.12
CA ALA B 367 2.60 27.08 -16.87
C ALA B 367 2.68 26.53 -15.44
N LEU B 368 2.02 25.39 -15.23
CA LEU B 368 1.80 24.82 -13.92
C LEU B 368 3.08 24.16 -13.34
N LEU B 369 3.96 23.68 -14.21
CA LEU B 369 5.17 22.99 -13.77
C LEU B 369 6.33 23.95 -13.46
N GLN B 370 6.15 25.25 -13.62
CA GLN B 370 7.20 26.23 -13.35
C GLN B 370 7.95 25.91 -12.05
N ALA B 371 7.20 25.79 -10.96
CA ALA B 371 7.78 25.58 -9.64
C ALA B 371 8.55 24.27 -9.61
N VAL B 372 7.90 23.19 -10.01
CA VAL B 372 8.53 21.88 -10.08
C VAL B 372 9.81 21.90 -10.91
N LEU B 373 9.81 22.62 -12.03
CA LEU B 373 10.98 22.73 -12.92
C LEU B 373 12.13 23.50 -12.29
N LYS B 374 11.81 24.60 -11.61
CA LYS B 374 12.83 25.39 -10.91
C LYS B 374 13.56 24.47 -9.92
N ARG B 375 12.81 23.67 -9.17
CA ARG B 375 13.40 22.70 -8.22
C ARG B 375 14.15 21.56 -8.91
N GLY B 376 13.61 21.07 -10.02
CA GLY B 376 14.11 19.85 -10.67
C GLY B 376 15.20 19.98 -11.72
N LEU B 377 15.30 21.11 -12.40
CA LEU B 377 16.33 21.31 -13.42
C LEU B 377 17.54 21.99 -12.79
N LYS B 378 18.75 21.64 -13.23
CA LYS B 378 19.95 22.25 -12.64
C LYS B 378 19.89 23.78 -12.79
N PRO B 379 20.40 24.50 -11.77
CA PRO B 379 20.06 25.93 -11.53
C PRO B 379 20.57 26.93 -12.56
N SER B 380 21.50 26.50 -13.41
CA SER B 380 22.00 27.34 -14.48
C SER B 380 21.06 27.39 -15.68
N CYS B 381 19.86 26.84 -15.49
CA CYS B 381 18.79 26.84 -16.49
C CYS B 381 17.87 28.05 -16.39
N THR B 382 17.38 28.46 -17.55
CA THR B 382 16.40 29.52 -17.66
C THR B 382 15.08 28.84 -17.96
N ILE B 383 14.05 29.15 -17.19
CA ILE B 383 12.75 28.53 -17.36
C ILE B 383 11.75 29.62 -17.73
N ILE B 384 11.10 29.43 -18.88
CA ILE B 384 10.24 30.45 -19.47
C ILE B 384 8.84 29.86 -19.65
N PRO B 385 7.84 30.52 -19.05
CA PRO B 385 6.47 30.15 -19.25
C PRO B 385 5.92 30.89 -20.46
N LEU B 386 4.85 30.39 -21.06
CA LEU B 386 4.28 31.06 -22.23
C LEU B 386 2.88 31.49 -22.07
N MET B 387 2.12 30.86 -21.18
CA MET B 387 0.76 31.32 -20.83
C MET B 387 0.53 31.21 -19.32
N LYS B 388 -0.40 32.02 -18.82
CA LYS B 388 -0.73 32.05 -17.41
C LYS B 388 -2.25 32.06 -17.24
N LYS B 389 -2.75 31.23 -16.32
CA LYS B 389 -4.15 31.13 -15.94
C LYS B 389 -4.68 32.53 -15.68
N ASP B 390 -5.77 32.86 -16.35
CA ASP B 390 -6.54 34.07 -16.07
C ASP B 390 -5.78 35.38 -16.30
N HIS B 391 -4.64 35.32 -16.99
CA HIS B 391 -3.85 36.52 -17.27
C HIS B 391 -4.71 37.50 -18.05
N ARG B 392 -4.57 38.80 -17.75
CA ARG B 392 -5.31 39.87 -18.44
C ARG B 392 -5.11 39.81 -19.96
N ASP B 393 -3.91 39.38 -20.38
CA ASP B 393 -3.52 39.40 -21.78
C ASP B 393 -2.35 38.45 -22.04
N ASN B 394 -2.67 37.25 -22.48
CA ASN B 394 -1.65 36.23 -22.69
C ASN B 394 -0.79 36.47 -23.90
N LEU B 395 -1.22 37.35 -24.80
CA LEU B 395 -0.36 37.74 -25.93
C LEU B 395 0.79 38.60 -25.44
N GLU B 396 0.51 39.47 -24.47
CA GLU B 396 1.57 40.21 -23.78
C GLU B 396 2.51 39.24 -23.09
N PHE B 397 1.95 38.28 -22.37
CA PHE B 397 2.73 37.36 -21.56
C PHE B 397 3.56 36.46 -22.46
N PHE B 398 2.93 35.98 -23.53
CA PHE B 398 3.62 35.12 -24.49
C PHE B 398 4.83 35.82 -25.05
N LEU B 399 4.61 37.05 -25.53
CA LEU B 399 5.67 37.85 -26.15
C LEU B 399 6.77 38.21 -25.17
N ALA B 400 6.40 38.52 -23.92
CA ALA B 400 7.43 38.75 -22.90
C ALA B 400 8.33 37.53 -22.85
N GLY B 401 7.74 36.35 -22.94
CA GLY B 401 8.52 35.12 -22.87
C GLY B 401 9.41 34.96 -24.07
N ILE B 402 8.87 35.28 -25.23
CA ILE B 402 9.67 35.28 -26.45
C ILE B 402 10.78 36.32 -26.35
N GLY B 403 10.48 37.44 -25.71
CA GLY B 403 11.52 38.42 -25.39
C GLY B 403 12.66 37.82 -24.59
N ARG B 404 12.34 36.97 -23.62
CA ARG B 404 13.33 36.37 -22.74
C ARG B 404 14.23 35.38 -23.45
N LEU B 405 13.74 34.80 -24.54
CA LEU B 405 14.59 33.96 -25.39
C LEU B 405 15.70 34.78 -25.96
N HIS B 406 15.39 35.98 -26.39
CA HIS B 406 16.41 36.92 -26.86
C HIS B 406 17.43 37.11 -25.77
N LEU B 407 16.96 37.54 -24.60
CA LEU B 407 17.83 37.83 -23.47
C LEU B 407 18.73 36.66 -23.12
N SER B 408 18.27 35.45 -23.39
CA SER B 408 19.04 34.27 -23.02
C SER B 408 19.88 33.72 -24.17
N GLY B 409 19.94 34.44 -25.27
CA GLY B 409 20.81 34.06 -26.38
C GLY B 409 20.19 33.33 -27.55
N ILE B 410 18.87 33.12 -27.52
CA ILE B 410 18.18 32.37 -28.59
C ILE B 410 17.63 33.34 -29.64
N ASP B 411 17.82 33.01 -30.92
CA ASP B 411 17.37 33.86 -32.01
C ASP B 411 15.91 33.53 -32.35
N ALA B 412 15.00 34.38 -31.88
CA ALA B 412 13.58 34.21 -32.16
C ALA B 412 13.00 35.54 -32.59
N ASN B 413 12.84 35.70 -33.90
CA ASN B 413 12.36 36.96 -34.46
C ASN B 413 10.85 36.97 -34.51
N PRO B 414 10.20 37.86 -33.71
CA PRO B 414 8.75 37.89 -33.60
C PRO B 414 8.02 38.43 -34.85
N ASN B 415 8.77 38.97 -35.80
CA ASN B 415 8.18 39.45 -37.06
C ASN B 415 7.33 38.36 -37.67
N ALA B 416 7.80 37.13 -37.57
CA ALA B 416 7.09 36.00 -38.13
C ALA B 416 5.67 35.88 -37.60
N LEU B 417 5.48 36.18 -36.33
CA LEU B 417 4.17 36.01 -35.69
C LEU B 417 3.10 36.89 -36.25
N PHE B 418 3.52 37.97 -36.91
CA PHE B 418 2.62 39.06 -37.26
C PHE B 418 2.52 39.24 -38.77
N PRO B 419 1.45 39.94 -39.20
CA PRO B 419 1.29 40.18 -40.61
C PRO B 419 2.47 40.97 -41.16
N PRO B 420 2.88 40.68 -42.40
CA PRO B 420 4.08 41.25 -43.02
C PRO B 420 3.92 42.75 -43.29
N VAL B 421 5.04 43.47 -43.38
CA VAL B 421 5.04 44.90 -43.68
C VAL B 421 5.36 45.14 -45.17
N GLU B 422 5.59 44.05 -45.90
CA GLU B 422 5.86 44.09 -47.33
C GLU B 422 5.24 42.86 -47.97
N PHE B 423 5.01 42.94 -49.27
CA PHE B 423 4.69 41.75 -50.04
C PHE B 423 6.02 41.06 -50.37
N PRO B 424 5.99 39.74 -50.68
CA PRO B 424 7.16 39.10 -51.29
C PRO B 424 7.13 39.18 -52.83
N GLN C 21 -40.69 -45.00 9.85
CA GLN C 21 -39.53 -44.85 10.75
C GLN C 21 -39.27 -43.35 11.03
N SER C 22 -39.14 -43.00 12.31
CA SER C 22 -38.81 -41.63 12.73
C SER C 22 -37.45 -41.59 13.42
N MET C 23 -36.59 -40.74 12.88
CA MET C 23 -35.20 -40.59 13.31
C MET C 23 -35.05 -39.73 14.57
N ARG C 24 -34.28 -40.22 15.54
CA ARG C 24 -33.94 -39.45 16.75
C ARG C 24 -32.48 -39.61 17.09
N LEU C 25 -31.96 -38.67 17.89
CA LEU C 25 -30.62 -38.79 18.46
C LEU C 25 -30.81 -39.34 19.86
N LEU C 26 -30.04 -40.37 20.20
CA LEU C 26 -29.99 -40.87 21.55
C LEU C 26 -28.61 -40.60 22.11
N ARG C 27 -28.57 -39.90 23.24
CA ARG C 27 -27.32 -39.68 23.98
C ARG C 27 -27.33 -40.51 25.26
N ALA C 28 -26.16 -41.03 25.63
CA ALA C 28 -26.02 -41.94 26.77
C ALA C 28 -24.83 -41.51 27.63
N SER C 29 -24.89 -41.85 28.92
CA SER C 29 -23.81 -41.52 29.85
C SER C 29 -23.59 -42.80 30.68
N GLY C 30 -22.33 -43.21 30.76
CA GLY C 30 -21.95 -44.52 31.30
C GLY C 30 -20.73 -44.54 32.21
N ARG C 31 -20.51 -45.71 32.83
CA ARG C 31 -19.37 -45.95 33.72
C ARG C 31 -18.20 -46.58 32.95
N THR C 32 -18.53 -47.47 32.02
CA THR C 32 -17.55 -48.02 31.09
C THR C 32 -18.02 -47.78 29.65
N PRO C 33 -17.11 -47.90 28.67
CA PRO C 33 -17.58 -47.82 27.29
C PRO C 33 -18.60 -48.92 27.01
N GLU C 34 -18.41 -50.06 27.66
CA GLU C 34 -19.29 -51.20 27.55
C GLU C 34 -20.68 -50.88 28.07
N ALA C 35 -20.75 -50.13 29.18
CA ALA C 35 -22.03 -49.63 29.67
C ALA C 35 -22.71 -48.82 28.60
N VAL C 36 -21.99 -47.81 28.10
CA VAL C 36 -22.53 -46.93 27.09
C VAL C 36 -23.07 -47.75 25.92
N GLN C 37 -22.23 -48.64 25.41
CA GLN C 37 -22.63 -49.48 24.30
C GLN C 37 -23.95 -50.20 24.56
N LYS C 38 -24.09 -50.80 25.75
CA LYS C 38 -25.29 -51.54 26.11
C LYS C 38 -26.53 -50.64 26.15
N LEU C 39 -26.35 -49.38 26.54
CA LEU C 39 -27.49 -48.46 26.63
C LEU C 39 -27.90 -48.02 25.22
N LEU C 40 -26.90 -47.77 24.38
CA LEU C 40 -27.20 -47.39 23.01
C LEU C 40 -27.93 -48.53 22.33
N GLU C 41 -27.52 -49.76 22.61
CA GLU C 41 -28.21 -50.93 22.10
C GLU C 41 -29.66 -51.03 22.62
N GLN C 42 -29.93 -50.80 23.91
CA GLN C 42 -31.31 -50.94 24.34
C GLN C 42 -32.17 -49.89 23.64
N GLY C 43 -31.60 -48.71 23.40
CA GLY C 43 -32.29 -47.69 22.63
C GLY C 43 -32.48 -48.10 21.17
N LEU C 44 -31.46 -48.74 20.62
CA LEU C 44 -31.59 -49.22 19.25
C LEU C 44 -32.71 -50.24 19.19
N ARG C 45 -32.81 -51.11 20.19
CA ARG C 45 -33.84 -52.16 20.15
C ARG C 45 -35.22 -51.60 20.41
N HIS C 46 -35.33 -50.36 20.85
CA HIS C 46 -36.62 -49.73 21.07
C HIS C 46 -36.68 -48.40 20.36
N SER C 47 -36.03 -48.35 19.20
CA SER C 47 -35.93 -47.15 18.38
C SER C 47 -37.25 -46.44 18.12
N GLN C 48 -38.33 -47.20 18.04
CA GLN C 48 -39.61 -46.62 17.67
C GLN C 48 -40.42 -46.17 18.89
N ASP C 49 -39.90 -46.41 20.09
CA ASP C 49 -40.59 -45.99 21.31
C ASP C 49 -40.05 -44.62 21.70
N LEU C 50 -40.76 -43.58 21.28
CA LEU C 50 -40.24 -42.22 21.42
C LEU C 50 -40.26 -41.78 22.87
N ALA C 51 -41.32 -42.13 23.61
CA ALA C 51 -41.41 -41.83 25.04
C ALA C 51 -40.24 -42.44 25.78
N PHE C 52 -39.85 -43.65 25.38
CA PHE C 52 -38.71 -44.30 26.00
C PHE C 52 -37.44 -43.53 25.66
N LEU C 53 -37.22 -43.25 24.39
CA LEU C 53 -35.98 -42.56 23.98
C LEU C 53 -35.88 -41.17 24.60
N SER C 54 -37.02 -40.49 24.68
CA SER C 54 -37.09 -39.17 25.31
C SER C 54 -36.59 -39.25 26.74
N MET C 55 -37.02 -40.30 27.43
CA MET C 55 -36.67 -40.52 28.83
C MET C 55 -35.19 -40.82 28.98
N LEU C 56 -34.64 -41.65 28.10
CA LEU C 56 -33.21 -41.92 28.14
C LEU C 56 -32.41 -40.65 27.92
N ASN C 57 -32.93 -39.74 27.10
CA ASN C 57 -32.17 -38.52 26.78
C ASN C 57 -32.14 -37.61 28.03
N ASP C 58 -33.29 -37.40 28.65
CA ASP C 58 -33.33 -36.67 29.91
C ASP C 58 -32.32 -37.21 30.94
N ILE C 59 -32.14 -38.53 30.98
CA ILE C 59 -31.23 -39.21 31.94
C ILE C 59 -29.76 -38.90 31.72
N ALA C 60 -29.37 -38.77 30.44
CA ALA C 60 -27.96 -38.61 30.05
C ALA C 60 -27.31 -37.35 30.64
N ALA C 61 -28.14 -36.40 31.06
CA ALA C 61 -27.68 -35.17 31.71
C ALA C 61 -27.09 -35.48 33.09
N VAL C 62 -25.89 -36.05 33.09
CA VAL C 62 -25.19 -36.48 34.29
C VAL C 62 -23.74 -36.03 34.19
N PRO C 63 -23.28 -35.15 35.11
CA PRO C 63 -21.91 -34.61 35.01
C PRO C 63 -20.83 -35.69 34.86
N ALA C 64 -19.78 -35.38 34.12
CA ALA C 64 -18.64 -36.29 33.92
C ALA C 64 -18.03 -36.73 35.23
N THR C 65 -17.99 -35.81 36.18
CA THR C 65 -17.65 -36.12 37.57
C THR C 65 -18.28 -37.43 38.02
N ALA C 66 -19.61 -37.52 37.87
CA ALA C 66 -20.38 -38.69 38.30
C ALA C 66 -20.27 -39.83 37.27
N MET C 67 -20.47 -39.53 35.98
CA MET C 67 -20.39 -40.56 34.90
C MET C 67 -19.49 -40.11 33.75
N PRO C 68 -18.23 -40.59 33.77
CA PRO C 68 -17.13 -40.09 32.94
C PRO C 68 -17.11 -40.63 31.49
N PHE C 69 -18.05 -41.51 31.15
CA PHE C 69 -18.17 -41.98 29.76
C PHE C 69 -19.50 -41.60 29.12
N ARG C 70 -19.42 -41.10 27.90
CA ARG C 70 -20.58 -40.63 27.17
C ARG C 70 -20.59 -41.25 25.76
N GLY C 71 -21.79 -41.34 25.19
CA GLY C 71 -21.94 -41.85 23.83
C GLY C 71 -23.18 -41.28 23.16
N TYR C 72 -23.25 -41.46 21.84
CA TYR C 72 -24.47 -41.13 21.09
C TYR C 72 -24.65 -42.12 19.92
N ALA C 73 -25.89 -42.20 19.47
CA ALA C 73 -26.28 -42.94 18.29
C ALA C 73 -27.43 -42.19 17.61
N VAL C 74 -27.37 -42.01 16.30
CA VAL C 74 -28.52 -41.48 15.55
C VAL C 74 -29.34 -42.69 15.06
N LEU C 75 -30.49 -42.88 15.69
CA LEU C 75 -31.36 -44.00 15.40
C LEU C 75 -32.20 -43.67 14.18
N GLY C 76 -32.29 -44.62 13.24
CA GLY C 76 -32.70 -44.33 11.85
C GLY C 76 -31.49 -43.94 11.01
N GLY C 77 -31.61 -44.05 9.69
CA GLY C 77 -30.57 -43.54 8.80
C GLY C 77 -29.29 -44.35 8.67
N GLU C 78 -28.57 -44.09 7.58
CA GLU C 78 -27.46 -44.94 7.12
C GLU C 78 -26.25 -44.90 8.06
N ARG C 79 -25.52 -43.78 8.07
CA ARG C 79 -24.37 -43.61 8.96
C ARG C 79 -24.82 -43.52 10.43
N GLY C 80 -25.73 -44.42 10.81
CA GLY C 80 -26.03 -44.74 12.20
C GLY C 80 -25.03 -45.77 12.71
N GLY C 81 -24.37 -45.41 13.80
CA GLY C 81 -23.40 -46.26 14.49
C GLY C 81 -22.99 -45.50 15.73
N PRO C 82 -22.71 -46.22 16.84
CA PRO C 82 -22.51 -45.54 18.11
C PRO C 82 -21.08 -45.01 18.26
N GLU C 83 -20.95 -43.78 18.77
CA GLU C 83 -19.66 -43.26 19.21
C GLU C 83 -19.70 -43.18 20.73
N VAL C 84 -18.66 -43.72 21.34
CA VAL C 84 -18.52 -43.77 22.79
C VAL C 84 -17.15 -43.19 23.13
N GLN C 85 -17.05 -42.48 24.26
CA GLN C 85 -15.84 -41.73 24.56
C GLN C 85 -15.82 -41.17 26.00
N GLN C 86 -14.63 -41.20 26.61
CA GLN C 86 -14.38 -40.65 27.95
C GLN C 86 -14.45 -39.14 27.86
N VAL C 87 -15.24 -38.52 28.74
CA VAL C 87 -15.40 -37.08 28.71
C VAL C 87 -14.48 -36.42 29.71
N PRO C 88 -13.76 -35.38 29.26
CA PRO C 88 -12.79 -34.73 30.15
C PRO C 88 -13.44 -33.89 31.25
N ALA C 89 -12.61 -33.59 32.26
CA ALA C 89 -12.92 -32.64 33.32
C ALA C 89 -13.54 -31.43 32.66
N GLY C 90 -14.84 -31.26 32.89
CA GLY C 90 -15.71 -30.59 31.92
C GLY C 90 -16.15 -29.18 32.22
N GLU C 91 -15.25 -28.23 32.02
CA GLU C 91 -15.69 -26.88 31.74
C GLU C 91 -15.05 -26.48 30.43
N ARG C 92 -15.86 -26.63 29.39
CA ARG C 92 -15.48 -26.33 28.01
C ARG C 92 -16.43 -25.28 27.42
N PRO C 93 -15.86 -24.18 26.89
CA PRO C 93 -16.64 -23.08 26.37
C PRO C 93 -17.15 -23.31 24.94
N LEU C 94 -18.34 -22.78 24.69
CA LEU C 94 -19.05 -23.02 23.47
C LEU C 94 -18.99 -21.79 22.58
N TRP C 95 -18.46 -21.96 21.38
CA TRP C 95 -18.31 -20.85 20.45
C TRP C 95 -19.08 -21.15 19.14
N PHE C 96 -19.74 -20.13 18.60
CA PHE C 96 -20.44 -20.20 17.33
C PHE C 96 -19.64 -19.45 16.29
N ILE C 97 -19.33 -20.11 15.18
CA ILE C 97 -18.71 -19.49 14.01
C ILE C 97 -19.78 -19.43 12.89
N CYS C 98 -20.18 -18.24 12.45
CA CYS C 98 -21.12 -18.13 11.30
C CYS C 98 -20.34 -17.87 10.02
N SER C 99 -20.35 -18.83 9.12
CA SER C 99 -19.46 -18.75 7.97
C SER C 99 -20.14 -17.80 6.96
N GLY C 100 -19.38 -17.42 5.94
CA GLY C 100 -19.79 -16.39 5.02
C GLY C 100 -20.25 -16.94 3.70
N MET C 101 -19.72 -16.35 2.65
CA MET C 101 -20.21 -16.59 1.30
C MET C 101 -19.63 -17.89 0.79
N GLY C 102 -20.28 -18.43 -0.22
CA GLY C 102 -19.78 -19.59 -0.97
C GLY C 102 -20.34 -20.90 -0.46
N THR C 103 -21.13 -20.85 0.59
CA THR C 103 -21.60 -22.06 1.23
C THR C 103 -22.94 -22.55 0.69
N GLN C 104 -23.50 -21.83 -0.27
CA GLN C 104 -24.78 -22.20 -0.87
C GLN C 104 -24.67 -23.45 -1.70
N TRP C 105 -25.80 -24.18 -1.80
CA TRP C 105 -25.96 -25.34 -2.67
C TRP C 105 -27.42 -25.68 -2.79
N ARG C 106 -27.81 -26.26 -3.96
CA ARG C 106 -29.20 -26.53 -4.26
C ARG C 106 -29.75 -27.66 -3.42
N GLY C 107 -30.84 -27.37 -2.71
CA GLY C 107 -31.46 -28.30 -1.76
C GLY C 107 -31.03 -28.04 -0.30
N MET C 108 -30.20 -27.03 -0.11
CA MET C 108 -29.91 -26.49 1.22
C MET C 108 -31.08 -26.56 2.18
N GLY C 109 -30.89 -27.23 3.30
CA GLY C 109 -31.84 -27.14 4.40
C GLY C 109 -33.17 -27.85 4.23
N LEU C 110 -33.36 -28.56 3.11
CA LEU C 110 -34.62 -29.27 2.90
C LEU C 110 -34.77 -30.41 3.89
N SER C 111 -33.66 -31.06 4.25
CA SER C 111 -33.71 -32.16 5.20
C SER C 111 -33.99 -31.64 6.60
N LEU C 112 -33.38 -30.50 6.95
CA LEU C 112 -33.63 -29.87 8.24
C LEU C 112 -35.04 -29.30 8.37
N MET C 113 -35.72 -29.18 7.23
CA MET C 113 -37.08 -28.64 7.26
C MET C 113 -38.03 -29.52 8.06
N ARG C 114 -37.64 -30.78 8.24
CA ARG C 114 -38.38 -31.73 9.07
C ARG C 114 -38.50 -31.33 10.54
N LEU C 115 -37.53 -30.54 11.05
CA LEU C 115 -37.60 -30.05 12.42
C LEU C 115 -38.46 -28.83 12.43
N ASP C 116 -39.48 -28.84 13.26
CA ASP C 116 -40.49 -27.78 13.28
C ASP C 116 -39.89 -26.41 13.57
N ARG C 117 -38.98 -26.34 14.53
CA ARG C 117 -38.37 -25.06 14.90
C ARG C 117 -37.59 -24.45 13.73
N PHE C 118 -37.02 -25.32 12.90
CA PHE C 118 -36.26 -24.88 11.74
C PHE C 118 -37.21 -24.36 10.68
N ARG C 119 -38.24 -25.12 10.33
CA ARG C 119 -39.16 -24.66 9.31
C ARG C 119 -39.95 -23.46 9.80
N ASP C 120 -40.30 -23.43 11.08
CA ASP C 120 -40.92 -22.21 11.63
C ASP C 120 -40.00 -21.01 11.37
N SER C 121 -38.72 -21.16 11.71
CA SER C 121 -37.76 -20.08 11.46
C SER C 121 -37.70 -19.65 10.00
N ILE C 122 -37.68 -20.60 9.08
CA ILE C 122 -37.59 -20.30 7.66
C ILE C 122 -38.87 -19.62 7.14
N LEU C 123 -40.02 -20.05 7.63
CA LEU C 123 -41.28 -19.38 7.28
C LEU C 123 -41.27 -17.95 7.79
N ARG C 124 -40.80 -17.78 9.02
CA ARG C 124 -40.69 -16.48 9.64
C ARG C 124 -39.82 -15.60 8.75
N SER C 125 -38.74 -16.17 8.22
CA SER C 125 -37.85 -15.43 7.33
C SER C 125 -38.52 -15.11 6.00
N ASP C 126 -39.24 -16.06 5.41
CA ASP C 126 -40.06 -15.76 4.21
C ASP C 126 -40.88 -14.50 4.40
N GLU C 127 -41.44 -14.33 5.58
CA GLU C 127 -42.31 -13.18 5.83
C GLU C 127 -41.56 -11.86 5.79
N ALA C 128 -40.33 -11.83 6.29
CA ALA C 128 -39.48 -10.64 6.14
C ALA C 128 -39.31 -10.27 4.65
N VAL C 129 -39.29 -11.30 3.80
CA VAL C 129 -39.05 -11.16 2.38
C VAL C 129 -40.37 -11.30 1.50
N LYS C 130 -41.54 -11.38 2.13
CA LYS C 130 -42.81 -11.37 1.34
C LYS C 130 -42.83 -10.18 0.38
N PRO C 131 -42.60 -8.93 0.88
CA PRO C 131 -42.34 -7.87 -0.09
C PRO C 131 -40.96 -8.13 -0.65
N PHE C 132 -40.63 -7.51 -1.77
CA PHE C 132 -39.46 -7.93 -2.56
C PHE C 132 -39.76 -9.20 -3.35
N GLY C 133 -40.85 -9.87 -3.00
CA GLY C 133 -41.36 -10.99 -3.79
C GLY C 133 -40.48 -12.21 -3.78
N LEU C 134 -39.94 -12.56 -2.61
CA LEU C 134 -39.18 -13.79 -2.45
C LEU C 134 -39.73 -14.62 -1.29
N LYS C 135 -39.65 -15.93 -1.46
CA LYS C 135 -39.92 -16.89 -0.40
C LYS C 135 -38.66 -17.77 -0.25
N VAL C 136 -37.97 -17.63 0.88
CA VAL C 136 -36.74 -18.42 1.16
C VAL C 136 -36.99 -19.90 0.94
N SER C 137 -38.05 -20.39 1.57
CA SER C 137 -38.57 -21.75 1.36
C SER C 137 -38.66 -22.21 -0.09
N GLN C 138 -39.11 -21.33 -0.98
CA GLN C 138 -39.29 -21.71 -2.39
C GLN C 138 -37.94 -21.78 -3.10
N LEU C 139 -37.01 -20.93 -2.64
CA LEU C 139 -35.65 -20.93 -3.17
C LEU C 139 -34.98 -22.26 -2.80
N LEU C 140 -35.16 -22.68 -1.55
CA LEU C 140 -34.63 -23.97 -1.08
C LEU C 140 -35.29 -25.11 -1.91
N LEU C 141 -36.59 -25.04 -2.12
CA LEU C 141 -37.29 -26.09 -2.88
C LEU C 141 -36.90 -26.16 -4.36
N SER C 142 -36.43 -25.04 -4.92
CA SER C 142 -36.11 -24.95 -6.35
C SER C 142 -35.26 -26.11 -6.85
N THR C 143 -35.70 -26.75 -7.95
CA THR C 143 -34.88 -27.75 -8.65
C THR C 143 -33.94 -27.10 -9.67
N ASP C 144 -34.02 -25.77 -9.77
CA ASP C 144 -33.19 -24.99 -10.67
C ASP C 144 -31.75 -24.88 -10.18
N GLU C 145 -30.83 -25.48 -10.94
CA GLU C 145 -29.41 -25.49 -10.59
C GLU C 145 -28.80 -24.10 -10.38
N SER C 146 -29.31 -23.12 -11.12
CA SER C 146 -28.76 -21.76 -11.11
C SER C 146 -29.48 -20.82 -10.14
N THR C 147 -30.37 -21.36 -9.31
CA THR C 147 -31.17 -20.53 -8.41
C THR C 147 -30.31 -19.67 -7.49
N PHE C 148 -29.26 -20.26 -6.93
CA PHE C 148 -28.34 -19.56 -6.01
C PHE C 148 -27.16 -18.87 -6.70
N ASP C 149 -27.20 -18.78 -8.03
CA ASP C 149 -26.23 -17.95 -8.75
C ASP C 149 -26.58 -16.46 -8.55
N ASP C 150 -27.85 -16.18 -8.24
CA ASP C 150 -28.33 -14.84 -7.92
C ASP C 150 -27.88 -14.46 -6.50
N ILE C 151 -27.17 -13.35 -6.40
CA ILE C 151 -26.55 -12.93 -5.15
C ILE C 151 -27.58 -12.70 -4.05
N VAL C 152 -28.77 -12.21 -4.41
CA VAL C 152 -29.75 -11.97 -3.36
C VAL C 152 -30.27 -13.33 -2.86
N HIS C 153 -30.75 -14.15 -3.80
CA HIS C 153 -31.15 -15.50 -3.44
C HIS C 153 -30.14 -16.14 -2.42
N SER C 154 -28.84 -16.23 -2.76
CA SER C 154 -27.82 -16.84 -1.85
C SER C 154 -27.86 -16.13 -0.54
N PHE C 155 -27.44 -14.87 -0.54
CA PHE C 155 -27.25 -14.07 0.64
C PHE C 155 -28.36 -14.22 1.68
N VAL C 156 -29.59 -14.10 1.19
CA VAL C 156 -30.79 -14.27 2.02
C VAL C 156 -30.93 -15.68 2.53
N SER C 157 -30.65 -16.67 1.68
CA SER C 157 -30.77 -18.06 2.08
C SER C 157 -29.66 -18.53 3.05
N LEU C 158 -28.39 -18.11 2.86
CA LEU C 158 -27.36 -18.44 3.89
C LEU C 158 -27.85 -17.98 5.23
N THR C 159 -28.17 -16.70 5.31
CA THR C 159 -28.56 -16.08 6.53
C THR C 159 -29.73 -16.77 7.16
N ALA C 160 -30.79 -17.01 6.37
CA ALA C 160 -31.96 -17.68 6.88
C ALA C 160 -31.60 -19.04 7.44
N ILE C 161 -30.87 -19.83 6.67
CA ILE C 161 -30.51 -21.15 7.12
C ILE C 161 -29.66 -21.03 8.43
N GLN C 162 -28.72 -20.07 8.49
CA GLN C 162 -27.91 -19.86 9.72
C GLN C 162 -28.81 -19.53 10.90
N ILE C 163 -29.86 -18.76 10.65
CA ILE C 163 -30.78 -18.36 11.71
C ILE C 163 -31.56 -19.58 12.21
N GLY C 164 -31.94 -20.47 11.30
CA GLY C 164 -32.59 -21.71 11.67
C GLY C 164 -31.67 -22.54 12.57
N LEU C 165 -30.49 -22.83 12.06
CA LEU C 165 -29.48 -23.49 12.89
C LEU C 165 -29.43 -22.84 14.30
N ILE C 166 -29.30 -21.53 14.35
CA ILE C 166 -29.20 -20.81 15.64
C ILE C 166 -30.42 -21.09 16.48
N ASP C 167 -31.58 -21.10 15.85
CA ASP C 167 -32.81 -21.40 16.55
C ASP C 167 -32.84 -22.82 17.09
N LEU C 168 -32.43 -23.80 16.28
CA LEU C 168 -32.37 -25.18 16.77
C LEU C 168 -31.43 -25.29 18.00
N LEU C 169 -30.28 -24.63 17.94
CA LEU C 169 -29.34 -24.63 19.08
C LEU C 169 -29.94 -23.91 20.31
N SER C 170 -30.61 -22.79 20.11
CA SER C 170 -31.24 -22.11 21.27
C SER C 170 -32.38 -22.91 21.86
N CYS C 171 -33.08 -23.69 21.02
CA CYS C 171 -34.21 -24.50 21.50
C CYS C 171 -33.76 -25.63 22.42
N MET C 172 -32.45 -25.90 22.46
CA MET C 172 -31.89 -26.80 23.45
C MET C 172 -31.17 -26.06 24.56
N GLY C 173 -31.38 -24.74 24.63
CA GLY C 173 -30.88 -23.95 25.74
C GLY C 173 -29.39 -23.64 25.68
N LEU C 174 -28.81 -23.77 24.48
CA LEU C 174 -27.38 -23.55 24.29
C LEU C 174 -27.08 -22.06 24.09
N ARG C 175 -26.47 -21.45 25.10
CA ARG C 175 -25.97 -20.08 25.08
C ARG C 175 -24.50 -20.11 24.66
N PRO C 176 -24.10 -19.33 23.67
CA PRO C 176 -22.70 -19.34 23.29
C PRO C 176 -21.86 -18.46 24.20
N ASP C 177 -20.66 -18.91 24.49
CA ASP C 177 -19.68 -18.13 25.25
C ASP C 177 -18.92 -17.14 24.34
N GLY C 178 -18.80 -17.49 23.07
CA GLY C 178 -18.17 -16.63 22.08
C GLY C 178 -18.86 -16.74 20.72
N ILE C 179 -18.78 -15.68 19.93
CA ILE C 179 -19.40 -15.65 18.61
C ILE C 179 -18.46 -14.96 17.63
N VAL C 180 -18.34 -15.52 16.43
CA VAL C 180 -17.37 -15.00 15.47
C VAL C 180 -17.86 -15.24 14.05
N GLY C 181 -17.90 -14.19 13.22
CA GLY C 181 -18.50 -14.22 11.85
C GLY C 181 -17.42 -14.13 10.78
N HIS C 182 -17.81 -14.53 9.57
CA HIS C 182 -16.98 -14.40 8.38
C HIS C 182 -17.80 -13.70 7.32
N SER C 183 -17.42 -12.47 6.96
CA SER C 183 -18.08 -11.75 5.94
C SER C 183 -19.55 -11.69 6.29
N LEU C 184 -20.41 -12.14 5.39
CA LEU C 184 -21.87 -12.07 5.60
C LEU C 184 -22.32 -12.80 6.86
N GLY C 185 -21.54 -13.78 7.30
CA GLY C 185 -21.74 -14.43 8.61
C GLY C 185 -21.89 -13.53 9.83
N GLU C 186 -21.30 -12.35 9.77
CA GLU C 186 -21.46 -11.36 10.84
C GLU C 186 -22.91 -10.89 10.99
N VAL C 187 -23.73 -11.08 9.95
CA VAL C 187 -25.16 -10.80 10.09
C VAL C 187 -25.83 -11.79 11.05
N ALA C 188 -25.72 -13.08 10.73
CA ALA C 188 -26.16 -14.14 11.63
C ALA C 188 -25.60 -13.93 13.06
N CYS C 189 -24.35 -13.49 13.18
CA CYS C 189 -23.76 -13.27 14.53
C CYS C 189 -24.57 -12.26 15.33
N GLY C 190 -25.10 -11.25 14.67
CA GLY C 190 -25.91 -10.27 15.37
C GLY C 190 -27.19 -10.89 15.90
N TYR C 191 -27.81 -11.75 15.10
CA TYR C 191 -28.97 -12.51 15.57
C TYR C 191 -28.56 -13.40 16.77
N ALA C 192 -27.48 -14.15 16.62
CA ALA C 192 -26.98 -14.99 17.72
C ALA C 192 -26.62 -14.21 18.98
N ASP C 193 -26.17 -12.96 18.84
CA ASP C 193 -25.74 -12.14 19.99
C ASP C 193 -26.90 -11.39 20.62
N GLY C 194 -28.06 -11.39 19.96
CA GLY C 194 -29.23 -10.65 20.43
C GLY C 194 -29.17 -9.16 20.11
N CYS C 195 -28.33 -8.78 19.13
CA CYS C 195 -28.28 -7.39 18.63
C CYS C 195 -29.36 -7.14 17.60
N LEU C 196 -29.49 -8.08 16.68
CA LEU C 196 -30.45 -7.96 15.58
C LEU C 196 -31.54 -8.97 15.71
N SER C 197 -32.76 -8.55 15.40
CA SER C 197 -33.88 -9.47 15.30
C SER C 197 -33.71 -10.29 14.02
N GLN C 198 -34.53 -11.33 13.92
CA GLN C 198 -34.57 -12.17 12.74
C GLN C 198 -34.88 -11.30 11.52
N GLU C 199 -35.86 -10.42 11.67
CA GLU C 199 -36.31 -9.62 10.55
C GLU C 199 -35.25 -8.64 10.12
N GLU C 200 -34.57 -8.04 11.08
CA GLU C 200 -33.48 -7.10 10.78
C GLU C 200 -32.36 -7.88 10.12
N ALA C 201 -32.02 -9.03 10.68
CA ALA C 201 -30.87 -9.83 10.21
C ALA C 201 -31.08 -10.25 8.77
N VAL C 202 -32.29 -10.71 8.45
CA VAL C 202 -32.57 -11.20 7.12
C VAL C 202 -32.54 -10.06 6.13
N LEU C 203 -33.24 -8.97 6.46
CA LEU C 203 -33.30 -7.79 5.59
C LEU C 203 -31.90 -7.22 5.31
N ALA C 204 -31.03 -7.23 6.31
CA ALA C 204 -29.63 -6.88 6.11
C ALA C 204 -29.00 -7.74 5.02
N ALA C 205 -29.22 -9.07 5.06
CA ALA C 205 -28.70 -9.93 4.00
C ALA C 205 -29.37 -9.57 2.66
N TYR C 206 -30.66 -9.26 2.67
CA TYR C 206 -31.33 -8.88 1.43
C TYR C 206 -30.73 -7.65 0.76
N TRP C 207 -30.66 -6.55 1.52
CA TRP C 207 -30.18 -5.27 0.96
C TRP C 207 -28.73 -5.36 0.51
N ARG C 208 -27.89 -5.97 1.34
CA ARG C 208 -26.51 -6.26 0.96
C ARG C 208 -26.46 -6.84 -0.47
N GLY C 209 -27.26 -7.86 -0.70
CA GLY C 209 -27.29 -8.50 -2.00
C GLY C 209 -27.92 -7.64 -3.07
N GLN C 210 -29.07 -7.06 -2.75
CA GLN C 210 -29.84 -6.25 -3.72
C GLN C 210 -29.06 -5.03 -4.15
N CYS C 211 -28.43 -4.34 -3.20
CA CYS C 211 -27.59 -3.17 -3.54
C CYS C 211 -26.48 -3.51 -4.53
N ILE C 212 -25.77 -4.61 -4.29
CA ILE C 212 -24.75 -5.08 -5.24
C ILE C 212 -25.33 -5.37 -6.63
N LYS C 213 -26.37 -6.20 -6.65
CA LYS C 213 -27.04 -6.61 -7.88
C LYS C 213 -27.32 -5.39 -8.78
N GLU C 214 -27.92 -4.37 -8.16
CA GLU C 214 -28.25 -3.10 -8.81
C GLU C 214 -27.04 -2.30 -9.29
N ALA C 215 -25.92 -2.42 -8.57
CA ALA C 215 -24.73 -1.58 -8.80
C ALA C 215 -24.04 -1.74 -10.16
N HIS C 216 -24.26 -2.87 -10.84
CA HIS C 216 -23.54 -3.22 -12.09
C HIS C 216 -22.06 -2.69 -12.15
N LEU C 217 -21.23 -3.34 -11.33
CA LEU C 217 -19.82 -3.02 -11.13
C LEU C 217 -18.93 -3.67 -12.19
N PRO C 218 -17.63 -3.29 -12.23
CA PRO C 218 -16.75 -3.89 -13.23
C PRO C 218 -16.44 -5.33 -12.86
N PRO C 219 -15.99 -6.15 -13.82
CA PRO C 219 -15.70 -7.55 -13.51
C PRO C 219 -14.51 -7.72 -12.55
N GLY C 220 -14.76 -8.35 -11.41
CA GLY C 220 -13.74 -8.58 -10.39
C GLY C 220 -13.52 -10.06 -10.13
N ALA C 221 -12.57 -10.37 -9.25
CA ALA C 221 -12.25 -11.75 -8.92
C ALA C 221 -11.55 -11.85 -7.58
N MET C 222 -11.73 -12.97 -6.89
CA MET C 222 -10.97 -13.26 -5.66
C MET C 222 -10.30 -14.60 -5.83
N ALA C 223 -9.22 -14.83 -5.06
CA ALA C 223 -8.50 -16.09 -5.13
C ALA C 223 -7.89 -16.48 -3.80
N ALA C 224 -8.01 -17.74 -3.45
CA ALA C 224 -7.34 -18.28 -2.26
C ALA C 224 -5.87 -18.45 -2.56
N VAL C 225 -5.02 -17.98 -1.65
CA VAL C 225 -3.59 -17.87 -1.91
C VAL C 225 -2.78 -18.33 -0.70
N GLY C 226 -1.69 -19.04 -0.97
CA GLY C 226 -0.90 -19.66 0.09
C GLY C 226 0.20 -18.76 0.63
N LEU C 227 -0.11 -17.49 0.78
CA LEU C 227 0.81 -16.52 1.37
C LEU C 227 0.29 -16.03 2.71
N SER C 228 1.16 -15.35 3.45
CA SER C 228 0.76 -14.64 4.66
C SER C 228 0.15 -13.30 4.28
N TRP C 229 -0.53 -12.70 5.25
CA TRP C 229 -1.12 -11.37 5.09
C TRP C 229 -0.08 -10.29 4.69
N GLU C 230 0.99 -10.20 5.47
CA GLU C 230 2.05 -9.24 5.23
C GLU C 230 2.74 -9.54 3.90
N GLU C 231 2.96 -10.83 3.64
CA GLU C 231 3.58 -11.25 2.38
C GLU C 231 2.70 -10.88 1.17
N CYS C 232 1.38 -11.03 1.33
CA CYS C 232 0.44 -10.60 0.31
C CYS C 232 0.56 -9.10 0.14
N LYS C 233 0.43 -8.36 1.23
CA LYS C 233 0.53 -6.90 1.19
C LYS C 233 1.73 -6.49 0.30
N GLN C 234 2.90 -7.07 0.57
CA GLN C 234 4.11 -6.73 -0.19
C GLN C 234 4.06 -7.23 -1.63
N ARG C 235 3.71 -8.50 -1.83
CA ARG C 235 3.84 -9.13 -3.15
C ARG C 235 2.67 -8.86 -4.08
N CYS C 236 1.57 -8.32 -3.54
CA CYS C 236 0.37 -8.08 -4.32
C CYS C 236 0.56 -6.99 -5.38
N PRO C 237 0.25 -7.32 -6.65
CA PRO C 237 0.22 -6.32 -7.72
C PRO C 237 -0.81 -5.22 -7.44
N PRO C 238 -0.65 -4.06 -8.07
CA PRO C 238 -1.45 -2.91 -7.71
C PRO C 238 -2.91 -3.14 -8.04
N GLY C 239 -3.81 -2.68 -7.15
CA GLY C 239 -5.24 -2.85 -7.35
C GLY C 239 -5.75 -4.20 -6.91
N VAL C 240 -4.83 -5.05 -6.46
CA VAL C 240 -5.17 -6.34 -5.88
C VAL C 240 -4.76 -6.27 -4.42
N VAL C 241 -5.68 -6.65 -3.53
CA VAL C 241 -5.47 -6.48 -2.11
C VAL C 241 -5.83 -7.73 -1.36
N PRO C 242 -5.17 -7.98 -0.22
CA PRO C 242 -5.57 -9.06 0.64
C PRO C 242 -6.92 -8.75 1.27
N ALA C 243 -7.81 -9.75 1.31
CA ALA C 243 -9.23 -9.51 1.57
C ALA C 243 -9.78 -10.21 2.81
O MCS C 244 -7.99 -13.87 3.63
C MCS C 244 -8.76 -13.21 4.31
CA MCS C 244 -10.10 -12.65 3.69
N MCS C 244 -9.67 -11.55 2.85
CB MCS C 244 -11.05 -13.66 2.89
SAI MCS C 244 -12.78 -13.04 2.42
CAK MCS C 244 -13.99 -14.17 1.40
OAC MCS C 244 -15.15 -13.86 1.55
CAG MCS C 244 -13.74 -15.38 0.40
CAJ MCS C 244 -14.90 -15.89 -0.65
OAE MCS C 244 -16.02 -15.32 -0.79
OAB MCS C 244 -14.64 -16.89 -1.35
N HIS C 245 -8.50 -12.87 5.57
CA HIS C 245 -7.38 -13.45 6.37
C HIS C 245 -7.86 -14.65 7.19
N ASN C 246 -7.69 -15.84 6.64
CA ASN C 246 -8.29 -17.02 7.24
C ASN C 246 -7.32 -17.76 8.16
N SER C 247 -6.05 -17.79 7.79
CA SER C 247 -5.04 -18.38 8.66
C SER C 247 -3.68 -17.76 8.36
N LYS C 248 -2.67 -18.13 9.14
CA LYS C 248 -1.31 -17.60 9.03
C LYS C 248 -0.78 -17.63 7.58
N ASP C 249 -1.11 -18.70 6.84
CA ASP C 249 -0.69 -18.80 5.45
C ASP C 249 -1.87 -19.11 4.52
N THR C 250 -3.06 -18.59 4.84
CA THR C 250 -4.22 -18.58 3.92
C THR C 250 -4.81 -17.19 3.88
N VAL C 251 -4.58 -16.48 2.79
CA VAL C 251 -5.27 -15.24 2.54
C VAL C 251 -6.04 -15.33 1.21
N THR C 252 -7.27 -14.82 1.21
CA THR C 252 -7.96 -14.59 -0.03
C THR C 252 -7.71 -13.17 -0.46
N ILE C 253 -7.20 -13.02 -1.67
CA ILE C 253 -6.97 -11.73 -2.27
C ILE C 253 -8.17 -11.36 -3.12
N SER C 254 -8.31 -10.06 -3.39
CA SER C 254 -9.45 -9.54 -4.11
C SER C 254 -8.98 -8.43 -5.04
N GLY C 255 -9.62 -8.32 -6.21
CA GLY C 255 -9.35 -7.21 -7.12
C GLY C 255 -10.01 -7.39 -8.48
N PRO C 256 -9.54 -6.62 -9.49
CA PRO C 256 -10.08 -6.75 -10.84
C PRO C 256 -9.61 -8.09 -11.46
N GLN C 257 -10.39 -8.64 -12.38
CA GLN C 257 -10.22 -10.03 -12.84
C GLN C 257 -8.80 -10.49 -13.27
N ALA C 258 -8.23 -9.84 -14.26
CA ALA C 258 -7.00 -10.32 -14.92
C ALA C 258 -5.77 -10.39 -14.02
N PRO C 259 -5.41 -9.28 -13.37
CA PRO C 259 -4.22 -9.34 -12.50
C PRO C 259 -4.34 -10.39 -11.38
N VAL C 260 -5.55 -10.67 -10.91
CA VAL C 260 -5.76 -11.83 -10.02
C VAL C 260 -5.34 -13.12 -10.75
N PHE C 261 -5.94 -13.39 -11.90
CA PHE C 261 -5.51 -14.51 -12.76
C PHE C 261 -3.98 -14.56 -12.90
N GLU C 262 -3.40 -13.41 -13.24
CA GLU C 262 -1.95 -13.30 -13.49
C GLU C 262 -1.15 -13.73 -12.27
N PHE C 263 -1.55 -13.24 -11.10
CA PHE C 263 -0.81 -13.47 -9.87
C PHE C 263 -1.01 -14.91 -9.40
N VAL C 264 -2.18 -15.49 -9.68
CA VAL C 264 -2.42 -16.90 -9.39
C VAL C 264 -1.51 -17.80 -10.26
N GLU C 265 -1.54 -17.58 -11.58
CA GLU C 265 -0.72 -18.37 -12.51
C GLU C 265 0.78 -18.05 -12.38
N GLN C 266 1.11 -16.91 -11.78
CA GLN C 266 2.48 -16.62 -11.39
C GLN C 266 2.85 -17.53 -10.21
N LEU C 267 2.27 -17.28 -9.03
CA LEU C 267 2.61 -18.00 -7.79
C LEU C 267 2.76 -19.53 -7.92
N ARG C 268 1.75 -20.17 -8.51
CA ARG C 268 1.82 -21.60 -8.83
C ARG C 268 3.19 -21.98 -9.36
N LYS C 269 3.63 -21.25 -10.37
CA LYS C 269 4.86 -21.57 -11.09
C LYS C 269 6.14 -21.14 -10.34
N GLU C 270 5.97 -20.57 -9.14
CA GLU C 270 7.10 -20.18 -8.28
C GLU C 270 7.40 -21.26 -7.25
N GLY C 271 6.34 -21.87 -6.72
CA GLY C 271 6.44 -22.79 -5.58
C GLY C 271 5.39 -22.56 -4.49
N VAL C 272 4.38 -21.72 -4.77
CA VAL C 272 3.30 -21.42 -3.82
C VAL C 272 1.94 -22.00 -4.27
N PHE C 273 1.06 -22.24 -3.30
CA PHE C 273 -0.34 -22.65 -3.55
C PHE C 273 -1.19 -21.42 -3.85
N ALA C 274 -1.93 -21.46 -4.95
CA ALA C 274 -2.91 -20.40 -5.24
C ALA C 274 -4.04 -20.96 -6.09
N LYS C 275 -5.27 -20.84 -5.61
CA LYS C 275 -6.43 -21.33 -6.33
C LYS C 275 -7.53 -20.25 -6.40
N GLU C 276 -8.03 -20.02 -7.60
CA GLU C 276 -9.19 -19.16 -7.81
C GLU C 276 -10.41 -19.67 -7.05
N VAL C 277 -11.05 -18.80 -6.27
CA VAL C 277 -12.35 -19.13 -5.66
C VAL C 277 -13.40 -18.54 -6.58
N ARG C 278 -14.67 -18.88 -6.36
CA ARG C 278 -15.76 -18.38 -7.20
C ARG C 278 -16.67 -17.43 -6.45
N THR C 279 -16.74 -16.19 -6.93
CA THR C 279 -17.44 -15.07 -6.27
C THR C 279 -18.56 -14.41 -7.12
N GLY C 280 -18.92 -15.02 -8.26
CA GLY C 280 -19.89 -14.44 -9.19
C GLY C 280 -19.38 -13.17 -9.86
N GLY C 281 -18.09 -13.14 -10.17
CA GLY C 281 -17.44 -11.98 -10.78
C GLY C 281 -17.19 -10.80 -9.85
N MET C 282 -17.38 -11.01 -8.55
CA MET C 282 -17.31 -9.93 -7.61
C MET C 282 -15.98 -9.92 -6.89
N ALA C 283 -15.51 -8.73 -6.54
CA ALA C 283 -14.26 -8.55 -5.78
C ALA C 283 -14.62 -8.00 -4.40
N PHE C 284 -15.10 -8.90 -3.55
CA PHE C 284 -15.63 -8.54 -2.24
C PHE C 284 -14.56 -8.06 -1.30
N HIS C 285 -14.98 -7.35 -0.26
CA HIS C 285 -14.10 -6.92 0.82
C HIS C 285 -12.87 -6.21 0.28
N SER C 286 -13.15 -5.24 -0.59
CA SER C 286 -12.16 -4.43 -1.27
C SER C 286 -12.77 -3.08 -1.63
N TYR C 287 -11.94 -2.20 -2.17
CA TYR C 287 -12.39 -0.88 -2.61
C TYR C 287 -13.52 -0.93 -3.65
N PHE C 288 -13.58 -2.00 -4.45
CA PHE C 288 -14.69 -2.23 -5.39
C PHE C 288 -16.07 -2.07 -4.77
N MET C 289 -16.14 -2.24 -3.45
CA MET C 289 -17.42 -2.26 -2.73
C MET C 289 -17.82 -0.91 -2.17
N GLU C 290 -16.93 0.08 -2.28
CA GLU C 290 -17.21 1.42 -1.75
C GLU C 290 -18.39 2.10 -2.46
N ALA C 291 -18.57 1.77 -3.73
CA ALA C 291 -19.72 2.27 -4.49
C ALA C 291 -21.07 1.81 -3.94
N ILE C 292 -21.05 0.81 -3.06
CA ILE C 292 -22.28 0.17 -2.58
C ILE C 292 -22.67 0.65 -1.19
N ALA C 293 -21.74 1.35 -0.51
CA ALA C 293 -21.98 1.83 0.86
C ALA C 293 -23.11 2.86 0.97
N PRO C 294 -23.05 3.95 0.21
CA PRO C 294 -24.11 4.96 0.35
C PRO C 294 -25.53 4.41 0.18
N PRO C 295 -25.78 3.60 -0.88
CA PRO C 295 -27.13 3.04 -1.00
C PRO C 295 -27.46 2.09 0.14
N LEU C 296 -26.53 1.20 0.45
CA LEU C 296 -26.76 0.20 1.47
C LEU C 296 -27.01 0.88 2.82
N LEU C 297 -26.16 1.85 3.15
CA LEU C 297 -26.26 2.61 4.40
C LEU C 297 -27.61 3.26 4.55
N GLN C 298 -28.14 3.74 3.43
CA GLN C 298 -29.47 4.35 3.39
C GLN C 298 -30.54 3.32 3.73
N GLU C 299 -30.46 2.14 3.10
CA GLU C 299 -31.46 1.10 3.27
C GLU C 299 -31.43 0.51 4.66
N LEU C 300 -30.23 0.21 5.14
CA LEU C 300 -30.04 -0.39 6.44
C LEU C 300 -30.41 0.57 7.57
N LYS C 301 -30.19 1.87 7.36
CA LYS C 301 -30.58 2.85 8.38
C LYS C 301 -32.08 2.81 8.67
N LYS C 302 -32.88 2.41 7.67
CA LYS C 302 -34.34 2.18 7.84
C LYS C 302 -34.65 0.82 8.48
N VAL C 303 -33.79 -0.16 8.21
CA VAL C 303 -33.96 -1.51 8.69
C VAL C 303 -33.58 -1.59 10.16
N ILE C 304 -32.34 -1.23 10.46
CA ILE C 304 -31.82 -1.32 11.83
C ILE C 304 -31.96 0.05 12.50
N ARG C 305 -33.16 0.38 12.94
CA ARG C 305 -33.39 1.57 13.78
C ARG C 305 -33.04 1.19 15.22
N GLU C 306 -32.57 2.17 16.00
CA GLU C 306 -32.12 1.95 17.39
C GLU C 306 -31.16 0.76 17.53
N PRO C 307 -29.95 0.89 16.94
CA PRO C 307 -28.96 -0.19 17.00
C PRO C 307 -28.63 -0.58 18.43
N LYS C 308 -28.69 -1.89 18.70
CA LYS C 308 -28.41 -2.44 20.01
C LYS C 308 -26.94 -2.84 20.06
N PRO C 309 -26.33 -2.76 21.25
CA PRO C 309 -24.88 -2.96 21.40
C PRO C 309 -24.46 -4.41 21.24
N ARG C 310 -23.30 -4.63 20.64
CA ARG C 310 -22.71 -5.94 20.54
C ARG C 310 -22.18 -6.31 21.94
N SER C 311 -22.34 -7.56 22.35
CA SER C 311 -21.80 -8.00 23.63
C SER C 311 -20.32 -8.33 23.51
N ALA C 312 -19.66 -8.54 24.64
CA ALA C 312 -18.23 -8.86 24.63
C ALA C 312 -17.95 -10.29 24.12
N ARG C 313 -18.99 -11.11 23.98
CA ARG C 313 -18.85 -12.45 23.43
C ARG C 313 -18.54 -12.44 21.92
N TRP C 314 -19.00 -11.41 21.24
CA TRP C 314 -18.94 -11.35 19.78
C TRP C 314 -17.72 -10.59 19.36
N LEU C 315 -16.69 -11.32 18.93
CA LEU C 315 -15.50 -10.72 18.37
C LEU C 315 -15.74 -10.33 16.91
N SER C 316 -15.40 -9.07 16.59
CA SER C 316 -15.57 -8.55 15.25
C SER C 316 -14.46 -8.99 14.34
N THR C 317 -14.83 -9.34 13.12
CA THR C 317 -13.87 -9.68 12.08
C THR C 317 -13.75 -8.55 11.07
N SER C 318 -14.66 -7.57 11.14
CA SER C 318 -14.68 -6.37 10.28
C SER C 318 -13.94 -5.15 10.86
N ILE C 319 -13.63 -5.16 12.17
CA ILE C 319 -12.98 -4.04 12.87
C ILE C 319 -11.77 -4.53 13.66
N PRO C 320 -10.59 -3.92 13.48
CA PRO C 320 -9.43 -4.50 14.17
C PRO C 320 -9.57 -4.38 15.69
N GLU C 321 -8.94 -5.31 16.42
CA GLU C 321 -9.04 -5.34 17.89
C GLU C 321 -8.81 -3.96 18.49
N ALA C 322 -7.86 -3.24 17.91
CA ALA C 322 -7.50 -1.92 18.36
C ALA C 322 -8.66 -0.92 18.35
N GLN C 323 -9.77 -1.25 17.70
CA GLN C 323 -10.89 -0.32 17.62
C GLN C 323 -12.23 -0.90 18.03
N TRP C 324 -12.19 -1.99 18.79
CA TRP C 324 -13.46 -2.60 19.26
C TRP C 324 -14.20 -1.68 20.23
N HIS C 325 -13.43 -0.91 20.97
CA HIS C 325 -13.98 0.12 21.86
C HIS C 325 -14.72 1.26 21.14
N SER C 326 -14.44 1.43 19.84
CA SER C 326 -14.97 2.54 19.06
C SER C 326 -16.48 2.51 18.95
N SER C 327 -17.03 3.61 18.47
CA SER C 327 -18.48 3.76 18.32
C SER C 327 -19.02 2.87 17.21
N LEU C 328 -18.24 2.71 16.14
CA LEU C 328 -18.63 1.80 15.05
C LEU C 328 -18.77 0.40 15.60
N ALA C 329 -17.74 -0.03 16.34
CA ALA C 329 -17.72 -1.36 16.98
C ALA C 329 -18.71 -1.55 18.11
N ARG C 330 -19.19 -0.47 18.71
CA ARG C 330 -20.05 -0.56 19.88
C ARG C 330 -21.34 -1.33 19.61
N THR C 331 -21.93 -1.13 18.43
CA THR C 331 -23.23 -1.75 18.08
C THR C 331 -23.26 -2.31 16.66
N SER C 332 -24.22 -3.18 16.40
CA SER C 332 -24.41 -3.77 15.07
C SER C 332 -25.26 -2.84 14.25
N SER C 333 -24.72 -1.67 13.98
CA SER C 333 -25.44 -0.62 13.27
C SER C 333 -25.47 -0.90 11.77
N ALA C 334 -26.28 -0.13 11.07
CA ALA C 334 -26.24 -0.08 9.60
C ALA C 334 -24.84 0.28 9.16
N GLU C 335 -24.17 1.11 9.95
CA GLU C 335 -22.77 1.50 9.70
C GLU C 335 -21.81 0.32 9.88
N TYR C 336 -22.01 -0.45 10.95
CA TYR C 336 -21.18 -1.65 11.21
C TYR C 336 -21.26 -2.64 10.05
N ASN C 337 -22.49 -2.85 9.58
CA ASN C 337 -22.79 -3.76 8.48
C ASN C 337 -22.14 -3.33 7.17
N VAL C 338 -22.16 -2.03 6.88
CA VAL C 338 -21.53 -1.50 5.65
C VAL C 338 -20.01 -1.63 5.76
N ASN C 339 -19.51 -1.34 6.95
CA ASN C 339 -18.07 -1.44 7.13
C ASN C 339 -17.62 -2.87 6.84
N ASN C 340 -18.40 -3.85 7.28
CA ASN C 340 -18.14 -5.27 6.99
C ASN C 340 -17.91 -5.51 5.50
N LEU C 341 -18.84 -4.97 4.70
CA LEU C 341 -18.93 -5.26 3.28
C LEU C 341 -17.72 -4.79 2.55
N VAL C 342 -17.19 -3.65 2.99
CA VAL C 342 -16.03 -2.94 2.39
C VAL C 342 -14.67 -3.31 2.97
N SER C 343 -14.65 -3.67 4.26
CA SER C 343 -13.40 -3.97 4.97
C SER C 343 -12.96 -5.45 4.84
N PRO C 344 -11.66 -5.71 5.01
CA PRO C 344 -11.25 -7.10 4.98
C PRO C 344 -11.82 -7.90 6.11
N VAL C 345 -11.79 -9.22 5.96
CA VAL C 345 -12.36 -10.16 6.89
C VAL C 345 -11.17 -10.61 7.79
N LEU C 346 -11.09 -10.02 8.98
CA LEU C 346 -9.99 -10.30 9.96
C LEU C 346 -10.36 -11.49 10.80
N PHE C 347 -10.31 -12.67 10.20
CA PHE C 347 -10.85 -13.86 10.81
C PHE C 347 -9.81 -14.57 11.67
N GLN C 348 -8.65 -14.85 11.11
CA GLN C 348 -7.59 -15.48 11.90
C GLN C 348 -7.39 -14.73 13.21
N GLU C 349 -7.35 -13.41 13.16
CA GLU C 349 -7.05 -12.63 14.36
C GLU C 349 -8.15 -12.73 15.41
N ALA C 350 -9.37 -13.01 14.99
CA ALA C 350 -10.46 -13.29 15.95
C ALA C 350 -10.30 -14.69 16.55
N LEU C 351 -9.91 -15.67 15.73
CA LEU C 351 -9.73 -17.02 16.18
C LEU C 351 -8.57 -17.11 17.22
N TRP C 352 -7.59 -16.21 17.11
CA TRP C 352 -6.45 -16.13 18.07
C TRP C 352 -7.01 -16.10 19.50
N HIS C 353 -8.16 -15.46 19.67
CA HIS C 353 -8.80 -15.30 20.97
C HIS C 353 -9.54 -16.50 21.50
N VAL C 354 -9.89 -17.47 20.65
CA VAL C 354 -10.63 -18.64 21.09
C VAL C 354 -9.77 -19.47 22.07
N PRO C 355 -10.28 -19.71 23.31
CA PRO C 355 -9.50 -20.34 24.38
C PRO C 355 -9.20 -21.82 24.13
N GLU C 356 -8.41 -22.40 25.02
CA GLU C 356 -7.73 -23.65 24.76
C GLU C 356 -8.62 -24.90 24.63
N HIS C 357 -9.72 -25.00 25.36
CA HIS C 357 -10.51 -26.24 25.22
C HIS C 357 -11.88 -25.99 24.60
N ALA C 358 -11.98 -25.05 23.68
CA ALA C 358 -13.27 -24.61 23.15
C ALA C 358 -13.95 -25.70 22.31
N VAL C 359 -15.27 -25.72 22.36
CA VAL C 359 -16.06 -26.54 21.49
C VAL C 359 -16.66 -25.56 20.52
N VAL C 360 -16.34 -25.76 19.24
CA VAL C 360 -16.62 -24.77 18.19
C VAL C 360 -17.62 -25.34 17.16
N LEU C 361 -18.75 -24.66 16.97
CA LEU C 361 -19.79 -25.11 16.04
C LEU C 361 -19.81 -24.26 14.77
N GLU C 362 -19.49 -24.85 13.63
CA GLU C 362 -19.65 -24.09 12.37
C GLU C 362 -21.10 -23.94 12.11
N ILE C 363 -21.56 -22.73 11.93
CA ILE C 363 -22.93 -22.49 11.66
C ILE C 363 -22.94 -21.97 10.27
N ALA C 364 -23.43 -22.81 9.36
CA ALA C 364 -23.42 -22.60 7.90
C ALA C 364 -24.18 -23.75 7.23
N PRO C 365 -24.84 -23.44 6.06
CA PRO C 365 -25.45 -24.54 5.28
C PRO C 365 -24.41 -25.53 4.79
N HIS C 366 -23.17 -25.14 4.63
CA HIS C 366 -22.12 -26.13 4.40
C HIS C 366 -20.88 -25.69 5.14
N ALA C 367 -20.27 -26.59 5.90
CA ALA C 367 -19.24 -26.21 6.89
C ALA C 367 -17.88 -26.06 6.20
N LEU C 368 -17.76 -24.96 5.47
CA LEU C 368 -16.66 -24.70 4.57
C LEU C 368 -15.38 -24.32 5.33
N LEU C 369 -15.53 -23.74 6.52
CA LEU C 369 -14.38 -23.31 7.31
C LEU C 369 -13.73 -24.40 8.16
N GLN C 370 -14.25 -25.62 8.10
CA GLN C 370 -13.73 -26.67 8.93
C GLN C 370 -12.21 -26.75 8.87
N ALA C 371 -11.67 -26.82 7.66
CA ALA C 371 -10.23 -26.97 7.47
C ALA C 371 -9.48 -25.77 7.99
N VAL C 372 -9.95 -24.58 7.62
CA VAL C 372 -9.37 -23.34 8.12
C VAL C 372 -9.37 -23.29 9.66
N LEU C 373 -10.45 -23.73 10.28
CA LEU C 373 -10.59 -23.72 11.76
C LEU C 373 -9.69 -24.74 12.45
N LYS C 374 -9.53 -25.92 11.86
CA LYS C 374 -8.62 -26.91 12.41
C LYS C 374 -7.18 -26.37 12.41
N ARG C 375 -6.76 -25.70 11.35
CA ARG C 375 -5.45 -25.02 11.28
C ARG C 375 -5.36 -23.83 12.22
N GLY C 376 -6.42 -23.04 12.29
CA GLY C 376 -6.40 -21.78 13.02
C GLY C 376 -6.60 -21.79 14.53
N LEU C 377 -7.13 -22.87 15.11
CA LEU C 377 -7.45 -22.84 16.55
C LEU C 377 -6.45 -23.69 17.29
N LYS C 378 -6.44 -23.59 18.61
CA LYS C 378 -5.57 -24.46 19.39
C LYS C 378 -6.00 -25.90 19.09
N PRO C 379 -5.04 -26.84 19.13
CA PRO C 379 -5.27 -28.26 18.82
C PRO C 379 -6.22 -29.00 19.76
N SER C 380 -6.45 -28.40 20.92
CA SER C 380 -7.28 -28.99 21.97
C SER C 380 -8.75 -28.61 21.80
N CYS C 381 -9.04 -27.86 20.76
CA CYS C 381 -10.41 -27.52 20.41
C CYS C 381 -11.08 -28.65 19.70
N THR C 382 -12.39 -28.74 19.89
CA THR C 382 -13.21 -29.63 19.10
C THR C 382 -14.01 -28.76 18.15
N ILE C 383 -13.99 -29.13 16.87
CA ILE C 383 -14.69 -28.41 15.82
C ILE C 383 -15.77 -29.30 15.25
N ILE C 384 -17.00 -28.80 15.27
CA ILE C 384 -18.18 -29.56 14.93
C ILE C 384 -18.94 -28.84 13.83
N PRO C 385 -19.08 -29.49 12.68
CA PRO C 385 -19.88 -28.98 11.58
C PRO C 385 -21.32 -29.39 11.76
N LEU C 386 -22.24 -28.61 11.22
CA LEU C 386 -23.64 -28.91 11.39
C LEU C 386 -24.41 -29.27 10.09
N MET C 387 -23.93 -28.83 8.91
CA MET C 387 -24.49 -29.29 7.61
C MET C 387 -23.35 -29.51 6.61
N LYS C 388 -23.59 -30.36 5.62
CA LYS C 388 -22.61 -30.71 4.59
C LYS C 388 -23.29 -30.56 3.24
N LYS C 389 -22.59 -29.94 2.30
CA LYS C 389 -23.01 -29.77 0.91
C LYS C 389 -23.41 -31.13 0.31
N ASP C 390 -24.62 -31.21 -0.22
CA ASP C 390 -25.13 -32.40 -0.92
C ASP C 390 -25.20 -33.69 -0.10
N HIS C 391 -25.15 -33.57 1.23
CA HIS C 391 -25.26 -34.74 2.10
C HIS C 391 -26.57 -35.42 1.83
N ARG C 392 -26.58 -36.75 1.87
CA ARG C 392 -27.80 -37.56 1.66
C ARG C 392 -28.93 -37.16 2.60
N ASP C 393 -28.57 -36.77 3.83
CA ASP C 393 -29.50 -36.47 4.91
C ASP C 393 -28.83 -35.60 6.00
N ASN C 394 -29.03 -34.28 5.92
CA ASN C 394 -28.40 -33.32 6.85
C ASN C 394 -29.04 -33.33 8.23
N LEU C 395 -30.22 -33.92 8.38
CA LEU C 395 -30.78 -34.09 9.72
C LEU C 395 -30.01 -35.16 10.47
N GLU C 396 -29.59 -36.21 9.77
CA GLU C 396 -28.71 -37.18 10.37
C GLU C 396 -27.39 -36.50 10.75
N PHE C 397 -26.87 -35.70 9.82
CA PHE C 397 -25.56 -35.08 10.00
C PHE C 397 -25.61 -34.09 11.15
N PHE C 398 -26.67 -33.30 11.17
CA PHE C 398 -26.90 -32.32 12.20
C PHE C 398 -26.94 -32.98 13.55
N LEU C 399 -27.76 -34.02 13.67
CA LEU C 399 -27.91 -34.75 14.91
C LEU C 399 -26.61 -35.45 15.34
N ALA C 400 -25.84 -35.98 14.38
CA ALA C 400 -24.53 -36.51 14.70
C ALA C 400 -23.67 -35.44 15.36
N GLY C 401 -23.76 -34.21 14.84
CA GLY C 401 -23.01 -33.07 15.38
C GLY C 401 -23.47 -32.72 16.79
N ILE C 402 -24.77 -32.69 17.00
CA ILE C 402 -25.34 -32.52 18.36
C ILE C 402 -24.89 -33.66 19.28
N GLY C 403 -24.84 -34.88 18.76
CA GLY C 403 -24.30 -35.97 19.51
C GLY C 403 -22.89 -35.72 19.99
N ARG C 404 -22.09 -35.07 19.16
CA ARG C 404 -20.69 -34.79 19.52
C ARG C 404 -20.52 -33.70 20.58
N LEU C 405 -21.53 -32.85 20.75
CA LEU C 405 -21.58 -31.93 21.87
C LEU C 405 -21.64 -32.72 23.17
N HIS C 406 -22.49 -33.74 23.18
CA HIS C 406 -22.60 -34.60 24.34
C HIS C 406 -21.23 -35.13 24.64
N LEU C 407 -20.64 -35.81 23.66
CA LEU C 407 -19.32 -36.44 23.81
C LEU C 407 -18.23 -35.49 24.30
N SER C 408 -18.39 -34.20 24.04
CA SER C 408 -17.39 -33.25 24.45
C SER C 408 -17.79 -32.45 25.69
N GLY C 409 -18.83 -32.90 26.41
CA GLY C 409 -19.17 -32.33 27.71
C GLY C 409 -20.29 -31.31 27.73
N ILE C 410 -20.91 -31.03 26.61
CA ILE C 410 -21.94 -29.99 26.53
C ILE C 410 -23.29 -30.64 26.70
N ASP C 411 -24.17 -30.03 27.50
CA ASP C 411 -25.50 -30.56 27.70
C ASP C 411 -26.41 -30.00 26.63
N ALA C 412 -26.72 -30.84 25.65
CA ALA C 412 -27.69 -30.49 24.59
C ALA C 412 -28.69 -31.60 24.42
N ASN C 413 -29.89 -31.42 24.97
CA ASN C 413 -30.88 -32.46 24.91
C ASN C 413 -31.70 -32.32 23.64
N PRO C 414 -31.59 -33.32 22.73
CA PRO C 414 -32.34 -33.31 21.46
C PRO C 414 -33.84 -33.41 21.59
N ASN C 415 -34.34 -33.79 22.75
CA ASN C 415 -35.78 -33.92 22.93
C ASN C 415 -36.50 -32.67 22.50
N ALA C 416 -35.86 -31.54 22.74
CA ALA C 416 -36.40 -30.23 22.40
C ALA C 416 -36.68 -30.07 20.90
N LEU C 417 -35.83 -30.68 20.07
CA LEU C 417 -35.95 -30.54 18.61
C LEU C 417 -37.19 -31.18 18.05
N PHE C 418 -37.78 -32.10 18.80
CA PHE C 418 -38.82 -32.96 18.27
C PHE C 418 -40.13 -32.75 19.00
N PRO C 419 -41.23 -33.23 18.39
CA PRO C 419 -42.53 -33.09 19.03
C PRO C 419 -42.51 -33.80 20.38
N PRO C 420 -43.25 -33.26 21.38
CA PRO C 420 -43.25 -33.84 22.72
C PRO C 420 -43.92 -35.20 22.87
N VAL C 421 -43.51 -35.84 23.97
CA VAL C 421 -43.99 -37.15 24.40
C VAL C 421 -44.91 -37.07 25.63
N GLU C 422 -44.99 -35.90 26.27
CA GLU C 422 -45.92 -35.65 27.37
C GLU C 422 -46.49 -34.26 27.20
N PHE C 423 -47.74 -34.08 27.58
CA PHE C 423 -48.37 -32.77 27.54
C PHE C 423 -47.83 -31.83 28.61
N PRO C 424 -47.38 -30.63 28.23
CA PRO C 424 -46.75 -29.63 29.12
C PRO C 424 -47.69 -28.75 30.01
N ALA C 425 -47.10 -27.67 30.56
CA ALA C 425 -47.74 -26.54 31.27
C ALA C 425 -48.69 -26.90 32.38
N LEU D 13 -41.80 -73.81 28.04
CA LEU D 13 -41.67 -73.27 29.43
C LEU D 13 -42.59 -72.04 29.73
N GLY D 14 -42.75 -71.79 31.02
CA GLY D 14 -44.03 -71.44 31.65
C GLY D 14 -44.12 -72.31 32.91
N THR D 15 -43.37 -73.43 32.88
CA THR D 15 -42.73 -74.05 34.05
C THR D 15 -41.80 -73.05 34.74
N GLU D 16 -41.02 -72.33 33.93
CA GLU D 16 -40.31 -71.12 34.35
C GLU D 16 -41.18 -70.23 35.23
N ASN D 17 -42.39 -69.90 34.75
CA ASN D 17 -43.32 -69.09 35.53
C ASN D 17 -43.78 -69.76 36.83
N LEU D 18 -43.86 -71.10 36.84
CA LEU D 18 -44.16 -71.88 38.07
C LEU D 18 -43.03 -71.78 39.12
N TYR D 19 -41.80 -71.54 38.67
CA TYR D 19 -40.65 -71.27 39.56
C TYR D 19 -40.30 -69.78 39.60
N PHE D 20 -41.32 -68.91 39.47
CA PHE D 20 -41.14 -67.47 39.27
C PHE D 20 -40.15 -67.15 38.13
N GLN D 21 -38.91 -67.64 38.28
CA GLN D 21 -37.90 -67.71 37.19
C GLN D 21 -37.47 -66.35 36.64
N SER D 22 -38.44 -65.59 36.16
CA SER D 22 -38.20 -64.26 35.61
C SER D 22 -38.33 -63.13 36.63
N MET D 23 -38.61 -63.44 37.90
CA MET D 23 -38.71 -62.40 38.91
C MET D 23 -37.37 -61.67 39.04
N ARG D 24 -37.42 -60.35 38.93
CA ARG D 24 -36.24 -59.49 39.07
C ARG D 24 -36.55 -58.27 39.94
N LEU D 25 -35.48 -57.70 40.50
CA LEU D 25 -35.57 -56.45 41.23
C LEU D 25 -35.21 -55.37 40.23
N LEU D 26 -36.04 -54.33 40.16
CA LEU D 26 -35.74 -53.16 39.36
C LEU D 26 -35.59 -51.95 40.27
N ARG D 27 -34.41 -51.34 40.21
CA ARG D 27 -34.10 -50.13 40.98
C ARG D 27 -34.04 -48.93 40.04
N ALA D 28 -34.51 -47.79 40.51
CA ALA D 28 -34.58 -46.56 39.69
C ALA D 28 -34.03 -45.35 40.45
N SER D 29 -33.62 -44.33 39.70
CA SER D 29 -33.09 -43.07 40.24
C SER D 29 -33.52 -41.90 39.37
N GLY D 30 -33.53 -40.71 39.93
CA GLY D 30 -33.91 -39.56 39.11
C GLY D 30 -33.89 -38.25 39.84
N ARG D 31 -34.12 -37.20 39.06
CA ARG D 31 -34.13 -35.85 39.60
C ARG D 31 -35.47 -35.55 40.25
N THR D 32 -36.47 -36.34 39.89
CA THR D 32 -37.81 -36.16 40.43
C THR D 32 -38.41 -37.52 40.73
N PRO D 33 -39.40 -37.58 41.64
CA PRO D 33 -40.08 -38.86 41.90
C PRO D 33 -40.90 -39.33 40.70
N GLU D 34 -41.18 -38.41 39.78
CA GLU D 34 -41.93 -38.74 38.57
C GLU D 34 -40.94 -39.44 37.64
N ALA D 35 -39.79 -38.84 37.45
CA ALA D 35 -38.73 -39.45 36.64
C ALA D 35 -38.51 -40.89 37.05
N VAL D 36 -38.59 -41.15 38.35
CA VAL D 36 -38.43 -42.51 38.87
C VAL D 36 -39.65 -43.36 38.50
N GLN D 37 -40.85 -42.89 38.84
CA GLN D 37 -42.07 -43.66 38.57
C GLN D 37 -42.14 -44.02 37.11
N LYS D 38 -41.82 -43.09 36.23
CA LYS D 38 -41.77 -43.35 34.80
C LYS D 38 -40.77 -44.45 34.47
N LEU D 39 -39.59 -44.40 35.08
CA LEU D 39 -38.55 -45.41 34.80
C LEU D 39 -38.96 -46.79 35.30
N LEU D 40 -39.65 -46.82 36.44
CA LEU D 40 -40.16 -48.07 37.00
C LEU D 40 -41.35 -48.58 36.20
N GLU D 41 -42.28 -47.69 35.83
CA GLU D 41 -43.52 -48.08 35.13
C GLU D 41 -43.06 -48.79 33.92
N GLN D 42 -42.10 -48.16 33.30
CA GLN D 42 -41.57 -48.67 32.06
C GLN D 42 -41.07 -50.08 32.23
N GLY D 43 -40.45 -50.32 33.38
CA GLY D 43 -39.92 -51.66 33.68
C GLY D 43 -41.02 -52.69 33.89
N LEU D 44 -42.07 -52.29 34.60
CA LEU D 44 -43.22 -53.11 34.83
C LEU D 44 -43.78 -53.54 33.48
N ARG D 45 -43.94 -52.58 32.58
CA ARG D 45 -44.51 -52.89 31.26
C ARG D 45 -43.55 -53.62 30.32
N HIS D 46 -42.31 -53.82 30.74
CA HIS D 46 -41.36 -54.67 30.01
C HIS D 46 -40.78 -55.70 30.97
N SER D 47 -41.56 -56.15 31.95
CA SER D 47 -41.11 -57.10 32.99
C SER D 47 -40.35 -58.32 32.46
N GLN D 48 -40.72 -58.77 31.26
CA GLN D 48 -40.14 -59.99 30.72
C GLN D 48 -38.92 -59.74 29.84
N ASP D 49 -38.56 -58.48 29.61
CA ASP D 49 -37.38 -58.17 28.79
C ASP D 49 -36.21 -57.99 29.73
N LEU D 50 -35.42 -59.04 29.89
CA LEU D 50 -34.37 -59.07 30.90
C LEU D 50 -33.20 -58.16 30.55
N ALA D 51 -32.83 -58.11 29.27
CA ALA D 51 -31.78 -57.20 28.82
C ALA D 51 -32.16 -55.73 29.04
N PHE D 52 -33.45 -55.43 28.90
CA PHE D 52 -33.98 -54.09 29.16
C PHE D 52 -33.84 -53.77 30.64
N LEU D 53 -34.31 -54.67 31.49
CA LEU D 53 -34.28 -54.46 32.94
C LEU D 53 -32.85 -54.34 33.43
N SER D 54 -31.98 -55.19 32.87
CA SER D 54 -30.57 -55.19 33.20
C SER D 54 -29.96 -53.82 32.99
N MET D 55 -30.37 -53.21 31.88
CA MET D 55 -29.89 -51.91 31.45
C MET D 55 -30.43 -50.80 32.35
N LEU D 56 -31.71 -50.88 32.71
CA LEU D 56 -32.29 -49.95 33.65
C LEU D 56 -31.62 -50.03 35.02
N ASN D 57 -31.14 -51.20 35.42
CA ASN D 57 -30.47 -51.35 36.71
C ASN D 57 -29.11 -50.69 36.68
N ASP D 58 -28.34 -50.96 35.64
CA ASP D 58 -27.03 -50.30 35.47
C ASP D 58 -27.11 -48.75 35.51
N ILE D 59 -28.21 -48.18 35.03
CA ILE D 59 -28.45 -46.73 35.04
C ILE D 59 -28.64 -46.13 36.42
N ALA D 60 -29.33 -46.87 37.29
CA ALA D 60 -29.76 -46.37 38.60
C ALA D 60 -28.60 -45.94 39.49
N ALA D 61 -27.40 -46.41 39.16
CA ALA D 61 -26.16 -46.01 39.85
C ALA D 61 -25.79 -44.57 39.58
N VAL D 62 -26.54 -43.64 40.19
CA VAL D 62 -26.29 -42.22 40.03
C VAL D 62 -26.46 -41.57 41.41
N PRO D 63 -25.39 -40.93 41.91
CA PRO D 63 -25.38 -40.37 43.25
C PRO D 63 -26.56 -39.45 43.55
N ALA D 64 -27.02 -39.49 44.81
CA ALA D 64 -28.16 -38.67 45.28
C ALA D 64 -27.95 -37.18 45.00
N THR D 65 -26.70 -36.74 45.10
CA THR D 65 -26.23 -35.43 44.61
C THR D 65 -26.91 -35.07 43.31
N ALA D 66 -26.76 -35.96 42.32
CA ALA D 66 -27.25 -35.74 40.98
C ALA D 66 -28.72 -36.08 40.88
N MET D 67 -29.10 -37.24 41.43
CA MET D 67 -30.49 -37.71 41.42
C MET D 67 -30.97 -38.10 42.81
N PRO D 68 -31.51 -37.13 43.55
CA PRO D 68 -31.97 -37.29 44.93
C PRO D 68 -33.16 -38.20 45.21
N PHE D 69 -33.79 -38.74 44.18
CA PHE D 69 -34.91 -39.63 44.36
C PHE D 69 -34.56 -41.02 43.87
N ARG D 70 -34.91 -42.04 44.67
CA ARG D 70 -34.71 -43.43 44.25
C ARG D 70 -35.95 -44.27 44.52
N GLY D 71 -36.07 -45.38 43.81
CA GLY D 71 -37.19 -46.30 43.99
C GLY D 71 -36.86 -47.73 43.59
N TYR D 72 -37.69 -48.67 44.00
CA TYR D 72 -37.53 -50.06 43.59
C TYR D 72 -38.89 -50.71 43.38
N ALA D 73 -38.88 -51.80 42.62
CA ALA D 73 -40.05 -52.66 42.46
C ALA D 73 -39.55 -54.07 42.22
N VAL D 74 -40.14 -55.05 42.91
CA VAL D 74 -39.86 -56.45 42.64
C VAL D 74 -40.86 -56.91 41.58
N LEU D 75 -40.37 -57.08 40.35
CA LEU D 75 -41.21 -57.48 39.22
C LEU D 75 -41.40 -58.98 39.26
N GLY D 76 -42.64 -59.45 39.12
CA GLY D 76 -43.04 -60.81 39.51
C GLY D 76 -43.50 -60.82 40.97
N GLY D 77 -44.23 -61.84 41.37
CA GLY D 77 -44.53 -62.01 42.80
C GLY D 77 -45.55 -61.06 43.42
N GLU D 78 -46.13 -61.55 44.53
CA GLU D 78 -47.35 -60.98 45.13
C GLU D 78 -47.11 -59.59 45.67
N ARG D 79 -46.41 -59.49 46.80
CA ARG D 79 -46.09 -58.18 47.42
C ARG D 79 -45.13 -57.36 46.54
N GLY D 80 -45.41 -57.38 45.23
CA GLY D 80 -44.84 -56.43 44.28
C GLY D 80 -45.66 -55.15 44.31
N GLY D 81 -44.94 -54.04 44.53
CA GLY D 81 -45.49 -52.68 44.53
C GLY D 81 -44.30 -51.75 44.70
N PRO D 82 -44.39 -50.50 44.20
CA PRO D 82 -43.19 -49.65 44.14
C PRO D 82 -42.96 -48.87 45.41
N GLU D 83 -41.72 -48.80 45.88
CA GLU D 83 -41.37 -47.87 46.95
C GLU D 83 -40.51 -46.80 46.33
N VAL D 84 -40.89 -45.55 46.55
CA VAL D 84 -40.14 -44.40 46.04
C VAL D 84 -39.86 -43.49 47.24
N GLN D 85 -38.71 -42.82 47.21
CA GLN D 85 -38.20 -42.13 48.39
C GLN D 85 -37.03 -41.19 48.09
N GLN D 86 -37.01 -40.05 48.76
CA GLN D 86 -35.90 -39.10 48.65
C GLN D 86 -34.72 -39.69 49.44
N VAL D 87 -33.54 -39.65 48.82
CA VAL D 87 -32.35 -40.23 49.43
C VAL D 87 -31.48 -39.15 50.05
N PRO D 88 -31.10 -39.34 51.33
CA PRO D 88 -30.25 -38.33 51.97
C PRO D 88 -28.91 -38.25 51.22
N ALA D 89 -28.38 -37.07 50.94
CA ALA D 89 -27.02 -37.00 50.33
C ALA D 89 -26.09 -37.73 51.29
N GLY D 90 -25.46 -38.80 50.84
CA GLY D 90 -25.05 -39.85 51.79
C GLY D 90 -23.82 -40.70 51.56
N GLU D 91 -23.02 -40.81 52.62
CA GLU D 91 -22.05 -41.89 52.78
C GLU D 91 -22.38 -42.60 54.10
N ARG D 92 -23.38 -43.47 54.00
CA ARG D 92 -24.00 -44.18 55.11
C ARG D 92 -23.28 -45.51 55.20
N PRO D 93 -22.85 -45.89 56.41
CA PRO D 93 -22.03 -47.08 56.57
C PRO D 93 -22.86 -48.36 56.64
N LEU D 94 -22.32 -49.44 56.08
CA LEU D 94 -23.05 -50.70 55.93
C LEU D 94 -22.54 -51.69 56.95
N TRP D 95 -23.47 -52.23 57.74
CA TRP D 95 -23.14 -53.15 58.82
C TRP D 95 -23.84 -54.47 58.60
N PHE D 96 -23.12 -55.58 58.82
CA PHE D 96 -23.69 -56.92 58.78
C PHE D 96 -23.88 -57.39 60.22
N ILE D 97 -25.09 -57.82 60.56
CA ILE D 97 -25.35 -58.53 61.83
C ILE D 97 -25.67 -60.01 61.56
N CYS D 98 -24.82 -60.93 62.02
CA CYS D 98 -25.09 -62.36 61.86
C CYS D 98 -25.77 -62.88 63.11
N SER D 99 -27.00 -63.35 62.93
CA SER D 99 -27.79 -63.80 64.04
C SER D 99 -27.30 -65.16 64.51
N GLY D 100 -27.76 -65.56 65.68
CA GLY D 100 -27.34 -66.81 66.26
C GLY D 100 -28.43 -67.85 66.15
N MET D 101 -28.63 -68.55 67.26
CA MET D 101 -29.45 -69.76 67.29
C MET D 101 -30.92 -69.43 67.34
N GLY D 102 -31.74 -70.40 66.96
CA GLY D 102 -33.19 -70.30 67.06
C GLY D 102 -33.85 -69.86 65.78
N THR D 103 -33.03 -69.51 64.79
CA THR D 103 -33.52 -68.93 63.54
C THR D 103 -33.91 -70.00 62.50
N GLN D 104 -33.74 -71.28 62.86
CA GLN D 104 -34.05 -72.37 61.94
C GLN D 104 -35.55 -72.53 61.67
N TRP D 105 -35.88 -73.03 60.47
CA TRP D 105 -37.26 -73.42 60.14
C TRP D 105 -37.26 -74.31 58.89
N ARG D 106 -38.26 -75.18 58.79
CA ARG D 106 -38.34 -76.19 57.73
C ARG D 106 -38.61 -75.52 56.37
N GLY D 107 -37.68 -75.72 55.44
CA GLY D 107 -37.77 -75.13 54.10
C GLY D 107 -36.91 -73.89 53.95
N MET D 108 -36.20 -73.54 55.02
CA MET D 108 -35.13 -72.55 54.98
C MET D 108 -34.37 -72.52 53.66
N GLY D 109 -34.33 -71.37 53.01
CA GLY D 109 -33.43 -71.13 51.90
C GLY D 109 -33.76 -71.84 50.61
N LEU D 110 -34.91 -72.53 50.54
CA LEU D 110 -35.32 -73.23 49.33
C LEU D 110 -35.67 -72.26 48.22
N SER D 111 -36.25 -71.12 48.61
CA SER D 111 -36.60 -70.09 47.67
C SER D 111 -35.36 -69.39 47.14
N LEU D 112 -34.39 -69.15 48.02
CA LEU D 112 -33.13 -68.54 47.62
C LEU D 112 -32.26 -69.47 46.78
N MET D 113 -32.59 -70.75 46.77
CA MET D 113 -31.82 -71.74 46.00
C MET D 113 -31.92 -71.48 44.48
N ARG D 114 -32.91 -70.68 44.08
CA ARG D 114 -33.06 -70.21 42.70
C ARG D 114 -31.93 -69.30 42.21
N LEU D 115 -31.25 -68.62 43.14
CA LEU D 115 -30.09 -67.80 42.78
C LEU D 115 -28.88 -68.71 42.75
N ASP D 116 -28.17 -68.69 41.63
CA ASP D 116 -27.09 -69.64 41.40
C ASP D 116 -25.96 -69.47 42.41
N ARG D 117 -25.62 -68.22 42.76
CA ARG D 117 -24.51 -67.98 43.69
C ARG D 117 -24.86 -68.56 45.05
N PHE D 118 -26.15 -68.56 45.37
CA PHE D 118 -26.62 -69.11 46.64
C PHE D 118 -26.51 -70.63 46.65
N ARG D 119 -27.07 -71.27 45.63
CA ARG D 119 -27.03 -72.73 45.57
C ARG D 119 -25.61 -73.23 45.34
N ASP D 120 -24.80 -72.50 44.58
CA ASP D 120 -23.38 -72.81 44.51
C ASP D 120 -22.75 -72.80 45.90
N SER D 121 -23.02 -71.75 46.67
CA SER D 121 -22.55 -71.64 48.06
C SER D 121 -22.96 -72.81 48.93
N ILE D 122 -24.22 -73.22 48.82
CA ILE D 122 -24.72 -74.33 49.64
C ILE D 122 -24.20 -75.70 49.21
N LEU D 123 -24.01 -75.90 47.92
CA LEU D 123 -23.37 -77.13 47.46
C LEU D 123 -21.91 -77.16 47.92
N ARG D 124 -21.23 -76.00 47.90
CA ARG D 124 -19.86 -75.91 48.40
C ARG D 124 -19.85 -76.29 49.88
N SER D 125 -20.88 -75.87 50.60
CA SER D 125 -21.01 -76.24 52.02
C SER D 125 -21.24 -77.74 52.20
N ASP D 126 -22.15 -78.31 51.42
CA ASP D 126 -22.37 -79.77 51.42
C ASP D 126 -21.04 -80.52 51.36
N GLU D 127 -20.11 -80.02 50.54
CA GLU D 127 -18.83 -80.70 50.33
C GLU D 127 -17.97 -80.69 51.60
N ALA D 128 -18.02 -79.59 52.35
CA ALA D 128 -17.36 -79.55 53.65
C ALA D 128 -17.88 -80.66 54.58
N VAL D 129 -19.16 -81.00 54.43
CA VAL D 129 -19.82 -82.00 55.28
C VAL D 129 -20.17 -83.33 54.58
N LYS D 130 -19.62 -83.58 53.38
CA LYS D 130 -19.78 -84.91 52.75
C LYS D 130 -19.31 -85.99 53.74
N PRO D 131 -18.09 -85.82 54.33
CA PRO D 131 -17.76 -86.73 55.42
C PRO D 131 -18.59 -86.26 56.58
N PHE D 132 -18.77 -87.08 57.60
CA PHE D 132 -19.81 -86.81 58.61
C PHE D 132 -21.20 -87.14 58.07
N GLY D 133 -21.31 -87.35 56.75
CA GLY D 133 -22.50 -87.89 56.13
C GLY D 133 -23.67 -86.95 56.18
N LEU D 134 -23.43 -85.68 55.91
CA LEU D 134 -24.51 -84.70 55.85
C LEU D 134 -24.44 -83.93 54.53
N LYS D 135 -25.62 -83.60 54.02
CA LYS D 135 -25.77 -82.70 52.88
C LYS D 135 -26.71 -81.60 53.37
N VAL D 136 -26.19 -80.38 53.49
CA VAL D 136 -27.01 -79.24 53.91
C VAL D 136 -28.23 -79.12 53.01
N SER D 137 -28.00 -79.10 51.70
CA SER D 137 -29.07 -79.08 50.70
C SER D 137 -30.21 -80.06 50.96
N GLN D 138 -29.90 -81.28 51.43
CA GLN D 138 -30.95 -82.28 51.66
C GLN D 138 -31.69 -81.98 52.98
N LEU D 139 -30.98 -81.39 53.94
CA LEU D 139 -31.58 -80.93 55.18
C LEU D 139 -32.62 -79.86 54.88
N LEU D 140 -32.24 -78.90 54.04
CA LEU D 140 -33.15 -77.85 53.59
C LEU D 140 -34.36 -78.46 52.85
N LEU D 141 -34.12 -79.45 52.01
CA LEU D 141 -35.20 -80.10 51.26
C LEU D 141 -36.14 -80.93 52.15
N SER D 142 -35.64 -81.43 53.27
CA SER D 142 -36.41 -82.33 54.13
C SER D 142 -37.81 -81.79 54.40
N THR D 143 -38.81 -82.65 54.19
CA THR D 143 -40.19 -82.36 54.59
C THR D 143 -40.46 -82.88 56.01
N ASP D 144 -39.40 -83.34 56.69
CA ASP D 144 -39.50 -83.78 58.09
C ASP D 144 -39.47 -82.57 59.03
N GLU D 145 -40.58 -82.36 59.74
CA GLU D 145 -40.76 -81.26 60.70
C GLU D 145 -39.65 -81.18 61.75
N SER D 146 -39.13 -82.34 62.15
CA SER D 146 -38.18 -82.44 63.25
C SER D 146 -36.72 -82.43 62.80
N THR D 147 -36.49 -82.21 61.51
CA THR D 147 -35.15 -82.33 60.96
C THR D 147 -34.15 -81.37 61.63
N PHE D 148 -34.59 -80.14 61.91
CA PHE D 148 -33.75 -79.12 62.57
C PHE D 148 -33.85 -79.14 64.10
N ASP D 149 -34.51 -80.15 64.66
CA ASP D 149 -34.48 -80.36 66.11
C ASP D 149 -33.09 -80.87 66.53
N ASP D 150 -32.38 -81.48 65.57
CA ASP D 150 -31.01 -81.91 65.81
C ASP D 150 -30.06 -80.71 65.76
N ILE D 151 -29.25 -80.58 66.80
CA ILE D 151 -28.36 -79.43 66.96
C ILE D 151 -27.35 -79.27 65.84
N VAL D 152 -26.86 -80.40 65.31
CA VAL D 152 -25.88 -80.33 64.23
C VAL D 152 -26.56 -79.81 62.97
N HIS D 153 -27.66 -80.46 62.62
CA HIS D 153 -28.45 -80.06 61.47
C HIS D 153 -28.67 -78.54 61.48
N SER D 154 -29.22 -78.02 62.58
CA SER D 154 -29.44 -76.59 62.73
C SER D 154 -28.16 -75.78 62.55
N PHE D 155 -27.21 -76.00 63.46
CA PHE D 155 -26.00 -75.19 63.48
C PHE D 155 -25.33 -75.09 62.12
N VAL D 156 -25.16 -76.25 61.48
CA VAL D 156 -24.57 -76.30 60.16
C VAL D 156 -25.41 -75.52 59.15
N SER D 157 -26.72 -75.74 59.17
CA SER D 157 -27.62 -75.11 58.19
C SER D 157 -27.78 -73.59 58.39
N LEU D 158 -27.85 -73.11 59.63
CA LEU D 158 -27.83 -71.67 59.88
C LEU D 158 -26.60 -71.08 59.22
N THR D 159 -25.43 -71.61 59.58
CA THR D 159 -24.17 -71.05 59.13
C THR D 159 -24.08 -71.12 57.61
N ALA D 160 -24.48 -72.24 57.01
CA ALA D 160 -24.43 -72.36 55.56
C ALA D 160 -25.32 -71.31 54.89
N ILE D 161 -26.52 -71.13 55.42
CA ILE D 161 -27.44 -70.14 54.88
C ILE D 161 -26.88 -68.74 55.02
N GLN D 162 -26.29 -68.46 56.18
CA GLN D 162 -25.66 -67.15 56.36
C GLN D 162 -24.52 -66.92 55.35
N ILE D 163 -23.77 -67.96 55.07
CA ILE D 163 -22.66 -67.86 54.13
C ILE D 163 -23.21 -67.58 52.74
N GLY D 164 -24.33 -68.21 52.41
CA GLY D 164 -24.99 -67.96 51.14
C GLY D 164 -25.38 -66.51 51.03
N LEU D 165 -26.14 -66.04 52.00
CA LEU D 165 -26.49 -64.63 52.07
C LEU D 165 -25.27 -63.75 51.87
N ILE D 166 -24.19 -64.03 52.60
CA ILE D 166 -22.97 -63.23 52.48
C ILE D 166 -22.43 -63.27 51.07
N ASP D 167 -22.47 -64.44 50.43
CA ASP D 167 -22.03 -64.59 49.05
C ASP D 167 -22.88 -63.75 48.09
N LEU D 168 -24.20 -63.78 48.26
CA LEU D 168 -25.09 -62.94 47.44
C LEU D 168 -24.73 -61.46 47.57
N LEU D 169 -24.48 -61.02 48.81
CA LEU D 169 -24.09 -59.64 49.06
C LEU D 169 -22.75 -59.33 48.39
N SER D 170 -21.78 -60.21 48.55
CA SER D 170 -20.47 -59.94 48.00
C SER D 170 -20.54 -59.93 46.49
N CYS D 171 -21.43 -60.73 45.91
CA CYS D 171 -21.53 -60.83 44.46
C CYS D 171 -22.04 -59.53 43.86
N MET D 172 -22.59 -58.63 44.69
CA MET D 172 -22.93 -57.26 44.27
C MET D 172 -21.90 -56.24 44.75
N GLY D 173 -20.73 -56.72 45.19
CA GLY D 173 -19.60 -55.86 45.54
C GLY D 173 -19.78 -55.10 46.83
N LEU D 174 -20.63 -55.61 47.71
CA LEU D 174 -20.93 -54.98 49.00
C LEU D 174 -19.92 -55.41 50.06
N ARG D 175 -19.01 -54.49 50.42
CA ARG D 175 -18.06 -54.70 51.50
C ARG D 175 -18.64 -54.05 52.76
N PRO D 176 -18.72 -54.80 53.87
CA PRO D 176 -19.24 -54.23 55.10
C PRO D 176 -18.23 -53.30 55.77
N ASP D 177 -18.73 -52.20 56.32
CA ASP D 177 -17.93 -51.29 57.13
C ASP D 177 -17.79 -51.80 58.56
N GLY D 178 -18.78 -52.58 59.01
CA GLY D 178 -18.78 -53.19 60.34
C GLY D 178 -19.47 -54.53 60.36
N ILE D 179 -19.06 -55.40 61.29
CA ILE D 179 -19.57 -56.75 61.38
C ILE D 179 -19.81 -57.07 62.85
N VAL D 180 -20.92 -57.73 63.15
CA VAL D 180 -21.26 -58.08 64.54
C VAL D 180 -22.09 -59.36 64.60
N GLY D 181 -21.66 -60.30 65.45
CA GLY D 181 -22.31 -61.61 65.56
C GLY D 181 -23.07 -61.83 66.86
N HIS D 182 -23.93 -62.84 66.86
CA HIS D 182 -24.68 -63.29 68.06
C HIS D 182 -24.44 -64.77 68.20
N SER D 183 -23.80 -65.18 69.29
CA SER D 183 -23.43 -66.58 69.55
C SER D 183 -22.84 -67.24 68.28
N LEU D 184 -23.52 -68.26 67.76
CA LEU D 184 -23.06 -69.00 66.59
C LEU D 184 -22.84 -68.07 65.40
N GLY D 185 -23.63 -67.00 65.29
CA GLY D 185 -23.42 -65.98 64.28
C GLY D 185 -21.99 -65.46 64.13
N GLU D 186 -21.21 -65.51 65.21
CA GLU D 186 -19.81 -65.10 65.14
C GLU D 186 -18.99 -65.97 64.20
N VAL D 187 -19.43 -67.18 63.90
CA VAL D 187 -18.74 -68.02 62.89
C VAL D 187 -18.89 -67.38 61.51
N ALA D 188 -20.13 -67.18 61.06
CA ALA D 188 -20.43 -66.45 59.84
C ALA D 188 -19.66 -65.10 59.77
N CYS D 189 -19.58 -64.38 60.89
CA CYS D 189 -18.81 -63.11 60.92
C CYS D 189 -17.35 -63.32 60.47
N GLY D 190 -16.75 -64.43 60.85
CA GLY D 190 -15.38 -64.74 60.43
C GLY D 190 -15.31 -64.85 58.92
N TYR D 191 -16.26 -65.57 58.35
CA TYR D 191 -16.38 -65.68 56.90
C TYR D 191 -16.48 -64.31 56.27
N ALA D 192 -17.41 -63.51 56.76
CA ALA D 192 -17.63 -62.17 56.21
C ALA D 192 -16.42 -61.24 56.38
N ASP D 193 -15.62 -61.48 57.41
CA ASP D 193 -14.45 -60.65 57.72
C ASP D 193 -13.21 -61.09 56.94
N GLY D 194 -13.27 -62.28 56.35
CA GLY D 194 -12.12 -62.86 55.66
C GLY D 194 -11.13 -63.55 56.57
N CYS D 195 -11.56 -63.89 57.79
CA CYS D 195 -10.74 -64.64 58.75
C CYS D 195 -10.82 -66.11 58.45
N LEU D 196 -12.06 -66.58 58.28
CA LEU D 196 -12.32 -67.99 58.06
C LEU D 196 -12.78 -68.22 56.63
N SER D 197 -12.32 -69.31 56.04
CA SER D 197 -12.85 -69.77 54.77
C SER D 197 -14.22 -70.37 55.00
N GLN D 198 -14.91 -70.62 53.89
CA GLN D 198 -16.20 -71.28 53.92
C GLN D 198 -16.12 -72.63 54.60
N GLU D 199 -15.09 -73.39 54.26
CA GLU D 199 -14.94 -74.74 54.78
C GLU D 199 -14.62 -74.70 56.28
N GLU D 200 -13.77 -73.76 56.69
CA GLU D 200 -13.45 -73.58 58.10
C GLU D 200 -14.68 -73.19 58.87
N ALA D 201 -15.40 -72.22 58.33
CA ALA D 201 -16.59 -71.69 58.97
C ALA D 201 -17.62 -72.77 59.21
N VAL D 202 -17.87 -73.55 58.16
CA VAL D 202 -18.93 -74.56 58.20
C VAL D 202 -18.56 -75.62 59.23
N LEU D 203 -17.32 -76.09 59.16
CA LEU D 203 -16.85 -77.15 60.07
C LEU D 203 -16.85 -76.70 61.53
N ALA D 204 -16.55 -75.42 61.77
CA ALA D 204 -16.70 -74.84 63.10
C ALA D 204 -18.15 -74.95 63.58
N ALA D 205 -19.13 -74.67 62.72
CA ALA D 205 -20.53 -74.87 63.09
C ALA D 205 -20.82 -76.35 63.33
N TYR D 206 -20.23 -77.25 62.53
CA TYR D 206 -20.44 -78.69 62.71
C TYR D 206 -19.95 -79.20 64.05
N TRP D 207 -18.67 -78.92 64.34
CA TRP D 207 -18.04 -79.48 65.54
C TRP D 207 -18.67 -78.90 66.82
N ARG D 208 -18.94 -77.60 66.81
CA ARG D 208 -19.71 -76.97 67.88
C ARG D 208 -20.98 -77.77 68.19
N GLY D 209 -21.75 -78.12 67.17
CA GLY D 209 -22.96 -78.92 67.36
C GLY D 209 -22.67 -80.36 67.74
N GLN D 210 -21.75 -81.00 67.03
CA GLN D 210 -21.43 -82.41 67.25
C GLN D 210 -20.86 -82.66 68.63
N CYS D 211 -19.97 -81.78 69.08
CA CYS D 211 -19.41 -81.89 70.42
C CYS D 211 -20.49 -81.88 71.51
N ILE D 212 -21.42 -80.93 71.40
CA ILE D 212 -22.55 -80.83 72.33
C ILE D 212 -23.42 -82.10 72.30
N LYS D 213 -23.85 -82.50 71.11
CA LYS D 213 -24.67 -83.69 70.91
C LYS D 213 -24.08 -84.88 71.68
N GLU D 214 -22.79 -85.11 71.48
CA GLU D 214 -22.06 -86.22 72.11
C GLU D 214 -21.94 -86.08 73.64
N ALA D 215 -21.92 -84.84 74.13
CA ALA D 215 -21.67 -84.57 75.55
C ALA D 215 -22.72 -85.09 76.55
N HIS D 216 -23.94 -85.37 76.10
CA HIS D 216 -25.07 -85.73 76.98
C HIS D 216 -25.04 -85.08 78.38
N LEU D 217 -25.30 -83.79 78.38
CA LEU D 217 -25.24 -82.95 79.59
C LEU D 217 -26.58 -82.97 80.33
N PRO D 218 -26.60 -82.46 81.57
CA PRO D 218 -27.87 -82.39 82.29
C PRO D 218 -28.89 -81.45 81.63
N PRO D 219 -30.20 -81.66 81.93
CA PRO D 219 -31.22 -80.80 81.36
C PRO D 219 -31.11 -79.33 81.80
N GLY D 220 -30.99 -78.43 80.81
CA GLY D 220 -30.89 -76.99 81.03
C GLY D 220 -32.03 -76.22 80.40
N ALA D 221 -32.01 -74.89 80.57
CA ALA D 221 -33.01 -74.03 79.98
C ALA D 221 -32.51 -72.60 79.95
N MET D 222 -33.03 -71.83 78.99
CA MET D 222 -32.77 -70.41 78.91
C MET D 222 -34.12 -69.71 78.82
N ALA D 223 -34.16 -68.43 79.20
CA ALA D 223 -35.41 -67.67 79.16
C ALA D 223 -35.18 -66.19 78.91
N ALA D 224 -35.99 -65.60 78.03
CA ALA D 224 -35.97 -64.17 77.76
C ALA D 224 -36.58 -63.48 78.95
N VAL D 225 -35.92 -62.42 79.44
CA VAL D 225 -36.34 -61.77 80.68
C VAL D 225 -36.23 -60.25 80.56
N GLY D 226 -37.21 -59.57 81.15
CA GLY D 226 -37.36 -58.12 81.00
C GLY D 226 -36.63 -57.33 82.07
N LEU D 227 -35.43 -57.81 82.42
CA LEU D 227 -34.57 -57.13 83.38
C LEU D 227 -33.28 -56.66 82.68
N SER D 228 -32.56 -55.76 83.36
CA SER D 228 -31.24 -55.32 82.89
C SER D 228 -30.19 -56.36 83.27
N TRP D 229 -28.99 -56.22 82.69
CA TRP D 229 -27.89 -57.15 82.96
C TRP D 229 -27.50 -57.13 84.42
N GLU D 230 -27.23 -55.93 84.96
CA GLU D 230 -26.83 -55.79 86.36
C GLU D 230 -27.97 -56.25 87.30
N GLU D 231 -29.21 -55.92 86.93
CA GLU D 231 -30.41 -56.34 87.67
C GLU D 231 -30.55 -57.85 87.67
N CYS D 232 -30.27 -58.49 86.54
CA CYS D 232 -30.24 -59.95 86.46
C CYS D 232 -29.14 -60.51 87.37
N LYS D 233 -27.92 -60.00 87.22
CA LYS D 233 -26.78 -60.44 88.05
C LYS D 233 -27.20 -60.47 89.54
N GLN D 234 -27.81 -59.38 90.03
CA GLN D 234 -28.23 -59.30 91.44
C GLN D 234 -29.39 -60.26 91.74
N ARG D 235 -30.45 -60.21 90.94
CA ARG D 235 -31.69 -60.93 91.28
C ARG D 235 -31.71 -62.41 90.87
N CYS D 236 -30.73 -62.83 90.07
CA CYS D 236 -30.64 -64.21 89.60
C CYS D 236 -30.43 -65.21 90.74
N PRO D 237 -31.26 -66.28 90.80
CA PRO D 237 -30.99 -67.37 91.74
C PRO D 237 -29.68 -68.11 91.41
N PRO D 238 -29.12 -68.84 92.40
CA PRO D 238 -27.78 -69.41 92.18
C PRO D 238 -27.80 -70.49 91.11
N GLY D 239 -26.75 -70.51 90.29
CA GLY D 239 -26.65 -71.47 89.19
C GLY D 239 -27.36 -71.00 87.91
N VAL D 240 -28.05 -69.86 88.00
CA VAL D 240 -28.69 -69.24 86.86
C VAL D 240 -27.96 -67.92 86.62
N VAL D 241 -27.56 -67.69 85.37
CA VAL D 241 -26.70 -66.57 85.02
C VAL D 241 -27.25 -65.84 83.81
N PRO D 242 -27.03 -64.53 83.74
CA PRO D 242 -27.33 -63.79 82.53
C PRO D 242 -26.41 -64.23 81.40
N ALA D 243 -26.97 -64.47 80.22
CA ALA D 243 -26.30 -65.21 79.16
C ALA D 243 -26.08 -64.41 77.87
O MCS D 244 -29.01 -61.57 76.98
C MCS D 244 -27.90 -61.73 76.49
CA MCS D 244 -27.42 -63.14 76.04
N MCS D 244 -27.15 -63.88 77.25
CB MCS D 244 -28.36 -63.99 75.08
SAI MCS D 244 -27.76 -65.74 74.77
CAK MCS D 244 -28.73 -66.56 73.52
OAC MCS D 244 -28.16 -66.75 72.43
CAG MCS D 244 -30.19 -67.05 73.77
CAJ MCS D 244 -30.64 -68.30 72.92
OAE MCS D 244 -29.76 -69.00 72.38
OAB MCS D 244 -31.87 -68.54 72.83
N HIS D 245 -27.01 -60.73 76.38
CA HIS D 245 -27.37 -59.31 76.61
C HIS D 245 -27.77 -58.65 75.30
N ASN D 246 -29.07 -58.59 75.06
CA ASN D 246 -29.61 -58.13 73.80
C ASN D 246 -29.92 -56.63 73.78
N SER D 247 -30.46 -56.11 74.88
CA SER D 247 -30.73 -54.67 75.01
C SER D 247 -30.71 -54.25 76.47
N LYS D 248 -30.80 -52.95 76.71
CA LYS D 248 -30.72 -52.40 78.07
C LYS D 248 -31.66 -53.12 79.05
N ASP D 249 -32.84 -53.54 78.58
CA ASP D 249 -33.79 -54.30 79.40
C ASP D 249 -34.29 -55.59 78.72
N THR D 250 -33.40 -56.24 77.96
CA THR D 250 -33.66 -57.60 77.48
C THR D 250 -32.41 -58.46 77.65
N VAL D 251 -32.46 -59.32 78.66
CA VAL D 251 -31.41 -60.30 78.95
C VAL D 251 -31.97 -61.73 78.85
N THR D 252 -31.29 -62.61 78.12
CA THR D 252 -31.60 -64.03 78.19
C THR D 252 -30.73 -64.63 79.28
N ILE D 253 -31.38 -65.25 80.27
CA ILE D 253 -30.68 -65.97 81.32
C ILE D 253 -30.51 -67.42 80.92
N SER D 254 -29.58 -68.09 81.57
CA SER D 254 -29.29 -69.49 81.26
C SER D 254 -28.95 -70.25 82.54
N GLY D 255 -29.34 -71.52 82.59
CA GLY D 255 -29.00 -72.37 83.73
C GLY D 255 -29.70 -73.72 83.69
N PRO D 256 -29.68 -74.45 84.81
CA PRO D 256 -30.42 -75.71 84.92
C PRO D 256 -31.94 -75.57 84.84
N GLN D 257 -32.54 -76.62 84.28
CA GLN D 257 -33.96 -76.68 83.97
C GLN D 257 -34.83 -76.30 85.16
N ALA D 258 -34.47 -76.80 86.33
CA ALA D 258 -35.25 -76.65 87.56
C ALA D 258 -35.26 -75.19 88.07
N PRO D 259 -34.10 -74.67 88.54
CA PRO D 259 -34.03 -73.27 88.96
C PRO D 259 -34.60 -72.29 87.93
N VAL D 260 -34.22 -72.46 86.66
CA VAL D 260 -34.73 -71.60 85.60
C VAL D 260 -36.25 -71.67 85.53
N PHE D 261 -36.81 -72.86 85.31
CA PHE D 261 -38.28 -73.05 85.20
C PHE D 261 -39.03 -72.55 86.44
N GLU D 262 -38.42 -72.68 87.61
CA GLU D 262 -38.99 -72.19 88.86
C GLU D 262 -38.93 -70.68 88.96
N PHE D 263 -37.78 -70.11 88.59
CA PHE D 263 -37.55 -68.68 88.67
C PHE D 263 -38.43 -67.90 87.68
N VAL D 264 -38.75 -68.53 86.55
CA VAL D 264 -39.67 -67.97 85.55
C VAL D 264 -41.13 -67.97 86.04
N GLU D 265 -41.48 -68.94 86.89
CA GLU D 265 -42.77 -68.93 87.60
C GLU D 265 -42.83 -67.79 88.62
N GLN D 266 -41.74 -67.60 89.38
CA GLN D 266 -41.68 -66.57 90.44
C GLN D 266 -41.74 -65.17 89.84
N LEU D 267 -41.05 -64.96 88.72
CA LEU D 267 -41.08 -63.68 88.01
C LEU D 267 -42.44 -63.39 87.40
N ARG D 268 -43.01 -64.40 86.71
CA ARG D 268 -44.39 -64.30 86.23
C ARG D 268 -45.32 -63.90 87.39
N LYS D 269 -45.19 -64.58 88.53
CA LYS D 269 -46.00 -64.30 89.72
C LYS D 269 -45.94 -62.83 90.15
N GLU D 270 -44.76 -62.23 90.03
CA GLU D 270 -44.57 -60.85 90.48
C GLU D 270 -44.47 -59.86 89.32
N GLY D 271 -45.29 -60.05 88.30
CA GLY D 271 -45.49 -59.06 87.23
C GLY D 271 -44.30 -58.76 86.34
N VAL D 272 -43.29 -59.64 86.36
CA VAL D 272 -42.08 -59.48 85.55
C VAL D 272 -42.22 -60.35 84.31
N PHE D 273 -41.88 -59.77 83.15
CA PHE D 273 -41.87 -60.52 81.91
C PHE D 273 -40.90 -61.70 82.00
N ALA D 274 -41.32 -62.83 81.44
CA ALA D 274 -40.53 -64.06 81.48
C ALA D 274 -41.09 -65.14 80.53
N LYS D 275 -40.39 -65.34 79.40
CA LYS D 275 -40.69 -66.43 78.44
C LYS D 275 -39.56 -67.47 78.38
N GLU D 276 -39.91 -68.73 78.55
CA GLU D 276 -38.97 -69.82 78.30
C GLU D 276 -38.70 -69.84 76.82
N VAL D 277 -37.47 -70.19 76.44
CA VAL D 277 -37.07 -70.22 75.07
C VAL D 277 -36.52 -71.60 74.72
N ARG D 278 -36.99 -72.12 73.59
CA ARG D 278 -36.59 -73.43 73.11
C ARG D 278 -35.10 -73.44 72.80
N THR D 279 -34.33 -74.08 73.68
CA THR D 279 -32.90 -74.27 73.47
C THR D 279 -32.58 -75.74 73.32
N GLY D 280 -33.61 -76.54 73.06
CA GLY D 280 -33.47 -78.00 72.99
C GLY D 280 -32.90 -78.57 74.27
N GLY D 281 -33.37 -78.02 75.39
CA GLY D 281 -32.91 -78.43 76.72
C GLY D 281 -31.50 -78.00 77.09
N MET D 282 -30.94 -77.07 76.32
CA MET D 282 -29.56 -76.67 76.54
C MET D 282 -29.47 -75.31 77.24
N ALA D 283 -28.44 -75.16 78.06
CA ALA D 283 -28.17 -73.93 78.79
C ALA D 283 -26.91 -73.31 78.21
N PHE D 284 -27.06 -72.70 77.04
CA PHE D 284 -25.91 -72.21 76.29
C PHE D 284 -25.30 -70.98 76.98
N HIS D 285 -24.07 -70.66 76.57
CA HIS D 285 -23.34 -69.48 77.02
C HIS D 285 -23.41 -69.36 78.54
N SER D 286 -23.01 -70.46 79.18
CA SER D 286 -22.98 -70.59 80.62
C SER D 286 -21.91 -71.62 80.99
N TYR D 287 -21.71 -71.80 82.28
CA TYR D 287 -20.77 -72.83 82.81
C TYR D 287 -21.10 -74.24 82.32
N PHE D 288 -22.38 -74.53 82.06
CA PHE D 288 -22.81 -75.83 81.52
C PHE D 288 -22.04 -76.23 80.26
N MET D 289 -21.45 -75.26 79.56
CA MET D 289 -20.73 -75.52 78.30
C MET D 289 -19.22 -75.79 78.47
N GLU D 290 -18.70 -75.60 79.68
CA GLU D 290 -17.27 -75.78 79.95
C GLU D 290 -16.79 -77.21 79.70
N ALA D 291 -17.69 -78.19 79.88
CA ALA D 291 -17.39 -79.60 79.59
C ALA D 291 -17.16 -79.87 78.08
N ILE D 292 -17.54 -78.92 77.23
CA ILE D 292 -17.49 -79.11 75.79
C ILE D 292 -16.26 -78.42 75.18
N ALA D 293 -15.56 -77.61 75.97
CA ALA D 293 -14.40 -76.85 75.48
C ALA D 293 -13.24 -77.74 75.05
N PRO D 294 -12.74 -78.61 75.95
CA PRO D 294 -11.59 -79.44 75.58
C PRO D 294 -11.78 -80.25 74.28
N PRO D 295 -12.93 -80.95 74.11
CA PRO D 295 -13.11 -81.67 72.84
C PRO D 295 -13.18 -80.73 71.64
N LEU D 296 -13.97 -79.67 71.77
CA LEU D 296 -14.17 -78.72 70.68
C LEU D 296 -12.85 -78.07 70.29
N LEU D 297 -12.09 -77.65 71.30
CA LEU D 297 -10.80 -77.00 71.07
C LEU D 297 -9.87 -77.93 70.32
N GLN D 298 -9.97 -79.23 70.62
CA GLN D 298 -9.14 -80.22 69.94
C GLN D 298 -9.55 -80.32 68.46
N GLU D 299 -10.85 -80.35 68.21
CA GLU D 299 -11.35 -80.51 66.85
C GLU D 299 -11.06 -79.29 66.00
N LEU D 300 -11.37 -78.12 66.57
CA LEU D 300 -11.23 -76.86 65.84
C LEU D 300 -9.76 -76.50 65.64
N LYS D 301 -8.88 -76.99 66.52
CA LYS D 301 -7.44 -76.81 66.33
C LYS D 301 -6.98 -77.43 64.99
N LYS D 302 -7.62 -78.54 64.59
CA LYS D 302 -7.33 -79.19 63.29
C LYS D 302 -8.02 -78.46 62.15
N VAL D 303 -9.16 -77.87 62.44
CA VAL D 303 -9.95 -77.16 61.43
C VAL D 303 -9.30 -75.81 61.06
N ILE D 304 -9.17 -74.93 62.06
CA ILE D 304 -8.63 -73.59 61.83
C ILE D 304 -7.14 -73.58 62.14
N ARG D 305 -6.34 -74.11 61.22
CA ARG D 305 -4.87 -74.05 61.32
C ARG D 305 -4.47 -72.67 60.80
N GLU D 306 -3.37 -72.12 61.32
CA GLU D 306 -2.92 -70.76 60.98
C GLU D 306 -4.05 -69.71 61.09
N PRO D 307 -4.51 -69.42 62.32
CA PRO D 307 -5.59 -68.46 62.53
C PRO D 307 -5.25 -67.08 62.00
N LYS D 308 -6.14 -66.54 61.17
CA LYS D 308 -5.96 -65.21 60.60
C LYS D 308 -6.62 -64.18 61.51
N PRO D 309 -6.14 -62.92 61.47
CA PRO D 309 -6.55 -61.94 62.45
C PRO D 309 -7.90 -61.35 62.12
N ARG D 310 -8.67 -61.02 63.16
CA ARG D 310 -9.93 -60.31 62.97
C ARG D 310 -9.61 -58.85 62.63
N SER D 311 -10.35 -58.28 61.69
CA SER D 311 -10.14 -56.88 61.33
C SER D 311 -10.83 -55.98 62.35
N ALA D 312 -10.53 -54.68 62.28
CA ALA D 312 -11.14 -53.70 63.17
C ALA D 312 -12.63 -53.46 62.86
N ARG D 313 -13.11 -53.96 61.73
CA ARG D 313 -14.55 -53.88 61.38
C ARG D 313 -15.39 -54.80 62.27
N TRP D 314 -14.81 -55.91 62.71
CA TRP D 314 -15.54 -56.94 63.41
C TRP D 314 -15.46 -56.73 64.91
N LEU D 315 -16.55 -56.25 65.49
CA LEU D 315 -16.67 -56.10 66.95
C LEU D 315 -17.11 -57.41 67.58
N SER D 316 -16.34 -57.87 68.58
CA SER D 316 -16.63 -59.13 69.23
C SER D 316 -17.77 -58.99 70.21
N THR D 317 -18.61 -60.02 70.26
CA THR D 317 -19.64 -60.12 71.28
C THR D 317 -19.30 -61.19 72.33
N SER D 318 -18.20 -61.91 72.10
CA SER D 318 -17.74 -62.94 73.04
C SER D 318 -16.66 -62.44 74.00
N ILE D 319 -16.04 -61.30 73.66
CA ILE D 319 -14.93 -60.75 74.43
C ILE D 319 -15.23 -59.28 74.79
N PRO D 320 -15.22 -58.92 76.09
CA PRO D 320 -15.50 -57.51 76.41
C PRO D 320 -14.54 -56.52 75.74
N GLU D 321 -15.03 -55.32 75.48
CA GLU D 321 -14.25 -54.28 74.80
C GLU D 321 -12.87 -54.11 75.44
N ALA D 322 -12.85 -54.13 76.77
CA ALA D 322 -11.59 -54.14 77.53
C ALA D 322 -10.60 -55.17 77.00
N GLN D 323 -11.10 -56.33 76.54
CA GLN D 323 -10.22 -57.42 76.12
C GLN D 323 -10.07 -57.56 74.60
N TRP D 324 -10.47 -56.53 73.83
CA TRP D 324 -10.26 -56.57 72.37
C TRP D 324 -8.76 -56.51 72.09
N HIS D 325 -8.07 -55.56 72.70
CA HIS D 325 -6.62 -55.60 72.70
C HIS D 325 -6.14 -56.80 73.52
N SER D 326 -6.11 -57.97 72.89
CA SER D 326 -5.60 -59.19 73.54
C SER D 326 -5.27 -60.22 72.48
N SER D 327 -4.70 -61.36 72.89
CA SER D 327 -4.30 -62.40 71.93
C SER D 327 -5.48 -63.30 71.53
N LEU D 328 -6.37 -63.60 72.48
CA LEU D 328 -7.58 -64.35 72.17
C LEU D 328 -8.42 -63.58 71.13
N ALA D 329 -8.64 -62.30 71.40
CA ALA D 329 -9.38 -61.40 70.51
C ALA D 329 -8.66 -61.06 69.20
N ARG D 330 -7.34 -61.24 69.13
CA ARG D 330 -6.57 -60.85 67.94
C ARG D 330 -7.00 -61.63 66.67
N THR D 331 -7.32 -62.92 66.80
CA THR D 331 -7.72 -63.77 65.66
C THR D 331 -8.94 -64.62 65.93
N SER D 332 -9.55 -65.12 64.85
CA SER D 332 -10.68 -66.05 64.96
C SER D 332 -10.14 -67.47 65.12
N SER D 333 -9.48 -67.70 66.25
CA SER D 333 -8.84 -68.98 66.54
C SER D 333 -9.88 -70.02 66.92
N ALA D 334 -9.41 -71.27 67.03
CA ALA D 334 -10.18 -72.34 67.65
C ALA D 334 -10.49 -71.95 69.09
N GLU D 335 -9.56 -71.21 69.68
CA GLU D 335 -9.70 -70.67 71.03
C GLU D 335 -10.80 -69.62 71.10
N TYR D 336 -10.79 -68.67 70.16
CA TYR D 336 -11.82 -67.61 70.08
C TYR D 336 -13.21 -68.23 70.00
N ASN D 337 -13.32 -69.25 69.16
CA ASN D 337 -14.58 -69.95 68.92
C ASN D 337 -15.10 -70.72 70.15
N VAL D 338 -14.18 -71.33 70.90
CA VAL D 338 -14.55 -72.02 72.13
C VAL D 338 -14.96 -71.02 73.22
N ASN D 339 -14.26 -69.90 73.29
CA ASN D 339 -14.63 -68.83 74.22
C ASN D 339 -16.05 -68.33 73.95
N ASN D 340 -16.38 -68.18 72.68
CA ASN D 340 -17.71 -67.79 72.25
C ASN D 340 -18.79 -68.68 72.86
N LEU D 341 -18.57 -69.99 72.80
CA LEU D 341 -19.56 -71.00 73.21
C LEU D 341 -19.86 -70.94 74.70
N VAL D 342 -18.80 -70.66 75.47
CA VAL D 342 -18.82 -70.68 76.94
C VAL D 342 -19.16 -69.31 77.54
N SER D 343 -18.77 -68.24 76.86
CA SER D 343 -18.95 -66.86 77.36
C SER D 343 -20.32 -66.30 77.01
N PRO D 344 -20.79 -65.31 77.80
CA PRO D 344 -22.01 -64.62 77.42
C PRO D 344 -21.93 -63.87 76.10
N VAL D 345 -23.10 -63.56 75.55
CA VAL D 345 -23.23 -62.85 74.31
C VAL D 345 -23.39 -61.35 74.62
N LEU D 346 -22.29 -60.60 74.47
CA LEU D 346 -22.26 -59.16 74.74
C LEU D 346 -22.71 -58.39 73.49
N PHE D 347 -23.98 -58.51 73.16
CA PHE D 347 -24.53 -57.98 71.93
C PHE D 347 -24.79 -56.50 72.06
N GLN D 348 -25.62 -56.12 73.03
CA GLN D 348 -25.98 -54.72 73.23
C GLN D 348 -24.74 -53.81 73.24
N GLU D 349 -23.69 -54.28 73.89
CA GLU D 349 -22.46 -53.52 74.04
C GLU D 349 -21.79 -53.28 72.70
N ALA D 350 -21.88 -54.26 71.81
CA ALA D 350 -21.33 -54.11 70.46
C ALA D 350 -22.16 -53.11 69.66
N LEU D 351 -23.48 -53.20 69.78
CA LEU D 351 -24.41 -52.28 69.10
C LEU D 351 -24.19 -50.83 69.48
N TRP D 352 -23.77 -50.59 70.73
CA TRP D 352 -23.46 -49.23 71.17
C TRP D 352 -22.53 -48.52 70.17
N HIS D 353 -21.62 -49.29 69.57
CA HIS D 353 -20.62 -48.75 68.64
C HIS D 353 -21.12 -48.43 67.24
N VAL D 354 -22.27 -48.96 66.85
CA VAL D 354 -22.80 -48.72 65.51
C VAL D 354 -23.16 -47.24 65.33
N PRO D 355 -22.56 -46.58 64.33
CA PRO D 355 -22.71 -45.14 64.14
C PRO D 355 -24.12 -44.69 63.74
N GLU D 356 -24.28 -43.36 63.66
CA GLU D 356 -25.59 -42.71 63.64
C GLU D 356 -26.46 -43.04 62.43
N HIS D 357 -25.90 -43.10 61.24
CA HIS D 357 -26.72 -43.30 60.05
C HIS D 357 -26.53 -44.68 59.41
N ALA D 358 -26.25 -45.68 60.22
CA ALA D 358 -25.88 -46.98 59.66
C ALA D 358 -27.04 -47.63 58.89
N VAL D 359 -26.67 -48.41 57.87
CA VAL D 359 -27.61 -49.32 57.23
C VAL D 359 -27.20 -50.71 57.67
N VAL D 360 -28.14 -51.40 58.30
CA VAL D 360 -27.85 -52.62 59.02
C VAL D 360 -28.61 -53.79 58.41
N LEU D 361 -27.88 -54.81 57.98
CA LEU D 361 -28.50 -55.98 57.36
C LEU D 361 -28.46 -57.15 58.32
N GLU D 362 -29.62 -57.71 58.65
CA GLU D 362 -29.62 -58.91 59.47
C GLU D 362 -29.37 -60.13 58.60
N ILE D 363 -28.28 -60.82 58.87
CA ILE D 363 -27.87 -61.95 58.07
C ILE D 363 -28.24 -63.21 58.84
N ALA D 364 -29.35 -63.82 58.45
CA ALA D 364 -29.98 -64.91 59.18
C ALA D 364 -31.09 -65.51 58.33
N PRO D 365 -31.33 -66.84 58.49
CA PRO D 365 -32.43 -67.48 57.78
C PRO D 365 -33.77 -66.97 58.23
N HIS D 366 -33.83 -66.37 59.41
CA HIS D 366 -35.00 -65.62 59.86
C HIS D 366 -34.52 -64.45 60.70
N ALA D 367 -34.99 -63.24 60.35
CA ALA D 367 -34.46 -62.01 60.93
C ALA D 367 -35.03 -61.81 62.36
N LEU D 368 -34.51 -62.62 63.29
CA LEU D 368 -35.04 -62.72 64.65
C LEU D 368 -34.67 -61.50 65.51
N LEU D 369 -33.53 -60.87 65.23
CA LEU D 369 -33.08 -59.72 66.01
C LEU D 369 -33.66 -58.38 65.59
N GLN D 370 -34.53 -58.36 64.58
CA GLN D 370 -35.07 -57.10 64.07
C GLN D 370 -35.54 -56.22 65.23
N ALA D 371 -36.37 -56.79 66.10
CA ALA D 371 -36.97 -56.05 67.21
C ALA D 371 -35.90 -55.56 68.18
N VAL D 372 -35.02 -56.47 68.59
CA VAL D 372 -33.89 -56.10 69.46
C VAL D 372 -33.03 -54.99 68.85
N LEU D 373 -32.79 -55.07 67.54
CA LEU D 373 -31.98 -54.08 66.83
C LEU D 373 -32.64 -52.70 66.76
N LYS D 374 -33.95 -52.65 66.50
CA LYS D 374 -34.69 -51.38 66.48
C LYS D 374 -34.55 -50.67 67.82
N ARG D 375 -34.68 -51.42 68.91
CA ARG D 375 -34.50 -50.88 70.28
C ARG D 375 -33.04 -50.51 70.58
N GLY D 376 -32.10 -51.32 70.11
CA GLY D 376 -30.69 -51.17 70.46
C GLY D 376 -29.86 -50.21 69.62
N LEU D 377 -30.38 -49.77 68.48
CA LEU D 377 -29.63 -48.95 67.53
C LEU D 377 -30.22 -47.56 67.46
N LYS D 378 -29.35 -46.55 67.36
CA LYS D 378 -29.84 -45.17 67.27
C LYS D 378 -30.89 -45.04 66.15
N PRO D 379 -31.98 -44.29 66.40
CA PRO D 379 -33.15 -44.28 65.50
C PRO D 379 -32.91 -43.85 64.04
N SER D 380 -31.75 -43.25 63.75
CA SER D 380 -31.40 -42.81 62.40
C SER D 380 -30.94 -43.98 61.54
N CYS D 381 -30.79 -45.15 62.16
CA CYS D 381 -30.36 -46.35 61.47
C CYS D 381 -31.49 -46.98 60.68
N THR D 382 -31.15 -47.58 59.55
CA THR D 382 -32.09 -48.38 58.77
C THR D 382 -31.73 -49.83 59.01
N ILE D 383 -32.72 -50.63 59.37
CA ILE D 383 -32.53 -52.04 59.64
C ILE D 383 -33.25 -52.84 58.57
N ILE D 384 -32.51 -53.70 57.88
CA ILE D 384 -33.07 -54.44 56.76
C ILE D 384 -32.90 -55.92 57.06
N PRO D 385 -34.01 -56.67 57.09
CA PRO D 385 -33.99 -58.12 57.17
C PRO D 385 -33.89 -58.70 55.78
N LEU D 386 -33.34 -59.91 55.68
CA LEU D 386 -33.08 -60.55 54.41
C LEU D 386 -33.91 -61.83 54.17
N MET D 387 -34.27 -62.54 55.24
CA MET D 387 -35.19 -63.68 55.14
C MET D 387 -36.21 -63.65 56.27
N LYS D 388 -37.34 -64.32 56.05
CA LYS D 388 -38.43 -64.39 57.02
C LYS D 388 -38.92 -65.83 57.15
N LYS D 389 -39.10 -66.27 58.40
CA LYS D 389 -39.63 -67.59 58.73
C LYS D 389 -40.92 -67.82 57.97
N ASP D 390 -40.97 -68.94 57.24
CA ASP D 390 -42.18 -69.41 56.55
C ASP D 390 -42.76 -68.43 55.52
N HIS D 391 -41.95 -67.48 55.05
CA HIS D 391 -42.40 -66.53 54.02
C HIS D 391 -42.80 -67.30 52.75
N ARG D 392 -43.85 -66.84 52.08
CA ARG D 392 -44.31 -67.45 50.82
C ARG D 392 -43.19 -67.55 49.79
N ASP D 393 -42.31 -66.55 49.78
CA ASP D 393 -41.26 -66.41 48.78
C ASP D 393 -40.14 -65.52 49.30
N ASN D 394 -39.10 -66.14 49.84
CA ASN D 394 -37.99 -65.37 50.41
C ASN D 394 -37.08 -64.74 49.35
N LEU D 395 -37.20 -65.13 48.09
CA LEU D 395 -36.46 -64.44 47.04
C LEU D 395 -37.08 -63.08 46.83
N GLU D 396 -38.41 -63.00 46.86
CA GLU D 396 -39.10 -61.72 46.81
C GLU D 396 -38.70 -60.87 48.01
N PHE D 397 -38.68 -61.50 49.17
CA PHE D 397 -38.36 -60.79 50.39
C PHE D 397 -36.90 -60.30 50.40
N PHE D 398 -35.99 -61.17 49.99
CA PHE D 398 -34.57 -60.79 49.91
C PHE D 398 -34.38 -59.62 48.95
N LEU D 399 -35.00 -59.71 47.78
CA LEU D 399 -34.90 -58.65 46.77
C LEU D 399 -35.53 -57.34 47.23
N ALA D 400 -36.65 -57.42 47.93
CA ALA D 400 -37.23 -56.23 48.53
C ALA D 400 -36.21 -55.55 49.45
N GLY D 401 -35.45 -56.35 50.18
CA GLY D 401 -34.43 -55.84 51.08
C GLY D 401 -33.30 -55.17 50.32
N ILE D 402 -32.83 -55.84 49.27
CA ILE D 402 -31.82 -55.24 48.40
C ILE D 402 -32.37 -53.95 47.80
N GLY D 403 -33.64 -53.93 47.43
CA GLY D 403 -34.24 -52.71 46.96
C GLY D 403 -34.11 -51.58 48.00
N ARG D 404 -34.27 -51.90 49.28
CA ARG D 404 -34.17 -50.89 50.33
C ARG D 404 -32.76 -50.35 50.51
N LEU D 405 -31.75 -51.16 50.16
CA LEU D 405 -30.38 -50.67 50.13
C LEU D 405 -30.24 -49.50 49.15
N HIS D 406 -30.85 -49.67 47.98
CA HIS D 406 -30.91 -48.59 47.00
C HIS D 406 -31.54 -47.36 47.64
N LEU D 407 -32.73 -47.53 48.18
CA LEU D 407 -33.46 -46.41 48.79
C LEU D 407 -32.69 -45.70 49.90
N SER D 408 -31.80 -46.41 50.56
CA SER D 408 -31.03 -45.82 51.64
C SER D 408 -29.64 -45.36 51.16
N GLY D 409 -29.41 -45.35 49.85
CA GLY D 409 -28.22 -44.74 49.30
C GLY D 409 -27.08 -45.68 49.00
N ILE D 410 -27.27 -46.99 49.19
CA ILE D 410 -26.19 -47.97 48.94
C ILE D 410 -26.29 -48.48 47.51
N ASP D 411 -25.16 -48.62 46.83
CA ASP D 411 -25.17 -49.12 45.46
C ASP D 411 -25.07 -50.63 45.49
N ALA D 412 -26.18 -51.30 45.20
CA ALA D 412 -26.22 -52.76 45.11
C ALA D 412 -27.02 -53.16 43.87
N ASN D 413 -26.30 -53.52 42.81
CA ASN D 413 -26.91 -53.85 41.54
C ASN D 413 -27.30 -55.31 41.47
N PRO D 414 -28.61 -55.59 41.46
CA PRO D 414 -29.08 -56.97 41.44
C PRO D 414 -28.77 -57.78 40.18
N ASN D 415 -28.31 -57.11 39.12
CA ASN D 415 -27.95 -57.84 37.90
C ASN D 415 -26.99 -58.96 38.22
N ALA D 416 -26.09 -58.71 39.17
CA ALA D 416 -25.08 -59.71 39.56
C ALA D 416 -25.71 -61.02 40.04
N LEU D 417 -26.85 -60.92 40.72
CA LEU D 417 -27.50 -62.11 41.28
C LEU D 417 -28.04 -63.08 40.23
N PHE D 418 -28.22 -62.58 39.02
CA PHE D 418 -28.91 -63.34 38.00
C PHE D 418 -28.03 -63.69 36.79
N PRO D 419 -28.40 -64.73 36.06
CA PRO D 419 -27.69 -65.00 34.80
C PRO D 419 -27.60 -63.77 33.88
N PRO D 420 -26.47 -63.63 33.18
CA PRO D 420 -26.21 -62.48 32.33
C PRO D 420 -27.07 -62.47 31.09
N VAL D 421 -27.09 -61.36 30.37
CA VAL D 421 -27.81 -61.31 29.12
C VAL D 421 -26.89 -61.70 27.93
N GLU D 422 -26.15 -62.80 28.10
CA GLU D 422 -25.25 -63.36 27.07
C GLU D 422 -26.01 -64.07 25.94
C6P COA E . 47.03 71.03 -63.58
C5P COA E . 48.41 71.05 -62.94
O5P COA E . 49.42 71.09 -63.67
N4P COA E . 48.53 71.03 -61.60
C3P COA E . 48.68 69.80 -60.82
C2P COA E . 49.87 68.93 -61.22
S1P COA E . 51.46 69.64 -60.70
C7P COA F . -3.83 25.02 -6.38
C6P COA F . -5.05 24.13 -6.22
C5P COA F . -5.73 23.98 -7.57
O5P COA F . -6.65 24.75 -7.81
N4P COA F . -5.23 23.06 -8.41
C3P COA F . -5.73 22.74 -9.75
C2P COA F . -6.10 21.26 -9.89
S1P COA F . -4.71 20.16 -10.35
N8P COA G . -12.86 -25.37 -4.93
C7P COA G . -13.29 -26.72 -4.67
C6P COA G . -14.80 -26.77 -4.45
C5P COA G . -15.40 -25.48 -4.94
O5P COA G . -15.90 -25.49 -6.07
N4P COA G . -15.32 -24.43 -4.11
C3P COA G . -16.43 -23.50 -3.87
C2P COA G . -16.07 -22.08 -4.31
S1P COA G . -16.10 -20.87 -2.96
CAP COA H . -42.57 -67.08 67.83
C9P COA H . -42.03 -68.06 68.86
O9P COA H . -41.65 -69.36 68.51
N8P COA H . -41.91 -67.62 70.11
C7P COA H . -40.69 -67.87 70.85
C6P COA H . -40.49 -69.35 71.20
C5P COA H . -39.10 -69.86 70.81
O5P COA H . -38.40 -70.43 71.65
N4P COA H . -38.67 -69.63 69.58
C3P COA H . -37.26 -69.57 69.26
C2P COA H . -36.57 -68.36 69.91
S1P COA H . -35.23 -68.92 70.99
#